data_9JUI
# 
_entry.id   9JUI 
# 
_audit_conform.dict_name       mmcif_pdbx.dic 
_audit_conform.dict_version    5.406 
_audit_conform.dict_location   http://mmcif.pdb.org/dictionaries/ascii/mmcif_pdbx.dic 
# 
loop_
_database_2.database_id 
_database_2.database_code 
_database_2.pdbx_database_accession 
_database_2.pdbx_DOI 
PDB   9JUI         pdb_00009jui 10.2210/pdb9jui/pdb 
WWPDB D_1300052248 ?            ?                   
# 
loop_
_pdbx_audit_revision_history.ordinal 
_pdbx_audit_revision_history.data_content_type 
_pdbx_audit_revision_history.major_revision 
_pdbx_audit_revision_history.minor_revision 
_pdbx_audit_revision_history.revision_date 
_pdbx_audit_revision_history.part_number 
1 'Structure model' 1 0 2025-10-15 ? 
2 'Structure model' 1 1 2025-11-05 ? 
# 
_pdbx_audit_revision_details.ordinal             1 
_pdbx_audit_revision_details.revision_ordinal    1 
_pdbx_audit_revision_details.data_content_type   'Structure model' 
_pdbx_audit_revision_details.provider            repository 
_pdbx_audit_revision_details.type                'Initial release' 
_pdbx_audit_revision_details.description         ? 
_pdbx_audit_revision_details.details             ? 
# 
_pdbx_audit_revision_group.ordinal             1 
_pdbx_audit_revision_group.revision_ordinal    2 
_pdbx_audit_revision_group.data_content_type   'Structure model' 
_pdbx_audit_revision_group.group               'Database references' 
# 
loop_
_pdbx_audit_revision_category.ordinal 
_pdbx_audit_revision_category.revision_ordinal 
_pdbx_audit_revision_category.data_content_type 
_pdbx_audit_revision_category.category 
1 2 'Structure model' citation        
2 2 'Structure model' citation_author 
# 
loop_
_pdbx_audit_revision_item.ordinal 
_pdbx_audit_revision_item.revision_ordinal 
_pdbx_audit_revision_item.data_content_type 
_pdbx_audit_revision_item.item 
1  2 'Structure model' '_citation.country'                 
2  2 'Structure model' '_citation.journal_abbrev'          
3  2 'Structure model' '_citation.journal_id_ASTM'         
4  2 'Structure model' '_citation.journal_id_CSD'          
5  2 'Structure model' '_citation.journal_id_ISSN'         
6  2 'Structure model' '_citation.journal_volume'          
7  2 'Structure model' '_citation.page_first'              
8  2 'Structure model' '_citation.page_last'               
9  2 'Structure model' '_citation.pdbx_database_id_DOI'    
10 2 'Structure model' '_citation.pdbx_database_id_PubMed' 
11 2 'Structure model' '_citation.title'                   
12 2 'Structure model' '_citation.year'                    
13 2 'Structure model' '_citation_author.identifier_ORCID' 
# 
_pdbx_database_status.status_code                     REL 
_pdbx_database_status.status_code_sf                  REL 
_pdbx_database_status.status_code_mr                  ? 
_pdbx_database_status.entry_id                        9JUI 
_pdbx_database_status.recvd_initial_deposition_date   2024-10-08 
_pdbx_database_status.SG_entry                        N 
_pdbx_database_status.deposit_site                    PDBJ 
_pdbx_database_status.process_site                    PDBJ 
_pdbx_database_status.status_code_cs                  ? 
_pdbx_database_status.status_code_nmr_data            ? 
_pdbx_database_status.methods_development_category    ? 
_pdbx_database_status.pdb_format_compatible           Y 
# 
_pdbx_contact_author.id                 2 
_pdbx_contact_author.email              changwook@unist.ac.kr 
_pdbx_contact_author.name_first         Changwook 
_pdbx_contact_author.name_last          Lee 
_pdbx_contact_author.name_mi            ? 
_pdbx_contact_author.role               'principal investigator/group leader' 
_pdbx_contact_author.identifier_ORCID   0000-0002-3016-9478 
# 
loop_
_audit_author.name 
_audit_author.pdbx_ordinal 
_audit_author.identifier_ORCID 
'Kim, D.' 1 ? 
'Lee, C.' 2 ? 
# 
_citation.abstract                  ? 
_citation.abstract_id_CAS           ? 
_citation.book_id_ISBN              ? 
_citation.book_publisher            ? 
_citation.book_publisher_city       ? 
_citation.book_title                ? 
_citation.coordinate_linkage        ? 
_citation.country                   US 
_citation.database_id_Medline       ? 
_citation.details                   ? 
_citation.id                        primary 
_citation.journal_abbrev            Proc.Natl.Acad.Sci.USA 
_citation.journal_id_ASTM           PNASA6 
_citation.journal_id_CSD            0040 
_citation.journal_id_ISSN           1091-6490 
_citation.journal_full              ? 
_citation.journal_issue             ? 
_citation.journal_volume            122 
_citation.language                  ? 
_citation.page_first                e2516849122 
_citation.page_last                 e2516849122 
_citation.title                     'Nir2 crystal structures reveal a phosphatidic acid-sensing mechanism at ER-PM contact sites.' 
_citation.year                      2025 
_citation.database_id_CSD           ? 
_citation.pdbx_database_id_DOI      10.1073/pnas.2516849122 
_citation.pdbx_database_id_PubMed   41129229 
_citation.pdbx_database_id_patent   ? 
_citation.unpublished_flag          ? 
# 
loop_
_citation_author.citation_id 
_citation_author.name 
_citation_author.ordinal 
_citation_author.identifier_ORCID 
primary 'Kim, D.' 1 0009-0004-1349-8853 
primary 'Lee, S.' 2 ?                   
primary 'Jun, Y.' 3 0000-0002-2387-032X 
primary 'Lee, C.' 4 0000-0002-3016-9478 
# 
loop_
_entity.id 
_entity.type 
_entity.src_method 
_entity.pdbx_description 
_entity.formula_weight 
_entity.pdbx_number_of_molecules 
_entity.pdbx_ec 
_entity.pdbx_mutation 
_entity.pdbx_fragment 
_entity.details 
1 polymer     man 'Vesicle-associated membrane protein-associated protein B' 14637.852 1  ? ? 'MSP domain' ? 
2 polymer     syn 'Nir2 FFAT motif'                                          1240.208  1  ? ? ?            ? 
3 non-polymer syn 'ZINC ION'                                                 65.409    3  ? ? ?            ? 
4 water       nat water                                                      18.015    61 ? ? ?            ? 
# 
loop_
_entity_name_com.entity_id 
_entity_name_com.name 
1 'VAMP-B,VAMP-associated protein B,VAP-B,VAMP-associated protein 33b' 
2 
;Drosophila retinal degeneration B homolog 1,RdgB1,Mpt-1,Phosphatidylinositol transfer protein,membrane-associated 1,PITPnm 1,Pyk2 N-terminal domain-interacting receptor 2,NIR-2
;
# 
loop_
_entity_poly.entity_id 
_entity_poly.type 
_entity_poly.nstd_linkage 
_entity_poly.nstd_monomer 
_entity_poly.pdbx_seq_one_letter_code 
_entity_poly.pdbx_seq_one_letter_code_can 
_entity_poly.pdbx_strand_id 
_entity_poly.pdbx_target_identifier 
1 'polypeptide(L)' no no 
;GPLGSMAKVEQVLSLEPQHELKFRGPFTDVVTTNLKLGNPTDRNVCFKVKTTVPRRYCVRPNSGVIDAGASLNVSVMLQP
FDYDPNEKSKHKFMVQSMFAPPDTSDMEAVWKEAKPEDLMDSKLRCVFEL
;
;GPLGSMAKVEQVLSLEPQHELKFRGPFTDVVTTNLKLGNPTDRNVCFKVKTTVPRRYCVRPNSGVIDAGASLNVSVMLQP
FDYDPNEKSKHKFMVQSMFAPPDTSDMEAVWKEAKPEDLMDSKLRCVFEL
;
A ? 
2 'polypeptide(L)' no no SEEEFFDAHE SEEEFFDAHE B ? 
# 
loop_
_pdbx_entity_nonpoly.entity_id 
_pdbx_entity_nonpoly.name 
_pdbx_entity_nonpoly.comp_id 
3 'ZINC ION' ZN  
4 water      HOH 
# 
loop_
_entity_poly_seq.entity_id 
_entity_poly_seq.num 
_entity_poly_seq.mon_id 
_entity_poly_seq.hetero 
1 1   GLY n 
1 2   PRO n 
1 3   LEU n 
1 4   GLY n 
1 5   SER n 
1 6   MET n 
1 7   ALA n 
1 8   LYS n 
1 9   VAL n 
1 10  GLU n 
1 11  GLN n 
1 12  VAL n 
1 13  LEU n 
1 14  SER n 
1 15  LEU n 
1 16  GLU n 
1 17  PRO n 
1 18  GLN n 
1 19  HIS n 
1 20  GLU n 
1 21  LEU n 
1 22  LYS n 
1 23  PHE n 
1 24  ARG n 
1 25  GLY n 
1 26  PRO n 
1 27  PHE n 
1 28  THR n 
1 29  ASP n 
1 30  VAL n 
1 31  VAL n 
1 32  THR n 
1 33  THR n 
1 34  ASN n 
1 35  LEU n 
1 36  LYS n 
1 37  LEU n 
1 38  GLY n 
1 39  ASN n 
1 40  PRO n 
1 41  THR n 
1 42  ASP n 
1 43  ARG n 
1 44  ASN n 
1 45  VAL n 
1 46  CYS n 
1 47  PHE n 
1 48  LYS n 
1 49  VAL n 
1 50  LYS n 
1 51  THR n 
1 52  THR n 
1 53  VAL n 
1 54  PRO n 
1 55  ARG n 
1 56  ARG n 
1 57  TYR n 
1 58  CYS n 
1 59  VAL n 
1 60  ARG n 
1 61  PRO n 
1 62  ASN n 
1 63  SER n 
1 64  GLY n 
1 65  VAL n 
1 66  ILE n 
1 67  ASP n 
1 68  ALA n 
1 69  GLY n 
1 70  ALA n 
1 71  SER n 
1 72  LEU n 
1 73  ASN n 
1 74  VAL n 
1 75  SER n 
1 76  VAL n 
1 77  MET n 
1 78  LEU n 
1 79  GLN n 
1 80  PRO n 
1 81  PHE n 
1 82  ASP n 
1 83  TYR n 
1 84  ASP n 
1 85  PRO n 
1 86  ASN n 
1 87  GLU n 
1 88  LYS n 
1 89  SER n 
1 90  LYS n 
1 91  HIS n 
1 92  LYS n 
1 93  PHE n 
1 94  MET n 
1 95  VAL n 
1 96  GLN n 
1 97  SER n 
1 98  MET n 
1 99  PHE n 
1 100 ALA n 
1 101 PRO n 
1 102 PRO n 
1 103 ASP n 
1 104 THR n 
1 105 SER n 
1 106 ASP n 
1 107 MET n 
1 108 GLU n 
1 109 ALA n 
1 110 VAL n 
1 111 TRP n 
1 112 LYS n 
1 113 GLU n 
1 114 ALA n 
1 115 LYS n 
1 116 PRO n 
1 117 GLU n 
1 118 ASP n 
1 119 LEU n 
1 120 MET n 
1 121 ASP n 
1 122 SER n 
1 123 LYS n 
1 124 LEU n 
1 125 ARG n 
1 126 CYS n 
1 127 VAL n 
1 128 PHE n 
1 129 GLU n 
1 130 LEU n 
2 1   SER n 
2 2   GLU n 
2 3   GLU n 
2 4   GLU n 
2 5   PHE n 
2 6   PHE n 
2 7   ASP n 
2 8   ALA n 
2 9   HIS n 
2 10  GLU n 
# 
_entity_src_gen.entity_id                          1 
_entity_src_gen.pdbx_src_id                        1 
_entity_src_gen.pdbx_alt_source_flag               sample 
_entity_src_gen.pdbx_seq_type                      'Biological sequence' 
_entity_src_gen.pdbx_beg_seq_num                   1 
_entity_src_gen.pdbx_end_seq_num                   130 
_entity_src_gen.gene_src_common_name               'house mouse' 
_entity_src_gen.gene_src_genus                     ? 
_entity_src_gen.pdbx_gene_src_gene                 Vapb 
_entity_src_gen.gene_src_species                   ? 
_entity_src_gen.gene_src_strain                    ? 
_entity_src_gen.gene_src_tissue                    ? 
_entity_src_gen.gene_src_tissue_fraction           ? 
_entity_src_gen.gene_src_details                   ? 
_entity_src_gen.pdbx_gene_src_fragment             ? 
_entity_src_gen.pdbx_gene_src_scientific_name      'Mus musculus' 
_entity_src_gen.pdbx_gene_src_ncbi_taxonomy_id     10090 
_entity_src_gen.pdbx_gene_src_variant              ? 
_entity_src_gen.pdbx_gene_src_cell_line            ? 
_entity_src_gen.pdbx_gene_src_atcc                 ? 
_entity_src_gen.pdbx_gene_src_organ                ? 
_entity_src_gen.pdbx_gene_src_organelle            ? 
_entity_src_gen.pdbx_gene_src_cell                 ? 
_entity_src_gen.pdbx_gene_src_cellular_location    ? 
_entity_src_gen.host_org_common_name               ? 
_entity_src_gen.pdbx_host_org_scientific_name      'Escherichia coli' 
_entity_src_gen.pdbx_host_org_ncbi_taxonomy_id     562 
_entity_src_gen.host_org_genus                     ? 
_entity_src_gen.pdbx_host_org_gene                 ? 
_entity_src_gen.pdbx_host_org_organ                ? 
_entity_src_gen.host_org_species                   ? 
_entity_src_gen.pdbx_host_org_tissue               ? 
_entity_src_gen.pdbx_host_org_tissue_fraction      ? 
_entity_src_gen.pdbx_host_org_strain               ? 
_entity_src_gen.pdbx_host_org_variant              ? 
_entity_src_gen.pdbx_host_org_cell_line            ? 
_entity_src_gen.pdbx_host_org_atcc                 ? 
_entity_src_gen.pdbx_host_org_culture_collection   ? 
_entity_src_gen.pdbx_host_org_cell                 ? 
_entity_src_gen.pdbx_host_org_organelle            ? 
_entity_src_gen.pdbx_host_org_cellular_location    ? 
_entity_src_gen.pdbx_host_org_vector_type          ? 
_entity_src_gen.pdbx_host_org_vector               ? 
_entity_src_gen.host_org_details                   ? 
_entity_src_gen.expression_system_id               ? 
_entity_src_gen.plasmid_name                       ? 
_entity_src_gen.plasmid_details                    ? 
_entity_src_gen.pdbx_description                   ? 
# 
_pdbx_entity_src_syn.entity_id              2 
_pdbx_entity_src_syn.pdbx_src_id            1 
_pdbx_entity_src_syn.pdbx_alt_source_flag   sample 
_pdbx_entity_src_syn.pdbx_beg_seq_num       1 
_pdbx_entity_src_syn.pdbx_end_seq_num       10 
_pdbx_entity_src_syn.organism_scientific    'Mus musculus' 
_pdbx_entity_src_syn.organism_common_name   'house mouse' 
_pdbx_entity_src_syn.ncbi_taxonomy_id       10090 
_pdbx_entity_src_syn.details                ? 
# 
loop_
_chem_comp.id 
_chem_comp.type 
_chem_comp.mon_nstd_flag 
_chem_comp.name 
_chem_comp.pdbx_synonyms 
_chem_comp.formula 
_chem_comp.formula_weight 
ALA 'L-peptide linking' y ALANINE         ? 'C3 H7 N O2'     89.093  
ARG 'L-peptide linking' y ARGININE        ? 'C6 H15 N4 O2 1' 175.209 
ASN 'L-peptide linking' y ASPARAGINE      ? 'C4 H8 N2 O3'    132.118 
ASP 'L-peptide linking' y 'ASPARTIC ACID' ? 'C4 H7 N O4'     133.103 
CYS 'L-peptide linking' y CYSTEINE        ? 'C3 H7 N O2 S'   121.158 
GLN 'L-peptide linking' y GLUTAMINE       ? 'C5 H10 N2 O3'   146.144 
GLU 'L-peptide linking' y 'GLUTAMIC ACID' ? 'C5 H9 N O4'     147.129 
GLY 'peptide linking'   y GLYCINE         ? 'C2 H5 N O2'     75.067  
HIS 'L-peptide linking' y HISTIDINE       ? 'C6 H10 N3 O2 1' 156.162 
HOH non-polymer         . WATER           ? 'H2 O'           18.015  
ILE 'L-peptide linking' y ISOLEUCINE      ? 'C6 H13 N O2'    131.173 
LEU 'L-peptide linking' y LEUCINE         ? 'C6 H13 N O2'    131.173 
LYS 'L-peptide linking' y LYSINE          ? 'C6 H15 N2 O2 1' 147.195 
MET 'L-peptide linking' y METHIONINE      ? 'C5 H11 N O2 S'  149.211 
PHE 'L-peptide linking' y PHENYLALANINE   ? 'C9 H11 N O2'    165.189 
PRO 'L-peptide linking' y PROLINE         ? 'C5 H9 N O2'     115.130 
SER 'L-peptide linking' y SERINE          ? 'C3 H7 N O3'     105.093 
THR 'L-peptide linking' y THREONINE       ? 'C4 H9 N O3'     119.119 
TRP 'L-peptide linking' y TRYPTOPHAN      ? 'C11 H12 N2 O2'  204.225 
TYR 'L-peptide linking' y TYROSINE        ? 'C9 H11 N O3'    181.189 
VAL 'L-peptide linking' y VALINE          ? 'C5 H11 N O2'    117.146 
ZN  non-polymer         . 'ZINC ION'      ? 'Zn 2'           65.409  
# 
loop_
_pdbx_poly_seq_scheme.asym_id 
_pdbx_poly_seq_scheme.entity_id 
_pdbx_poly_seq_scheme.seq_id 
_pdbx_poly_seq_scheme.mon_id 
_pdbx_poly_seq_scheme.ndb_seq_num 
_pdbx_poly_seq_scheme.pdb_seq_num 
_pdbx_poly_seq_scheme.auth_seq_num 
_pdbx_poly_seq_scheme.pdb_mon_id 
_pdbx_poly_seq_scheme.auth_mon_id 
_pdbx_poly_seq_scheme.pdb_strand_id 
_pdbx_poly_seq_scheme.pdb_ins_code 
_pdbx_poly_seq_scheme.hetero 
A 1 1   GLY 1   -4  ?   ?   ?   A . n 
A 1 2   PRO 2   -3  ?   ?   ?   A . n 
A 1 3   LEU 3   -2  ?   ?   ?   A . n 
A 1 4   GLY 4   -1  ?   ?   ?   A . n 
A 1 5   SER 5   0   ?   ?   ?   A . n 
A 1 6   MET 6   1   1   MET MET A . n 
A 1 7   ALA 7   2   2   ALA ALA A . n 
A 1 8   LYS 8   3   3   LYS LYS A . n 
A 1 9   VAL 9   4   4   VAL VAL A . n 
A 1 10  GLU 10  5   5   GLU GLU A . n 
A 1 11  GLN 11  6   6   GLN GLN A . n 
A 1 12  VAL 12  7   7   VAL VAL A . n 
A 1 13  LEU 13  8   8   LEU LEU A . n 
A 1 14  SER 14  9   9   SER SER A . n 
A 1 15  LEU 15  10  10  LEU LEU A . n 
A 1 16  GLU 16  11  11  GLU GLU A . n 
A 1 17  PRO 17  12  12  PRO PRO A . n 
A 1 18  GLN 18  13  13  GLN GLN A . n 
A 1 19  HIS 19  14  14  HIS HIS A . n 
A 1 20  GLU 20  15  15  GLU GLU A . n 
A 1 21  LEU 21  16  16  LEU LEU A . n 
A 1 22  LYS 22  17  17  LYS LYS A . n 
A 1 23  PHE 23  18  18  PHE PHE A . n 
A 1 24  ARG 24  19  19  ARG ARG A . n 
A 1 25  GLY 25  20  20  GLY GLY A . n 
A 1 26  PRO 26  21  21  PRO PRO A . n 
A 1 27  PHE 27  22  22  PHE PHE A . n 
A 1 28  THR 28  23  23  THR THR A . n 
A 1 29  ASP 29  24  24  ASP ASP A . n 
A 1 30  VAL 30  25  25  VAL VAL A . n 
A 1 31  VAL 31  26  26  VAL VAL A . n 
A 1 32  THR 32  27  27  THR THR A . n 
A 1 33  THR 33  28  28  THR THR A . n 
A 1 34  ASN 34  29  29  ASN ASN A . n 
A 1 35  LEU 35  30  30  LEU LEU A . n 
A 1 36  LYS 36  31  31  LYS LYS A . n 
A 1 37  LEU 37  32  32  LEU LEU A . n 
A 1 38  GLY 38  33  33  GLY GLY A . n 
A 1 39  ASN 39  34  34  ASN ASN A . n 
A 1 40  PRO 40  35  35  PRO PRO A . n 
A 1 41  THR 41  36  36  THR THR A . n 
A 1 42  ASP 42  37  37  ASP ASP A . n 
A 1 43  ARG 43  38  38  ARG ARG A . n 
A 1 44  ASN 44  39  39  ASN ASN A . n 
A 1 45  VAL 45  40  40  VAL VAL A . n 
A 1 46  CYS 46  41  41  CYS CYS A . n 
A 1 47  PHE 47  42  42  PHE PHE A . n 
A 1 48  LYS 48  43  43  LYS LYS A . n 
A 1 49  VAL 49  44  44  VAL VAL A . n 
A 1 50  LYS 50  45  45  LYS LYS A . n 
A 1 51  THR 51  46  46  THR THR A . n 
A 1 52  THR 52  47  47  THR THR A . n 
A 1 53  VAL 53  48  48  VAL VAL A . n 
A 1 54  PRO 54  49  49  PRO PRO A . n 
A 1 55  ARG 55  50  50  ARG ARG A . n 
A 1 56  ARG 56  51  51  ARG ARG A . n 
A 1 57  TYR 57  52  52  TYR TYR A . n 
A 1 58  CYS 58  53  53  CYS CYS A . n 
A 1 59  VAL 59  54  54  VAL VAL A . n 
A 1 60  ARG 60  55  55  ARG ARG A . n 
A 1 61  PRO 61  56  56  PRO PRO A . n 
A 1 62  ASN 62  57  57  ASN ASN A . n 
A 1 63  SER 63  58  58  SER SER A . n 
A 1 64  GLY 64  59  59  GLY GLY A . n 
A 1 65  VAL 65  60  60  VAL VAL A . n 
A 1 66  ILE 66  61  61  ILE ILE A . n 
A 1 67  ASP 67  62  62  ASP ASP A . n 
A 1 68  ALA 68  63  63  ALA ALA A . n 
A 1 69  GLY 69  64  64  GLY GLY A . n 
A 1 70  ALA 70  65  65  ALA ALA A . n 
A 1 71  SER 71  66  66  SER SER A . n 
A 1 72  LEU 72  67  67  LEU LEU A . n 
A 1 73  ASN 73  68  68  ASN ASN A . n 
A 1 74  VAL 74  69  69  VAL VAL A . n 
A 1 75  SER 75  70  70  SER SER A . n 
A 1 76  VAL 76  71  71  VAL VAL A . n 
A 1 77  MET 77  72  72  MET MET A . n 
A 1 78  LEU 78  73  73  LEU LEU A . n 
A 1 79  GLN 79  74  74  GLN GLN A . n 
A 1 80  PRO 80  75  75  PRO PRO A . n 
A 1 81  PHE 81  76  76  PHE PHE A . n 
A 1 82  ASP 82  77  77  ASP ASP A . n 
A 1 83  TYR 83  78  78  TYR TYR A . n 
A 1 84  ASP 84  79  79  ASP ASP A . n 
A 1 85  PRO 85  80  80  PRO PRO A . n 
A 1 86  ASN 86  81  81  ASN ASN A . n 
A 1 87  GLU 87  82  82  GLU GLU A . n 
A 1 88  LYS 88  83  83  LYS LYS A . n 
A 1 89  SER 89  84  84  SER SER A . n 
A 1 90  LYS 90  85  85  LYS LYS A . n 
A 1 91  HIS 91  86  86  HIS HIS A . n 
A 1 92  LYS 92  87  87  LYS LYS A . n 
A 1 93  PHE 93  88  88  PHE PHE A . n 
A 1 94  MET 94  89  89  MET MET A . n 
A 1 95  VAL 95  90  90  VAL VAL A . n 
A 1 96  GLN 96  91  91  GLN GLN A . n 
A 1 97  SER 97  92  92  SER SER A . n 
A 1 98  MET 98  93  93  MET MET A . n 
A 1 99  PHE 99  94  94  PHE PHE A . n 
A 1 100 ALA 100 95  95  ALA ALA A . n 
A 1 101 PRO 101 96  96  PRO PRO A . n 
A 1 102 PRO 102 97  97  PRO PRO A . n 
A 1 103 ASP 103 98  98  ASP ASP A . n 
A 1 104 THR 104 99  99  THR THR A . n 
A 1 105 SER 105 100 ?   ?   ?   A . n 
A 1 106 ASP 106 101 ?   ?   ?   A . n 
A 1 107 MET 107 102 102 MET MET A . n 
A 1 108 GLU 108 103 103 GLU GLU A . n 
A 1 109 ALA 109 104 104 ALA ALA A . n 
A 1 110 VAL 110 105 105 VAL VAL A . n 
A 1 111 TRP 111 106 106 TRP TRP A . n 
A 1 112 LYS 112 107 107 LYS LYS A . n 
A 1 113 GLU 113 108 108 GLU GLU A . n 
A 1 114 ALA 114 109 109 ALA ALA A . n 
A 1 115 LYS 115 110 110 LYS LYS A . n 
A 1 116 PRO 116 111 111 PRO PRO A . n 
A 1 117 GLU 117 112 112 GLU GLU A . n 
A 1 118 ASP 118 113 113 ASP ASP A . n 
A 1 119 LEU 119 114 114 LEU LEU A . n 
A 1 120 MET 120 115 115 MET MET A . n 
A 1 121 ASP 121 116 116 ASP ASP A . n 
A 1 122 SER 122 117 117 SER SER A . n 
A 1 123 LYS 123 118 118 LYS LYS A . n 
A 1 124 LEU 124 119 119 LEU LEU A . n 
A 1 125 ARG 125 120 120 ARG ARG A . n 
A 1 126 CYS 126 121 121 CYS CYS A . n 
A 1 127 VAL 127 122 122 VAL VAL A . n 
A 1 128 PHE 128 123 123 PHE PHE A . n 
A 1 129 GLU 129 124 124 GLU GLU A . n 
A 1 130 LEU 130 125 125 LEU LEU A . n 
B 2 1   SER 1   346 ?   ?   ?   B . n 
B 2 2   GLU 2   347 347 GLU GLU B . n 
B 2 3   GLU 3   348 348 GLU GLU B . n 
B 2 4   GLU 4   349 349 GLU GLU B . n 
B 2 5   PHE 5   350 350 PHE PHE B . n 
B 2 6   PHE 6   351 351 PHE PHE B . n 
B 2 7   ASP 7   352 352 ASP ASP B . n 
B 2 8   ALA 8   353 353 ALA ALA B . n 
B 2 9   HIS 9   354 354 HIS HIS B . n 
B 2 10  GLU 10  355 355 GLU GLU B . n 
# 
loop_
_pdbx_nonpoly_scheme.asym_id 
_pdbx_nonpoly_scheme.entity_id 
_pdbx_nonpoly_scheme.mon_id 
_pdbx_nonpoly_scheme.ndb_seq_num 
_pdbx_nonpoly_scheme.pdb_seq_num 
_pdbx_nonpoly_scheme.auth_seq_num 
_pdbx_nonpoly_scheme.pdb_mon_id 
_pdbx_nonpoly_scheme.auth_mon_id 
_pdbx_nonpoly_scheme.pdb_strand_id 
_pdbx_nonpoly_scheme.pdb_ins_code 
C 3 ZN  1  201 2  ZN  Zn  A . 
D 3 ZN  1  202 3  ZN  Zn  A . 
E 3 ZN  1  401 1  ZN  Zn  B . 
F 4 HOH 1  301 23 HOH HOH A . 
F 4 HOH 2  302 32 HOH HOH A . 
F 4 HOH 3  303 5  HOH HOH A . 
F 4 HOH 4  304 29 HOH HOH A . 
F 4 HOH 5  305 25 HOH HOH A . 
F 4 HOH 6  306 66 HOH HOH A . 
F 4 HOH 7  307 2  HOH HOH A . 
F 4 HOH 8  308 21 HOH HOH A . 
F 4 HOH 9  309 27 HOH HOH A . 
F 4 HOH 10 310 53 HOH HOH A . 
F 4 HOH 11 311 28 HOH HOH A . 
F 4 HOH 12 312 67 HOH HOH A . 
F 4 HOH 13 313 26 HOH HOH A . 
F 4 HOH 14 314 31 HOH HOH A . 
F 4 HOH 15 315 15 HOH HOH A . 
F 4 HOH 16 316 58 HOH HOH A . 
F 4 HOH 17 317 8  HOH HOH A . 
F 4 HOH 18 318 1  HOH HOH A . 
F 4 HOH 19 319 72 HOH HOH A . 
F 4 HOH 20 320 12 HOH HOH A . 
F 4 HOH 21 321 13 HOH HOH A . 
F 4 HOH 22 322 35 HOH HOH A . 
F 4 HOH 23 323 24 HOH HOH A . 
F 4 HOH 24 324 36 HOH HOH A . 
F 4 HOH 25 325 56 HOH HOH A . 
F 4 HOH 26 326 30 HOH HOH A . 
F 4 HOH 27 327 17 HOH HOH A . 
F 4 HOH 28 328 47 HOH HOH A . 
F 4 HOH 29 329 20 HOH HOH A . 
F 4 HOH 30 330 54 HOH HOH A . 
F 4 HOH 31 331 19 HOH HOH A . 
F 4 HOH 32 332 34 HOH HOH A . 
F 4 HOH 33 333 65 HOH HOH A . 
F 4 HOH 34 334 41 HOH HOH A . 
F 4 HOH 35 335 18 HOH HOH A . 
F 4 HOH 36 336 50 HOH HOH A . 
F 4 HOH 37 337 14 HOH HOH A . 
F 4 HOH 38 338 42 HOH HOH A . 
F 4 HOH 39 339 45 HOH HOH A . 
F 4 HOH 40 340 37 HOH HOH A . 
F 4 HOH 41 341 39 HOH HOH A . 
F 4 HOH 42 342 9  HOH HOH A . 
F 4 HOH 43 343 6  HOH HOH A . 
F 4 HOH 44 344 60 HOH HOH A . 
F 4 HOH 45 345 44 HOH HOH A . 
F 4 HOH 46 346 52 HOH HOH A . 
F 4 HOH 47 347 70 HOH HOH A . 
F 4 HOH 48 348 4  HOH HOH A . 
F 4 HOH 49 349 68 HOH HOH A . 
F 4 HOH 50 350 48 HOH HOH A . 
F 4 HOH 51 351 43 HOH HOH A . 
F 4 HOH 52 352 59 HOH HOH A . 
F 4 HOH 53 353 63 HOH HOH A . 
F 4 HOH 54 354 69 HOH HOH A . 
G 4 HOH 1  501 16 HOH HOH B . 
G 4 HOH 2  502 10 HOH HOH B . 
G 4 HOH 3  503 7  HOH HOH B . 
G 4 HOH 4  504 33 HOH HOH B . 
G 4 HOH 5  505 51 HOH HOH B . 
G 4 HOH 6  506 71 HOH HOH B . 
G 4 HOH 7  507 3  HOH HOH B . 
# 
loop_
_software.citation_id 
_software.classification 
_software.compiler_name 
_software.compiler_version 
_software.contact_author 
_software.contact_author_email 
_software.date 
_software.description 
_software.dependencies 
_software.hardware 
_software.language 
_software.location 
_software.mods 
_software.name 
_software.os 
_software.os_version 
_software.type 
_software.version 
_software.pdbx_ordinal 
? 'data scaling'   ? ? ? ? ? ? ? ? ? ? ? HKL-2000 ? ? ? .    1 
? 'data reduction' ? ? ? ? ? ? ? ? ? ? ? HKL-2000 ? ? ? .    2 
? refinement       ? ? ? ? ? ? ? ? ? ? ? PHENIX   ? ? ? 1.14 3 
? phasing          ? ? ? ? ? ? ? ? ? ? ? PHENIX   ? ? ? .    4 
# 
_cell.angle_alpha                  90.00 
_cell.angle_alpha_esd              ? 
_cell.angle_beta                   90.00 
_cell.angle_beta_esd               ? 
_cell.angle_gamma                  120.00 
_cell.angle_gamma_esd              ? 
_cell.entry_id                     9JUI 
_cell.details                      ? 
_cell.formula_units_Z              ? 
_cell.length_a                     52.973 
_cell.length_a_esd                 ? 
_cell.length_b                     52.973 
_cell.length_b_esd                 ? 
_cell.length_c                     88.283 
_cell.length_c_esd                 ? 
_cell.volume                       ? 
_cell.volume_esd                   ? 
_cell.Z_PDB                        6 
_cell.reciprocal_angle_alpha       ? 
_cell.reciprocal_angle_beta        ? 
_cell.reciprocal_angle_gamma       ? 
_cell.reciprocal_angle_alpha_esd   ? 
_cell.reciprocal_angle_beta_esd    ? 
_cell.reciprocal_angle_gamma_esd   ? 
_cell.reciprocal_length_a          ? 
_cell.reciprocal_length_b          ? 
_cell.reciprocal_length_c          ? 
_cell.reciprocal_length_a_esd      ? 
_cell.reciprocal_length_b_esd      ? 
_cell.reciprocal_length_c_esd      ? 
_cell.pdbx_unique_axis             ? 
_cell.pdbx_esd_method              ? 
# 
_symmetry.entry_id                         9JUI 
_symmetry.cell_setting                     ? 
_symmetry.Int_Tables_number                154 
_symmetry.space_group_name_Hall            ? 
_symmetry.space_group_name_H-M             'P 32 2 1' 
_symmetry.pdbx_full_space_group_name_H-M   ? 
# 
_exptl.absorpt_coefficient_mu     ? 
_exptl.absorpt_correction_T_max   ? 
_exptl.absorpt_correction_T_min   ? 
_exptl.absorpt_correction_type    ? 
_exptl.absorpt_process_details    ? 
_exptl.entry_id                   9JUI 
_exptl.crystals_number            1 
_exptl.details                    ? 
_exptl.method                     'X-RAY DIFFRACTION' 
_exptl.method_details             ? 
# 
_exptl_crystal.colour                       ? 
_exptl_crystal.density_diffrn               ? 
_exptl_crystal.density_Matthews             2.25 
_exptl_crystal.density_method               ? 
_exptl_crystal.density_percent_sol          45.38 
_exptl_crystal.description                  ? 
_exptl_crystal.F_000                        ? 
_exptl_crystal.id                           1 
_exptl_crystal.preparation                  ? 
_exptl_crystal.size_max                     ? 
_exptl_crystal.size_mid                     ? 
_exptl_crystal.size_min                     ? 
_exptl_crystal.size_rad                     ? 
_exptl_crystal.colour_lustre                ? 
_exptl_crystal.colour_modifier              ? 
_exptl_crystal.colour_primary               ? 
_exptl_crystal.density_meas                 ? 
_exptl_crystal.density_meas_esd             ? 
_exptl_crystal.density_meas_gt              ? 
_exptl_crystal.density_meas_lt              ? 
_exptl_crystal.density_meas_temp            ? 
_exptl_crystal.density_meas_temp_esd        ? 
_exptl_crystal.density_meas_temp_gt         ? 
_exptl_crystal.density_meas_temp_lt         ? 
_exptl_crystal.pdbx_crystal_image_url       ? 
_exptl_crystal.pdbx_crystal_image_format    ? 
_exptl_crystal.pdbx_mosaicity               ? 
_exptl_crystal.pdbx_mosaicity_esd           ? 
_exptl_crystal.pdbx_mosaic_method           ? 
_exptl_crystal.pdbx_mosaic_block_size       ? 
_exptl_crystal.pdbx_mosaic_block_size_esd   ? 
# 
_exptl_crystal_grow.apparatus       ? 
_exptl_crystal_grow.atmosphere      ? 
_exptl_crystal_grow.crystal_id      1 
_exptl_crystal_grow.details         ? 
_exptl_crystal_grow.method          'VAPOR DIFFUSION, HANGING DROP' 
_exptl_crystal_grow.method_ref      ? 
_exptl_crystal_grow.pH              ? 
_exptl_crystal_grow.pressure        ? 
_exptl_crystal_grow.pressure_esd    ? 
_exptl_crystal_grow.seeding         ? 
_exptl_crystal_grow.seeding_ref     ? 
_exptl_crystal_grow.temp_details    ? 
_exptl_crystal_grow.temp_esd        ? 
_exptl_crystal_grow.time            ? 
_exptl_crystal_grow.pdbx_details    '18% PEG 8000, 0.1M sodium cacodylate pH 6.5, 0.2M zinc acetate dihydrate' 
_exptl_crystal_grow.pdbx_pH_range   ? 
_exptl_crystal_grow.temp            277.15 
# 
_diffrn.ambient_environment              ? 
_diffrn.ambient_temp                     100 
_diffrn.ambient_temp_details             ? 
_diffrn.ambient_temp_esd                 ? 
_diffrn.crystal_id                       1 
_diffrn.crystal_support                  ? 
_diffrn.crystal_treatment                ? 
_diffrn.details                          ? 
_diffrn.id                               1 
_diffrn.ambient_pressure                 ? 
_diffrn.ambient_pressure_esd             ? 
_diffrn.ambient_pressure_gt              ? 
_diffrn.ambient_pressure_lt              ? 
_diffrn.ambient_temp_gt                  ? 
_diffrn.ambient_temp_lt                  ? 
_diffrn.pdbx_serial_crystal_experiment   N 
# 
_diffrn_detector.details                      ? 
_diffrn_detector.detector                     CCD 
_diffrn_detector.diffrn_id                    1 
_diffrn_detector.type                         'ADSC QUANTUM 270' 
_diffrn_detector.area_resol_mean              ? 
_diffrn_detector.dtime                        ? 
_diffrn_detector.pdbx_frames_total            ? 
_diffrn_detector.pdbx_collection_time_total   ? 
_diffrn_detector.pdbx_collection_date         2019-05-07 
_diffrn_detector.pdbx_frequency               ? 
_diffrn_detector.id                           ? 
_diffrn_detector.number_of_axes               ? 
# 
_diffrn_radiation.collimation                      ? 
_diffrn_radiation.diffrn_id                        1 
_diffrn_radiation.filter_edge                      ? 
_diffrn_radiation.inhomogeneity                    ? 
_diffrn_radiation.monochromator                    ? 
_diffrn_radiation.polarisn_norm                    ? 
_diffrn_radiation.polarisn_ratio                   ? 
_diffrn_radiation.probe                            ? 
_diffrn_radiation.type                             ? 
_diffrn_radiation.xray_symbol                      ? 
_diffrn_radiation.wavelength_id                    1 
_diffrn_radiation.pdbx_monochromatic_or_laue_m_l   M 
_diffrn_radiation.pdbx_wavelength_list             ? 
_diffrn_radiation.pdbx_wavelength                  ? 
_diffrn_radiation.pdbx_diffrn_protocol             'SINGLE WAVELENGTH' 
_diffrn_radiation.pdbx_analyzer                    ? 
_diffrn_radiation.pdbx_scattering_type             x-ray 
# 
_diffrn_radiation_wavelength.id           1 
_diffrn_radiation_wavelength.wavelength   0.9795 
_diffrn_radiation_wavelength.wt           1.0 
# 
_diffrn_source.current                     ? 
_diffrn_source.details                     ? 
_diffrn_source.diffrn_id                   1 
_diffrn_source.power                       ? 
_diffrn_source.size                        ? 
_diffrn_source.source                      SYNCHROTRON 
_diffrn_source.target                      ? 
_diffrn_source.type                        'PAL/PLS BEAMLINE 7A (6B, 6C1)' 
_diffrn_source.voltage                     ? 
_diffrn_source.take-off_angle              ? 
_diffrn_source.pdbx_wavelength_list        0.9795 
_diffrn_source.pdbx_wavelength             ? 
_diffrn_source.pdbx_synchrotron_beamline   '7A (6B, 6C1)' 
_diffrn_source.pdbx_synchrotron_site       PAL/PLS 
# 
_reflns.B_iso_Wilson_estimate                          ? 
_reflns.entry_id                                       9JUI 
_reflns.data_reduction_details                         ? 
_reflns.data_reduction_method                          ? 
_reflns.d_resolution_high                              2.05 
_reflns.d_resolution_low                               50.00 
_reflns.details                                        ? 
_reflns.limit_h_max                                    ? 
_reflns.limit_h_min                                    ? 
_reflns.limit_k_max                                    ? 
_reflns.limit_k_min                                    ? 
_reflns.limit_l_max                                    ? 
_reflns.limit_l_min                                    ? 
_reflns.number_all                                     ? 
_reflns.number_obs                                     9386 
_reflns.observed_criterion                             ? 
_reflns.observed_criterion_F_max                       ? 
_reflns.observed_criterion_F_min                       ? 
_reflns.observed_criterion_I_max                       ? 
_reflns.observed_criterion_I_min                       ? 
_reflns.observed_criterion_sigma_F                     ? 
_reflns.observed_criterion_sigma_I                     ? 
_reflns.percent_possible_obs                           99.3 
_reflns.R_free_details                                 ? 
_reflns.Rmerge_F_all                                   ? 
_reflns.Rmerge_F_obs                                   ? 
_reflns.Friedel_coverage                               ? 
_reflns.number_gt                                      ? 
_reflns.threshold_expression                           ? 
_reflns.pdbx_redundancy                                3.9 
_reflns.pdbx_netI_over_av_sigmaI                       ? 
_reflns.pdbx_netI_over_sigmaI                          9.3 
_reflns.pdbx_res_netI_over_av_sigmaI_2                 ? 
_reflns.pdbx_res_netI_over_sigmaI_2                    ? 
_reflns.pdbx_chi_squared                               2.569 
_reflns.pdbx_scaling_rejects                           ? 
_reflns.pdbx_d_res_high_opt                            ? 
_reflns.pdbx_d_res_low_opt                             ? 
_reflns.pdbx_d_res_opt_method                          ? 
_reflns.phase_calculation_details                      ? 
_reflns.pdbx_Rrim_I_all                                0.132 
_reflns.pdbx_Rpim_I_all                                0.066 
_reflns.pdbx_d_opt                                     ? 
_reflns.pdbx_number_measured_all                       36942 
_reflns.pdbx_diffrn_id                                 1 
_reflns.pdbx_ordinal                                   1 
_reflns.pdbx_CC_half                                   0.981 
_reflns.pdbx_CC_star                                   0.995 
_reflns.pdbx_R_split                                   ? 
_reflns.pdbx_Rmerge_I_obs                              0.113 
_reflns.pdbx_Rmerge_I_all                              ? 
_reflns.pdbx_Rsym_value                                ? 
_reflns.pdbx_CC_split_method                           ? 
_reflns.pdbx_aniso_diffraction_limit_axis_1_ortho[1]   ? 
_reflns.pdbx_aniso_diffraction_limit_axis_1_ortho[2]   ? 
_reflns.pdbx_aniso_diffraction_limit_axis_1_ortho[3]   ? 
_reflns.pdbx_aniso_diffraction_limit_axis_2_ortho[1]   ? 
_reflns.pdbx_aniso_diffraction_limit_axis_2_ortho[2]   ? 
_reflns.pdbx_aniso_diffraction_limit_axis_2_ortho[3]   ? 
_reflns.pdbx_aniso_diffraction_limit_axis_3_ortho[1]   ? 
_reflns.pdbx_aniso_diffraction_limit_axis_3_ortho[2]   ? 
_reflns.pdbx_aniso_diffraction_limit_axis_3_ortho[3]   ? 
_reflns.pdbx_aniso_diffraction_limit_1                 ? 
_reflns.pdbx_aniso_diffraction_limit_2                 ? 
_reflns.pdbx_aniso_diffraction_limit_3                 ? 
_reflns.pdbx_aniso_B_tensor_eigenvector_1_ortho[1]     ? 
_reflns.pdbx_aniso_B_tensor_eigenvector_1_ortho[2]     ? 
_reflns.pdbx_aniso_B_tensor_eigenvector_1_ortho[3]     ? 
_reflns.pdbx_aniso_B_tensor_eigenvector_2_ortho[1]     ? 
_reflns.pdbx_aniso_B_tensor_eigenvector_2_ortho[2]     ? 
_reflns.pdbx_aniso_B_tensor_eigenvector_2_ortho[3]     ? 
_reflns.pdbx_aniso_B_tensor_eigenvector_3_ortho[1]     ? 
_reflns.pdbx_aniso_B_tensor_eigenvector_3_ortho[2]     ? 
_reflns.pdbx_aniso_B_tensor_eigenvector_3_ortho[3]     ? 
_reflns.pdbx_aniso_B_tensor_eigenvalue_1               ? 
_reflns.pdbx_aniso_B_tensor_eigenvalue_2               ? 
_reflns.pdbx_aniso_B_tensor_eigenvalue_3               ? 
_reflns.pdbx_orthogonalization_convention              ? 
_reflns.pdbx_percent_possible_ellipsoidal              ? 
_reflns.pdbx_percent_possible_spherical                ? 
_reflns.pdbx_percent_possible_ellipsoidal_anomalous    ? 
_reflns.pdbx_percent_possible_spherical_anomalous      ? 
_reflns.pdbx_redundancy_anomalous                      ? 
_reflns.pdbx_CC_half_anomalous                         ? 
_reflns.pdbx_absDiff_over_sigma_anomalous              ? 
_reflns.pdbx_percent_possible_anomalous                ? 
_reflns.pdbx_observed_signal_threshold                 ? 
_reflns.pdbx_signal_type                               ? 
_reflns.pdbx_signal_details                            ? 
_reflns.pdbx_signal_software_id                        ? 
# 
loop_
_reflns_shell.d_res_high 
_reflns_shell.d_res_low 
_reflns_shell.meanI_over_sigI_all 
_reflns_shell.meanI_over_sigI_obs 
_reflns_shell.number_measured_all 
_reflns_shell.number_measured_obs 
_reflns_shell.number_possible 
_reflns_shell.number_unique_all 
_reflns_shell.number_unique_obs 
_reflns_shell.percent_possible_obs 
_reflns_shell.Rmerge_F_all 
_reflns_shell.Rmerge_F_obs 
_reflns_shell.meanI_over_sigI_gt 
_reflns_shell.meanI_over_uI_all 
_reflns_shell.meanI_over_uI_gt 
_reflns_shell.number_measured_gt 
_reflns_shell.number_unique_gt 
_reflns_shell.percent_possible_gt 
_reflns_shell.Rmerge_F_gt 
_reflns_shell.Rmerge_I_gt 
_reflns_shell.pdbx_redundancy 
_reflns_shell.pdbx_chi_squared 
_reflns_shell.pdbx_netI_over_sigmaI_all 
_reflns_shell.pdbx_netI_over_sigmaI_obs 
_reflns_shell.pdbx_Rrim_I_all 
_reflns_shell.pdbx_Rpim_I_all 
_reflns_shell.pdbx_rejects 
_reflns_shell.pdbx_ordinal 
_reflns_shell.pdbx_diffrn_id 
_reflns_shell.pdbx_CC_half 
_reflns_shell.pdbx_CC_star 
_reflns_shell.pdbx_R_split 
_reflns_shell.percent_possible_all 
_reflns_shell.Rmerge_I_all 
_reflns_shell.Rmerge_I_obs 
_reflns_shell.pdbx_Rsym_value 
_reflns_shell.pdbx_percent_possible_ellipsoidal 
_reflns_shell.pdbx_percent_possible_spherical 
_reflns_shell.pdbx_percent_possible_ellipsoidal_anomalous 
_reflns_shell.pdbx_percent_possible_spherical_anomalous 
_reflns_shell.pdbx_redundancy_anomalous 
_reflns_shell.pdbx_CC_half_anomalous 
_reflns_shell.pdbx_absDiff_over_sigma_anomalous 
_reflns_shell.pdbx_percent_possible_anomalous 
2.05 2.09  ? ? ? ? ? ? 451 ? ? ? ? ? ? ? ? ? ? ? 4.1 1.683 ? ? 0.594 0.290 ? 1  1 0.745 0.924 ? 99.8  ? 0.516 ? ? ? ? ? ? ? ? ? 
2.09 2.12  ? ? ? ? ? ? 477 ? ? ? ? ? ? ? ? ? ? ? 4.2 1.672 ? ? 0.549 0.266 ? 2  1 0.831 0.953 ? 100.0 ? 0.479 ? ? ? ? ? ? ? ? ? 
2.12 2.16  ? ? ? ? ? ? 434 ? ? ? ? ? ? ? ? ? ? ? 4.1 1.864 ? ? 0.501 0.244 ? 3  1 0.860 0.962 ? 100.0 ? 0.436 ? ? ? ? ? ? ? ? ? 
2.16 2.21  ? ? ? ? ? ? 482 ? ? ? ? ? ? ? ? ? ? ? 4.1 1.802 ? ? 0.463 0.224 ? 4  1 0.822 0.950 ? 100.0 ? 0.403 ? ? ? ? ? ? ? ? ? 
2.21 2.26  ? ? ? ? ? ? 443 ? ? ? ? ? ? ? ? ? ? ? 4.1 1.968 ? ? 0.441 0.214 ? 5  1 0.909 0.976 ? 100.0 ? 0.384 ? ? ? ? ? ? ? ? ? 
2.26 2.31  ? ? ? ? ? ? 476 ? ? ? ? ? ? ? ? ? ? ? 4.2 1.842 ? ? 0.434 0.210 ? 6  1 0.938 0.984 ? 99.8  ? 0.379 ? ? ? ? ? ? ? ? ? 
2.31 2.37  ? ? ? ? ? ? 462 ? ? ? ? ? ? ? ? ? ? ? 4.1 1.839 ? ? 0.373 0.182 ? 7  1 0.951 0.987 ? 100.0 ? 0.325 ? ? ? ? ? ? ? ? ? 
2.37 2.43  ? ? ? ? ? ? 461 ? ? ? ? ? ? ? ? ? ? ? 4.1 2.052 ? ? 0.312 0.151 ? 8  1 0.947 0.986 ? 100.0 ? 0.271 ? ? ? ? ? ? ? ? ? 
2.43 2.50  ? ? ? ? ? ? 475 ? ? ? ? ? ? ? ? ? ? ? 4.1 1.974 ? ? 0.303 0.147 ? 9  1 0.948 0.987 ? 100.0 ? 0.263 ? ? ? ? ? ? ? ? ? 
2.50 2.58  ? ? ? ? ? ? 458 ? ? ? ? ? ? ? ? ? ? ? 4.1 2.143 ? ? 0.279 0.137 ? 10 1 0.960 0.990 ? 100.0 ? 0.242 ? ? ? ? ? ? ? ? ? 
2.58 2.68  ? ? ? ? ? ? 463 ? ? ? ? ? ? ? ? ? ? ? 4.1 2.243 ? ? 0.223 0.108 ? 11 1 0.966 0.991 ? 100.0 ? 0.194 ? ? ? ? ? ? ? ? ? 
2.68 2.78  ? ? ? ? ? ? 483 ? ? ? ? ? ? ? ? ? ? ? 4.0 2.430 ? ? 0.190 0.094 ? 12 1 0.977 0.994 ? 100.0 ? 0.165 ? ? ? ? ? ? ? ? ? 
2.78 2.91  ? ? ? ? ? ? 454 ? ? ? ? ? ? ? ? ? ? ? 4.0 2.671 ? ? 0.173 0.085 ? 13 1 0.982 0.995 ? 99.8  ? 0.151 ? ? ? ? ? ? ? ? ? 
2.91 3.06  ? ? ? ? ? ? 475 ? ? ? ? ? ? ? ? ? ? ? 4.0 2.947 ? ? 0.140 0.069 ? 14 1 0.986 0.996 ? 99.8  ? 0.121 ? ? ? ? ? ? ? ? ? 
3.06 3.25  ? ? ? ? ? ? 471 ? ? ? ? ? ? ? ? ? ? ? 3.9 3.274 ? ? 0.121 0.061 ? 15 1 0.986 0.996 ? 99.8  ? 0.104 ? ? ? ? ? ? ? ? ? 
3.25 3.51  ? ? ? ? ? ? 479 ? ? ? ? ? ? ? ? ? ? ? 3.8 3.334 ? ? 0.098 0.049 ? 16 1 0.989 0.997 ? 99.6  ? 0.084 ? ? ? ? ? ? ? ? ? 
3.51 3.86  ? ? ? ? ? ? 476 ? ? ? ? ? ? ? ? ? ? ? 3.7 3.628 ? ? 0.082 0.042 ? 17 1 0.992 0.998 ? 99.0  ? 0.070 ? ? ? ? ? ? ? ? ? 
3.86 4.42  ? ? ? ? ? ? 486 ? ? ? ? ? ? ? ? ? ? ? 3.6 4.369 ? ? 0.077 0.040 ? 18 1 0.993 0.998 ? 99.0  ? 0.065 ? ? ? ? ? ? ? ? ? 
4.42 5.56  ? ? ? ? ? ? 472 ? ? ? ? ? ? ? ? ? ? ? 3.5 4.436 ? ? 0.072 0.038 ? 19 1 0.992 0.998 ? 97.1  ? 0.061 ? ? ? ? ? ? ? ? ? 
5.56 50.00 ? ? ? ? ? ? 508 ? ? ? ? ? ? ? ? ? ? ? 3.0 4.569 ? ? 0.079 0.042 ? 20 1 0.990 0.997 ? 93.0  ? 0.066 ? ? ? ? ? ? ? ? ? 
# 
_refine.aniso_B[1][1]                            ? 
_refine.aniso_B[1][2]                            ? 
_refine.aniso_B[1][3]                            ? 
_refine.aniso_B[2][2]                            ? 
_refine.aniso_B[2][3]                            ? 
_refine.aniso_B[3][3]                            ? 
_refine.B_iso_max                                ? 
_refine.B_iso_mean                               ? 
_refine.B_iso_min                                ? 
_refine.correlation_coeff_Fo_to_Fc               ? 
_refine.correlation_coeff_Fo_to_Fc_free          ? 
_refine.details                                  ? 
_refine.diff_density_max                         ? 
_refine.diff_density_max_esd                     ? 
_refine.diff_density_min                         ? 
_refine.diff_density_min_esd                     ? 
_refine.diff_density_rms                         ? 
_refine.diff_density_rms_esd                     ? 
_refine.entry_id                                 9JUI 
_refine.pdbx_refine_id                           'X-RAY DIFFRACTION' 
_refine.ls_abs_structure_details                 ? 
_refine.ls_abs_structure_Flack                   ? 
_refine.ls_abs_structure_Flack_esd               ? 
_refine.ls_abs_structure_Rogers                  ? 
_refine.ls_abs_structure_Rogers_esd              ? 
_refine.ls_d_res_high                            2.05 
_refine.ls_d_res_low                             50 
_refine.ls_extinction_coef                       ? 
_refine.ls_extinction_coef_esd                   ? 
_refine.ls_extinction_expression                 ? 
_refine.ls_extinction_method                     ? 
_refine.ls_goodness_of_fit_all                   ? 
_refine.ls_goodness_of_fit_all_esd               ? 
_refine.ls_goodness_of_fit_obs                   ? 
_refine.ls_goodness_of_fit_obs_esd               ? 
_refine.ls_hydrogen_treatment                    ? 
_refine.ls_matrix_type                           ? 
_refine.ls_number_constraints                    ? 
_refine.ls_number_parameters                     ? 
_refine.ls_number_reflns_all                     ? 
_refine.ls_number_reflns_obs                     8402 
_refine.ls_number_reflns_R_free                  ? 
_refine.ls_number_reflns_R_work                  ? 
_refine.ls_number_restraints                     ? 
_refine.ls_percent_reflns_obs                    93.6 
_refine.ls_percent_reflns_R_free                 ? 
_refine.ls_R_factor_all                          ? 
_refine.ls_R_factor_obs                          ? 
_refine.ls_R_factor_R_free                       0.285 
_refine.ls_R_factor_R_free_error                 ? 
_refine.ls_R_factor_R_free_error_details         ? 
_refine.ls_R_factor_R_work                       0.276 
_refine.ls_R_Fsqd_factor_obs                     ? 
_refine.ls_R_I_factor_obs                        ? 
_refine.ls_redundancy_reflns_all                 ? 
_refine.ls_redundancy_reflns_obs                 ? 
_refine.ls_restrained_S_all                      ? 
_refine.ls_restrained_S_obs                      ? 
_refine.ls_shift_over_esd_max                    ? 
_refine.ls_shift_over_esd_mean                   ? 
_refine.ls_structure_factor_coef                 ? 
_refine.ls_weighting_details                     ? 
_refine.ls_weighting_scheme                      ? 
_refine.ls_wR_factor_all                         ? 
_refine.ls_wR_factor_obs                         ? 
_refine.ls_wR_factor_R_free                      ? 
_refine.ls_wR_factor_R_work                      ? 
_refine.occupancy_max                            ? 
_refine.occupancy_min                            ? 
_refine.solvent_model_details                    ? 
_refine.solvent_model_param_bsol                 ? 
_refine.solvent_model_param_ksol                 ? 
_refine.pdbx_R_complete                          ? 
_refine.ls_R_factor_gt                           ? 
_refine.ls_goodness_of_fit_gt                    ? 
_refine.ls_goodness_of_fit_ref                   ? 
_refine.ls_shift_over_su_max                     ? 
_refine.ls_shift_over_su_max_lt                  ? 
_refine.ls_shift_over_su_mean                    ? 
_refine.ls_shift_over_su_mean_lt                 ? 
_refine.pdbx_ls_sigma_I                          ? 
_refine.pdbx_ls_sigma_F                          ? 
_refine.pdbx_ls_sigma_Fsqd                       ? 
_refine.pdbx_data_cutoff_high_absF               ? 
_refine.pdbx_data_cutoff_high_rms_absF           ? 
_refine.pdbx_data_cutoff_low_absF                ? 
_refine.pdbx_isotropic_thermal_model             ? 
_refine.pdbx_ls_cross_valid_method               NONE 
_refine.pdbx_method_to_determine_struct          'MOLECULAR REPLACEMENT' 
_refine.pdbx_starting_model                      ? 
_refine.pdbx_stereochemistry_target_values       ? 
_refine.pdbx_R_Free_selection_details            ? 
_refine.pdbx_stereochem_target_val_spec_case     ? 
_refine.pdbx_overall_ESU_R                       ? 
_refine.pdbx_overall_ESU_R_Free                  ? 
_refine.pdbx_solvent_vdw_probe_radii             ? 
_refine.pdbx_solvent_ion_probe_radii             ? 
_refine.pdbx_solvent_shrinkage_radii             ? 
_refine.pdbx_real_space_R                        ? 
_refine.pdbx_density_correlation                 ? 
_refine.pdbx_pd_number_of_powder_patterns        ? 
_refine.pdbx_pd_number_of_points                 ? 
_refine.pdbx_pd_meas_number_of_points            ? 
_refine.pdbx_pd_proc_ls_prof_R_factor            ? 
_refine.pdbx_pd_proc_ls_prof_wR_factor           ? 
_refine.pdbx_pd_Marquardt_correlation_coeff      ? 
_refine.pdbx_pd_Fsqrd_R_factor                   ? 
_refine.pdbx_pd_ls_matrix_band_width             ? 
_refine.pdbx_overall_phase_error                 ? 
_refine.pdbx_overall_SU_R_free_Cruickshank_DPI   ? 
_refine.pdbx_overall_SU_R_free_Blow_DPI          ? 
_refine.pdbx_overall_SU_R_Blow_DPI               ? 
_refine.pdbx_TLS_residual_ADP_flag               ? 
_refine.pdbx_diffrn_id                           1 
_refine.overall_SU_B                             ? 
_refine.overall_SU_ML                            ? 
_refine.overall_SU_R_Cruickshank_DPI             ? 
_refine.overall_SU_R_free                        ? 
_refine.overall_FOM_free_R_set                   ? 
_refine.overall_FOM_work_R_set                   ? 
_refine.pdbx_average_fsc_overall                 ? 
_refine.pdbx_average_fsc_work                    ? 
_refine.pdbx_average_fsc_free                    ? 
# 
_refine_hist.pdbx_refine_id                   'X-RAY DIFFRACTION' 
_refine_hist.cycle_id                         LAST 
_refine_hist.details                          ? 
_refine_hist.d_res_high                       2.05 
_refine_hist.d_res_low                        50 
_refine_hist.number_atoms_solvent             61 
_refine_hist.number_atoms_total               1124 
_refine_hist.number_reflns_all                ? 
_refine_hist.number_reflns_obs                ? 
_refine_hist.number_reflns_R_free             ? 
_refine_hist.number_reflns_R_work             ? 
_refine_hist.R_factor_all                     ? 
_refine_hist.R_factor_obs                     ? 
_refine_hist.R_factor_R_free                  ? 
_refine_hist.R_factor_R_work                  ? 
_refine_hist.pdbx_number_residues_total       ? 
_refine_hist.pdbx_B_iso_mean_ligand           ? 
_refine_hist.pdbx_B_iso_mean_solvent          ? 
_refine_hist.pdbx_number_atoms_protein        1060 
_refine_hist.pdbx_number_atoms_nucleic_acid   0 
_refine_hist.pdbx_number_atoms_ligand         3 
_refine_hist.pdbx_number_atoms_lipid          ? 
_refine_hist.pdbx_number_atoms_carb           ? 
_refine_hist.pdbx_pseudo_atom_details         ? 
# 
loop_
_refine_ls_shell.pdbx_refine_id 
_refine_ls_shell.d_res_high 
_refine_ls_shell.d_res_low 
_refine_ls_shell.number_reflns_all 
_refine_ls_shell.number_reflns_obs 
_refine_ls_shell.number_reflns_R_free 
_refine_ls_shell.number_reflns_R_work 
_refine_ls_shell.percent_reflns_obs 
_refine_ls_shell.percent_reflns_R_free 
_refine_ls_shell.R_factor_all 
_refine_ls_shell.R_factor_obs 
_refine_ls_shell.R_factor_R_free_error 
_refine_ls_shell.R_factor_R_work 
_refine_ls_shell.redundancy_reflns_all 
_refine_ls_shell.redundancy_reflns_obs 
_refine_ls_shell.wR_factor_all 
_refine_ls_shell.wR_factor_obs 
_refine_ls_shell.wR_factor_R_free 
_refine_ls_shell.wR_factor_R_work 
_refine_ls_shell.pdbx_R_complete 
_refine_ls_shell.pdbx_total_number_of_bins_used 
_refine_ls_shell.pdbx_phase_error 
_refine_ls_shell.pdbx_fsc_work 
_refine_ls_shell.pdbx_fsc_free 
_refine_ls_shell.R_factor_R_free 
'X-RAY DIFFRACTION' 2.05 2.09 . . . 451 . . . . . 0.516 . . . . . . . . . . . . 
'X-RAY DIFFRACTION' 2.09 2.12 . . . 477 . . . . . 0.479 . . . . . . . . . . . . 
'X-RAY DIFFRACTION' 2.12 2.16 . . . 434 . . . . . 0.436 . . . . . . . . . . . . 
'X-RAY DIFFRACTION' 2.16 2.21 . . . 482 . . . . . 0.403 . . . . . . . . . . . . 
'X-RAY DIFFRACTION' 2.21 2.26 . . . 443 . . . . . 0.384 . . . . . . . . . . . . 
'X-RAY DIFFRACTION' 2.26 2.31 . . . 476 . . . . . 0.379 . . . . . . . . . . . . 
'X-RAY DIFFRACTION' 2.31 2.37 . . . 462 . . . . . 0.325 . . . . . . . . . . . . 
'X-RAY DIFFRACTION' 2.37 2.43 . . . 461 . . . . . 0.271 . . . . . . . . . . . . 
'X-RAY DIFFRACTION' 2.43 2.50 . . . 475 . . . . . 0.263 . . . . . . . . . . . . 
'X-RAY DIFFRACTION' 2.50 2.58 . . . 458 . . . . . 0.242 . . . . . . . . . . . . 
'X-RAY DIFFRACTION' 2.58 2.68 . . . 463 . . . . . 0.194 . . . . . . . . . . . . 
'X-RAY DIFFRACTION' 2.68 2.78 . . . 483 . . . . . 0.165 . . . . . . . . . . . . 
'X-RAY DIFFRACTION' 2.78 2.91 . . . 454 . . . . . 0.151 . . . . . . . . . . . . 
'X-RAY DIFFRACTION' 2.91 3.06 . . . 475 . . . . . 0.121 . . . . . . . . . . . . 
'X-RAY DIFFRACTION' 3.06 3.25 . . . 471 . . . . . 0.104 . . . . . . . . . . . . 
'X-RAY DIFFRACTION' 3.25 3.51 . . . 479 . . . . . 0.084 . . . . . . . . . . . . 
'X-RAY DIFFRACTION' 3.51 3.86 . . . 476 . . . . . 0.070 . . . . . . . . . . . . 
'X-RAY DIFFRACTION' 3.86 4.42 . . . 486 . . . . . 0.065 . . . . . . . . . . . . 
'X-RAY DIFFRACTION' 4.42 5.56 . . . 472 . . . . . 0.061 . . . . . . . . . . . . 
'X-RAY DIFFRACTION' 5.56 50   . . . 508 . . . . . 0.066 . . . . . . . . . . . . 
# 
_struct.entry_id                     9JUI 
_struct.title                        'Crystal structure of FFAT motif of Nir2 bound to VAPB' 
_struct.pdbx_model_details           ? 
_struct.pdbx_formula_weight          ? 
_struct.pdbx_formula_weight_method   ? 
_struct.pdbx_model_type_details      ? 
_struct.pdbx_CASP_flag               N 
# 
_struct_keywords.entry_id        9JUI 
_struct_keywords.text            
'PLC signaling, PI cycle, Membrane contact site, lipid transfer, lipid binding, LIPID BINDING PROTEIN' 
_struct_keywords.pdbx_keywords   'LIPID BINDING PROTEIN' 
# 
loop_
_struct_asym.id 
_struct_asym.pdbx_blank_PDB_chainid_flag 
_struct_asym.pdbx_modified 
_struct_asym.entity_id 
_struct_asym.details 
A N N 1 ? 
B N N 2 ? 
C N N 3 ? 
D N N 3 ? 
E N N 3 ? 
F N N 4 ? 
G N N 4 ? 
# 
loop_
_struct_ref.id 
_struct_ref.db_name 
_struct_ref.db_code 
_struct_ref.pdbx_db_accession 
_struct_ref.pdbx_db_isoform 
_struct_ref.entity_id 
_struct_ref.pdbx_seq_one_letter_code 
_struct_ref.pdbx_align_begin 
1 UNP VAPB_MOUSE  Q9QY76 ? 1 
;MAKVEQVLSLEPQHELKFRGPFTDVVTTNLKLGNPTDRNVCFKVKTTVPRRYCVRPNSGVIDAGASLNVSVMLQPFDYDP
NEKSKHKFMVQSMFAPPDTSDMEAVWKEAKPEDLMDSKLRCVFEL
;
1   
2 UNP PITM1_MOUSE O35954 ? 2 SEEEFFDAHE 346 
# 
loop_
_struct_ref_seq.align_id 
_struct_ref_seq.ref_id 
_struct_ref_seq.pdbx_PDB_id_code 
_struct_ref_seq.pdbx_strand_id 
_struct_ref_seq.seq_align_beg 
_struct_ref_seq.pdbx_seq_align_beg_ins_code 
_struct_ref_seq.seq_align_end 
_struct_ref_seq.pdbx_seq_align_end_ins_code 
_struct_ref_seq.pdbx_db_accession 
_struct_ref_seq.db_align_beg 
_struct_ref_seq.pdbx_db_align_beg_ins_code 
_struct_ref_seq.db_align_end 
_struct_ref_seq.pdbx_db_align_end_ins_code 
_struct_ref_seq.pdbx_auth_seq_align_beg 
_struct_ref_seq.pdbx_auth_seq_align_end 
1 1 9JUI A 6 ? 130 ? Q9QY76 1   ? 125 ? 1   125 
2 2 9JUI B 1 ? 10  ? O35954 346 ? 355 ? 346 355 
# 
loop_
_struct_ref_seq_dif.align_id 
_struct_ref_seq_dif.pdbx_pdb_id_code 
_struct_ref_seq_dif.mon_id 
_struct_ref_seq_dif.pdbx_pdb_strand_id 
_struct_ref_seq_dif.seq_num 
_struct_ref_seq_dif.pdbx_pdb_ins_code 
_struct_ref_seq_dif.pdbx_seq_db_name 
_struct_ref_seq_dif.pdbx_seq_db_accession_code 
_struct_ref_seq_dif.db_mon_id 
_struct_ref_seq_dif.pdbx_seq_db_seq_num 
_struct_ref_seq_dif.details 
_struct_ref_seq_dif.pdbx_auth_seq_num 
_struct_ref_seq_dif.pdbx_ordinal 
1 9JUI GLY A 1 ? UNP Q9QY76 ? ? 'expression tag' -4 1 
1 9JUI PRO A 2 ? UNP Q9QY76 ? ? 'expression tag' -3 2 
1 9JUI LEU A 3 ? UNP Q9QY76 ? ? 'expression tag' -2 3 
1 9JUI GLY A 4 ? UNP Q9QY76 ? ? 'expression tag' -1 4 
1 9JUI SER A 5 ? UNP Q9QY76 ? ? 'expression tag' 0  5 
# 
_pdbx_struct_assembly.id                   1 
_pdbx_struct_assembly.details              author_and_software_defined_assembly 
_pdbx_struct_assembly.method_details       PISA 
_pdbx_struct_assembly.oligomeric_details   dimeric 
_pdbx_struct_assembly.oligomeric_count     2 
# 
loop_
_pdbx_struct_assembly_prop.biol_id 
_pdbx_struct_assembly_prop.type 
_pdbx_struct_assembly_prop.value 
_pdbx_struct_assembly_prop.details 
1 'ABSA (A^2)' 1480 ? 
1 MORE         -77  ? 
1 'SSA (A^2)'  8190 ? 
# 
_pdbx_struct_assembly_gen.assembly_id       1 
_pdbx_struct_assembly_gen.oper_expression   1 
_pdbx_struct_assembly_gen.asym_id_list      A,B,C,D,E,F,G 
# 
_pdbx_struct_assembly_auth_evidence.id                     1 
_pdbx_struct_assembly_auth_evidence.assembly_id            1 
_pdbx_struct_assembly_auth_evidence.experimental_support   'gel filtration' 
_pdbx_struct_assembly_auth_evidence.details                ? 
# 
_pdbx_struct_oper_list.id                   1 
_pdbx_struct_oper_list.type                 'identity operation' 
_pdbx_struct_oper_list.name                 1_555 
_pdbx_struct_oper_list.symmetry_operation   x,y,z 
_pdbx_struct_oper_list.matrix[1][1]         1.0000000000 
_pdbx_struct_oper_list.matrix[1][2]         0.0000000000 
_pdbx_struct_oper_list.matrix[1][3]         0.0000000000 
_pdbx_struct_oper_list.vector[1]            0.0000000000 
_pdbx_struct_oper_list.matrix[2][1]         0.0000000000 
_pdbx_struct_oper_list.matrix[2][2]         1.0000000000 
_pdbx_struct_oper_list.matrix[2][3]         0.0000000000 
_pdbx_struct_oper_list.vector[2]            0.0000000000 
_pdbx_struct_oper_list.matrix[3][1]         0.0000000000 
_pdbx_struct_oper_list.matrix[3][2]         0.0000000000 
_pdbx_struct_oper_list.matrix[3][3]         1.0000000000 
_pdbx_struct_oper_list.vector[3]            0.0000000000 
# 
loop_
_struct_conf.conf_type_id 
_struct_conf.id 
_struct_conf.pdbx_PDB_helix_id 
_struct_conf.beg_label_comp_id 
_struct_conf.beg_label_asym_id 
_struct_conf.beg_label_seq_id 
_struct_conf.pdbx_beg_PDB_ins_code 
_struct_conf.end_label_comp_id 
_struct_conf.end_label_asym_id 
_struct_conf.end_label_seq_id 
_struct_conf.pdbx_end_PDB_ins_code 
_struct_conf.beg_auth_comp_id 
_struct_conf.beg_auth_asym_id 
_struct_conf.beg_auth_seq_id 
_struct_conf.end_auth_comp_id 
_struct_conf.end_auth_asym_id 
_struct_conf.end_auth_seq_id 
_struct_conf.pdbx_PDB_helix_class 
_struct_conf.details 
_struct_conf.pdbx_PDB_helix_length 
HELX_P HELX_P1 AA1 VAL A 53  ? ARG A 55  ? VAL A 48  ARG A 50  5 ? 3 
HELX_P HELX_P2 AA2 GLU A 108 ? GLU A 113 ? GLU A 103 GLU A 108 1 ? 6 
HELX_P HELX_P3 AA3 LYS A 115 ? LEU A 119 ? LYS A 110 LEU A 114 5 ? 5 
# 
_struct_conf_type.id          HELX_P 
_struct_conf_type.criteria    ? 
_struct_conf_type.reference   ? 
# 
loop_
_struct_conn.id 
_struct_conn.conn_type_id 
_struct_conn.pdbx_leaving_atom_flag 
_struct_conn.pdbx_PDB_id 
_struct_conn.ptnr1_label_asym_id 
_struct_conn.ptnr1_label_comp_id 
_struct_conn.ptnr1_label_seq_id 
_struct_conn.ptnr1_label_atom_id 
_struct_conn.pdbx_ptnr1_label_alt_id 
_struct_conn.pdbx_ptnr1_PDB_ins_code 
_struct_conn.pdbx_ptnr1_standard_comp_id 
_struct_conn.ptnr1_symmetry 
_struct_conn.ptnr2_label_asym_id 
_struct_conn.ptnr2_label_comp_id 
_struct_conn.ptnr2_label_seq_id 
_struct_conn.ptnr2_label_atom_id 
_struct_conn.pdbx_ptnr2_label_alt_id 
_struct_conn.pdbx_ptnr2_PDB_ins_code 
_struct_conn.ptnr1_auth_asym_id 
_struct_conn.ptnr1_auth_comp_id 
_struct_conn.ptnr1_auth_seq_id 
_struct_conn.ptnr2_auth_asym_id 
_struct_conn.ptnr2_auth_comp_id 
_struct_conn.ptnr2_auth_seq_id 
_struct_conn.ptnr2_symmetry 
_struct_conn.pdbx_ptnr3_label_atom_id 
_struct_conn.pdbx_ptnr3_label_seq_id 
_struct_conn.pdbx_ptnr3_label_comp_id 
_struct_conn.pdbx_ptnr3_label_asym_id 
_struct_conn.pdbx_ptnr3_label_alt_id 
_struct_conn.pdbx_ptnr3_PDB_ins_code 
_struct_conn.details 
_struct_conn.pdbx_dist_value 
_struct_conn.pdbx_value_order 
_struct_conn.pdbx_role 
metalc1  metalc ? ? A ASP 29  OD1 ? ? ? 1_555 E ZN  .  ZN ? ? A ASP 24  B ZN  401 4_455 ? ? ? ? ? ? ? 1.996 ? ? 
metalc2  metalc ? ? A ASP 29  OD2 ? ? ? 1_555 E ZN  .  ZN ? ? A ASP 24  B ZN  401 4_455 ? ? ? ? ? ? ? 1.994 ? ? 
metalc3  metalc ? ? A ASP 42  OD1 ? ? ? 1_555 D ZN  .  ZN ? ? A ASP 37  A ZN  202 5_785 ? ? ? ? ? ? ? 1.987 ? ? 
metalc4  metalc ? ? A ASP 42  OD2 ? ? ? 1_555 D ZN  .  ZN ? ? A ASP 37  A ZN  202 5_785 ? ? ? ? ? ? ? 1.992 ? ? 
metalc5  metalc ? ? A CYS 58  SG  ? ? ? 1_555 C ZN  .  ZN ? ? A CYS 53  A ZN  201 1_555 ? ? ? ? ? ? ? 2.310 ? ? 
metalc6  metalc ? ? A CYS 58  SG  ? ? ? 1_555 D ZN  .  ZN ? ? A CYS 53  A ZN  202 1_555 ? ? ? ? ? ? ? 2.309 ? ? 
metalc7  metalc ? ? A ASP 103 OD1 ? ? ? 1_555 E ZN  .  ZN ? ? A ASP 98  B ZN  401 3_685 ? ? ? ? ? ? ? 1.993 ? ? 
metalc8  metalc ? ? A ASP 103 OD2 ? ? ? 1_555 E ZN  .  ZN ? ? A ASP 98  B ZN  401 3_685 ? ? ? ? ? ? ? 1.997 ? ? 
metalc9  metalc ? ? C ZN  .   ZN  ? ? ? 1_555 F HOH .  O  ? ? A ZN  201 A HOH 307 5_685 ? ? ? ? ? ? ? 2.091 ? ? 
metalc10 metalc ? ? C ZN  .   ZN  ? ? ? 1_555 B GLU 10 O  ? ? A ZN  201 B GLU 355 1_555 ? ? ? ? ? ? ? 1.991 ? ? 
metalc11 metalc ? ? C ZN  .   ZN  ? ? ? 1_555 G HOH .  O  ? ? A ZN  201 B HOH 507 1_555 ? ? ? ? ? ? ? 2.090 ? ? 
metalc12 metalc ? ? D ZN  .   ZN  ? ? ? 1_555 F HOH .  O  ? ? A ZN  202 A HOH 307 5_685 ? ? ? ? ? ? ? 2.091 ? ? 
metalc13 metalc ? ? D ZN  .   ZN  ? ? ? 1_555 F HOH .  O  ? ? A ZN  202 A HOH 318 5_685 ? ? ? ? ? ? ? 2.089 ? ? 
metalc14 metalc ? ? B HIS 9   NE2 ? ? ? 1_555 E ZN  .  ZN ? ? B HIS 354 B ZN  401 1_555 ? ? ? ? ? ? ? 2.032 ? ? 
# 
_struct_conn_type.id          metalc 
_struct_conn_type.criteria    ? 
_struct_conn_type.reference   ? 
# 
loop_
_pdbx_struct_conn_angle.id 
_pdbx_struct_conn_angle.ptnr1_label_atom_id 
_pdbx_struct_conn_angle.ptnr1_label_alt_id 
_pdbx_struct_conn_angle.ptnr1_label_asym_id 
_pdbx_struct_conn_angle.ptnr1_label_comp_id 
_pdbx_struct_conn_angle.ptnr1_label_seq_id 
_pdbx_struct_conn_angle.ptnr1_auth_atom_id 
_pdbx_struct_conn_angle.ptnr1_auth_asym_id 
_pdbx_struct_conn_angle.ptnr1_auth_comp_id 
_pdbx_struct_conn_angle.ptnr1_auth_seq_id 
_pdbx_struct_conn_angle.ptnr1_PDB_ins_code 
_pdbx_struct_conn_angle.ptnr1_symmetry 
_pdbx_struct_conn_angle.ptnr2_label_atom_id 
_pdbx_struct_conn_angle.ptnr2_label_alt_id 
_pdbx_struct_conn_angle.ptnr2_label_asym_id 
_pdbx_struct_conn_angle.ptnr2_label_comp_id 
_pdbx_struct_conn_angle.ptnr2_label_seq_id 
_pdbx_struct_conn_angle.ptnr2_auth_atom_id 
_pdbx_struct_conn_angle.ptnr2_auth_asym_id 
_pdbx_struct_conn_angle.ptnr2_auth_comp_id 
_pdbx_struct_conn_angle.ptnr2_auth_seq_id 
_pdbx_struct_conn_angle.ptnr2_PDB_ins_code 
_pdbx_struct_conn_angle.ptnr2_symmetry 
_pdbx_struct_conn_angle.ptnr3_label_atom_id 
_pdbx_struct_conn_angle.ptnr3_label_alt_id 
_pdbx_struct_conn_angle.ptnr3_label_asym_id 
_pdbx_struct_conn_angle.ptnr3_label_comp_id 
_pdbx_struct_conn_angle.ptnr3_label_seq_id 
_pdbx_struct_conn_angle.ptnr3_auth_atom_id 
_pdbx_struct_conn_angle.ptnr3_auth_asym_id 
_pdbx_struct_conn_angle.ptnr3_auth_comp_id 
_pdbx_struct_conn_angle.ptnr3_auth_seq_id 
_pdbx_struct_conn_angle.ptnr3_PDB_ins_code 
_pdbx_struct_conn_angle.ptnr3_symmetry 
_pdbx_struct_conn_angle.value 
_pdbx_struct_conn_angle.value_esd 
1  OD1 ? A ASP 29  ? A ASP 24  ? 1_555 ZN ? E ZN . ? B ZN 401 ? 4_455 OD2 ? A ASP 29  ? A ASP 24  ? 1_555 66.4  ? 
2  OD1 ? A ASP 29  ? A ASP 24  ? 1_555 ZN ? E ZN . ? B ZN 401 ? 4_455 OD1 ? A ASP 103 ? A ASP 98  ? 1_555 40.2  ? 
3  OD2 ? A ASP 29  ? A ASP 24  ? 1_555 ZN ? E ZN . ? B ZN 401 ? 4_455 OD1 ? A ASP 103 ? A ASP 98  ? 1_555 65.4  ? 
4  OD1 ? A ASP 29  ? A ASP 24  ? 1_555 ZN ? E ZN . ? B ZN 401 ? 4_455 OD2 ? A ASP 103 ? A ASP 98  ? 1_555 38.5  ? 
5  OD2 ? A ASP 29  ? A ASP 24  ? 1_555 ZN ? E ZN . ? B ZN 401 ? 4_455 OD2 ? A ASP 103 ? A ASP 98  ? 1_555 64.5  ? 
6  OD1 ? A ASP 103 ? A ASP 98  ? 1_555 ZN ? E ZN . ? B ZN 401 ? 4_455 OD2 ? A ASP 103 ? A ASP 98  ? 1_555 1.8   ? 
7  OD1 ? A ASP 29  ? A ASP 24  ? 1_555 ZN ? E ZN . ? B ZN 401 ? 4_455 NE2 ? B HIS 9   ? B HIS 354 ? 1_555 12.4  ? 
8  OD2 ? A ASP 29  ? A ASP 24  ? 1_555 ZN ? E ZN . ? B ZN 401 ? 4_455 NE2 ? B HIS 9   ? B HIS 354 ? 1_555 54.1  ? 
9  OD1 ? A ASP 103 ? A ASP 98  ? 1_555 ZN ? E ZN . ? B ZN 401 ? 4_455 NE2 ? B HIS 9   ? B HIS 354 ? 1_555 38.7  ? 
10 OD2 ? A ASP 103 ? A ASP 98  ? 1_555 ZN ? E ZN . ? B ZN 401 ? 4_455 NE2 ? B HIS 9   ? B HIS 354 ? 1_555 36.8  ? 
11 OD1 ? A ASP 42  ? A ASP 37  ? 1_555 ZN ? D ZN . ? A ZN 202 ? 5_785 OD2 ? A ASP 42  ? A ASP 37  ? 1_555 67.0  ? 
12 OD1 ? A ASP 42  ? A ASP 37  ? 1_555 ZN ? D ZN . ? A ZN 202 ? 5_785 SG  ? A CYS 58  ? A CYS 53  ? 1_555 39.3  ? 
13 OD2 ? A ASP 42  ? A ASP 37  ? 1_555 ZN ? D ZN . ? A ZN 202 ? 5_785 SG  ? A CYS 58  ? A CYS 53  ? 1_555 106.0 ? 
14 OD1 ? A ASP 42  ? A ASP 37  ? 1_555 ZN ? D ZN . ? A ZN 202 ? 5_785 O   ? F HOH .   ? A HOH 307 ? 5_685 33.7  ? 
15 OD2 ? A ASP 42  ? A ASP 37  ? 1_555 ZN ? D ZN . ? A ZN 202 ? 5_785 O   ? F HOH .   ? A HOH 307 ? 5_685 100.2 ? 
16 SG  ? A CYS 58  ? A CYS 53  ? 1_555 ZN ? D ZN . ? A ZN 202 ? 5_785 O   ? F HOH .   ? A HOH 307 ? 5_685 5.8   ? 
17 OD1 ? A ASP 42  ? A ASP 37  ? 1_555 ZN ? D ZN . ? A ZN 202 ? 5_785 O   ? F HOH .   ? A HOH 318 ? 5_685 35.5  ? 
18 OD2 ? A ASP 42  ? A ASP 37  ? 1_555 ZN ? D ZN . ? A ZN 202 ? 5_785 O   ? F HOH .   ? A HOH 318 ? 5_685 102.5 ? 
19 SG  ? A CYS 58  ? A CYS 53  ? 1_555 ZN ? D ZN . ? A ZN 202 ? 5_785 O   ? F HOH .   ? A HOH 318 ? 5_685 5.3   ? 
20 O   ? F HOH .   ? A HOH 307 ? 5_685 ZN ? D ZN . ? A ZN 202 ? 5_785 O   ? F HOH .   ? A HOH 318 ? 5_685 5.0   ? 
21 SG  ? A CYS 58  ? A CYS 53  ? 1_555 ZN ? C ZN . ? A ZN 201 ? 1_555 O   ? F HOH .   ? A HOH 307 ? 5_685 106.1 ? 
22 SG  ? A CYS 58  ? A CYS 53  ? 1_555 ZN ? C ZN . ? A ZN 201 ? 1_555 O   ? B GLU 10  ? B GLU 355 ? 1_555 92.8  ? 
23 O   ? F HOH .   ? A HOH 307 ? 5_685 ZN ? C ZN . ? A ZN 201 ? 1_555 O   ? B GLU 10  ? B GLU 355 ? 1_555 116.1 ? 
24 SG  ? A CYS 58  ? A CYS 53  ? 1_555 ZN ? C ZN . ? A ZN 201 ? 1_555 O   ? G HOH .   ? B HOH 507 ? 1_555 126.6 ? 
25 O   ? F HOH .   ? A HOH 307 ? 5_685 ZN ? C ZN . ? A ZN 201 ? 1_555 O   ? G HOH .   ? B HOH 507 ? 1_555 115.7 ? 
26 O   ? B GLU 10  ? B GLU 355 ? 1_555 ZN ? C ZN . ? A ZN 201 ? 1_555 O   ? G HOH .   ? B HOH 507 ? 1_555 97.1  ? 
# 
loop_
_struct_mon_prot_cis.pdbx_id 
_struct_mon_prot_cis.label_comp_id 
_struct_mon_prot_cis.label_seq_id 
_struct_mon_prot_cis.label_asym_id 
_struct_mon_prot_cis.label_alt_id 
_struct_mon_prot_cis.pdbx_PDB_ins_code 
_struct_mon_prot_cis.auth_comp_id 
_struct_mon_prot_cis.auth_seq_id 
_struct_mon_prot_cis.auth_asym_id 
_struct_mon_prot_cis.pdbx_label_comp_id_2 
_struct_mon_prot_cis.pdbx_label_seq_id_2 
_struct_mon_prot_cis.pdbx_label_asym_id_2 
_struct_mon_prot_cis.pdbx_PDB_ins_code_2 
_struct_mon_prot_cis.pdbx_auth_comp_id_2 
_struct_mon_prot_cis.pdbx_auth_seq_id_2 
_struct_mon_prot_cis.pdbx_auth_asym_id_2 
_struct_mon_prot_cis.pdbx_PDB_model_num 
_struct_mon_prot_cis.pdbx_omega_angle 
1 GLU 16 A . ? GLU 11 A PRO 17 A ? PRO 12 A 1 15.60 
2 GLY 25 A . ? GLY 20 A PRO 26 A ? PRO 21 A 1 23.87 
3 ARG 60 A . ? ARG 55 A PRO 61 A ? PRO 56 A 1 -3.07 
# 
loop_
_struct_sheet.id 
_struct_sheet.type 
_struct_sheet.number_strands 
_struct_sheet.details 
AA1 ? 4 ? 
AA2 ? 5 ? 
AA3 ? 5 ? 
# 
loop_
_struct_sheet_order.sheet_id 
_struct_sheet_order.range_id_1 
_struct_sheet_order.range_id_2 
_struct_sheet_order.offset 
_struct_sheet_order.sense 
AA1 1 2 ? anti-parallel 
AA1 2 3 ? anti-parallel 
AA1 3 4 ? anti-parallel 
AA2 1 2 ? parallel      
AA2 2 3 ? anti-parallel 
AA2 3 4 ? anti-parallel 
AA2 4 5 ? anti-parallel 
AA3 1 2 ? parallel      
AA3 2 3 ? anti-parallel 
AA3 3 4 ? anti-parallel 
AA3 4 5 ? anti-parallel 
# 
loop_
_struct_sheet_range.sheet_id 
_struct_sheet_range.id 
_struct_sheet_range.beg_label_comp_id 
_struct_sheet_range.beg_label_asym_id 
_struct_sheet_range.beg_label_seq_id 
_struct_sheet_range.pdbx_beg_PDB_ins_code 
_struct_sheet_range.end_label_comp_id 
_struct_sheet_range.end_label_asym_id 
_struct_sheet_range.end_label_seq_id 
_struct_sheet_range.pdbx_end_PDB_ins_code 
_struct_sheet_range.beg_auth_comp_id 
_struct_sheet_range.beg_auth_asym_id 
_struct_sheet_range.beg_auth_seq_id 
_struct_sheet_range.end_auth_comp_id 
_struct_sheet_range.end_auth_asym_id 
_struct_sheet_range.end_auth_seq_id 
AA1 1 SER A 14  ? GLU A 16  ? SER A 9   GLU A 11  
AA1 2 VAL A 31  ? ASN A 39  ? VAL A 26  ASN A 34  
AA1 3 ALA A 70  ? LEU A 78  ? ALA A 65  LEU A 73  
AA1 4 TYR A 57  ? ARG A 60  ? TYR A 52  ARG A 55  
AA2 1 GLU A 20  ? ARG A 24  ? GLU A 15  ARG A 19  
AA2 2 MET A 120 ? GLU A 129 ? MET A 115 GLU A 124 
AA2 3 LYS A 92  ? PHE A 99  ? LYS A 87  PHE A 94  
AA2 4 VAL A 45  ? THR A 51  ? VAL A 40  THR A 46  
AA2 5 SER A 63  ? ILE A 66  ? SER A 58  ILE A 61  
AA3 1 GLU A 20  ? ARG A 24  ? GLU A 15  ARG A 19  
AA3 2 MET A 120 ? GLU A 129 ? MET A 115 GLU A 124 
AA3 3 LYS A 92  ? PHE A 99  ? LYS A 87  PHE A 94  
AA3 4 VAL A 45  ? THR A 51  ? VAL A 40  THR A 46  
AA3 5 PHE B 6   ? ASP B 7   ? PHE B 351 ASP B 352 
# 
loop_
_pdbx_struct_sheet_hbond.sheet_id 
_pdbx_struct_sheet_hbond.range_id_1 
_pdbx_struct_sheet_hbond.range_id_2 
_pdbx_struct_sheet_hbond.range_1_label_atom_id 
_pdbx_struct_sheet_hbond.range_1_label_comp_id 
_pdbx_struct_sheet_hbond.range_1_label_asym_id 
_pdbx_struct_sheet_hbond.range_1_label_seq_id 
_pdbx_struct_sheet_hbond.range_1_PDB_ins_code 
_pdbx_struct_sheet_hbond.range_1_auth_atom_id 
_pdbx_struct_sheet_hbond.range_1_auth_comp_id 
_pdbx_struct_sheet_hbond.range_1_auth_asym_id 
_pdbx_struct_sheet_hbond.range_1_auth_seq_id 
_pdbx_struct_sheet_hbond.range_2_label_atom_id 
_pdbx_struct_sheet_hbond.range_2_label_comp_id 
_pdbx_struct_sheet_hbond.range_2_label_asym_id 
_pdbx_struct_sheet_hbond.range_2_label_seq_id 
_pdbx_struct_sheet_hbond.range_2_PDB_ins_code 
_pdbx_struct_sheet_hbond.range_2_auth_atom_id 
_pdbx_struct_sheet_hbond.range_2_auth_comp_id 
_pdbx_struct_sheet_hbond.range_2_auth_asym_id 
_pdbx_struct_sheet_hbond.range_2_auth_seq_id 
AA1 1 2 N GLU A 16  ? N GLU A 11  O LYS A 36  ? O LYS A 31  
AA1 2 3 N ASN A 39  ? N ASN A 34  O ALA A 70  ? O ALA A 65  
AA1 3 4 O SER A 75  ? O SER A 70  N ARG A 60  ? N ARG A 55  
AA2 1 2 N PHE A 23  ? N PHE A 18  O VAL A 127 ? O VAL A 122 
AA2 2 3 O LEU A 124 ? O LEU A 119 N PHE A 93  ? N PHE A 88  
AA2 3 4 O GLN A 96  ? O GLN A 91  N LYS A 48  ? N LYS A 43  
AA2 4 5 N VAL A 45  ? N VAL A 40  O ILE A 66  ? O ILE A 61  
AA3 1 2 N PHE A 23  ? N PHE A 18  O VAL A 127 ? O VAL A 122 
AA3 2 3 O LEU A 124 ? O LEU A 119 N PHE A 93  ? N PHE A 88  
AA3 3 4 O GLN A 96  ? O GLN A 91  N LYS A 48  ? N LYS A 43  
AA3 4 5 N THR A 51  ? N THR A 46  O PHE B 6   ? O PHE B 351 
# 
_pdbx_entry_details.entry_id                   9JUI 
_pdbx_entry_details.nonpolymer_details         ? 
_pdbx_entry_details.sequence_details           ? 
_pdbx_entry_details.compound_details           ? 
_pdbx_entry_details.source_details             ? 
_pdbx_entry_details.has_ligand_of_interest     N 
_pdbx_entry_details.has_protein_modification   N 
# 
_pdbx_validate_torsion.id              1 
_pdbx_validate_torsion.PDB_model_num   1 
_pdbx_validate_torsion.auth_comp_id    GLU 
_pdbx_validate_torsion.auth_asym_id    A 
_pdbx_validate_torsion.auth_seq_id     5 
_pdbx_validate_torsion.PDB_ins_code    ? 
_pdbx_validate_torsion.label_alt_id    ? 
_pdbx_validate_torsion.phi             -48.47 
_pdbx_validate_torsion.psi             150.41 
# 
loop_
_pdbx_unobs_or_zero_occ_residues.id 
_pdbx_unobs_or_zero_occ_residues.PDB_model_num 
_pdbx_unobs_or_zero_occ_residues.polymer_flag 
_pdbx_unobs_or_zero_occ_residues.occupancy_flag 
_pdbx_unobs_or_zero_occ_residues.auth_asym_id 
_pdbx_unobs_or_zero_occ_residues.auth_comp_id 
_pdbx_unobs_or_zero_occ_residues.auth_seq_id 
_pdbx_unobs_or_zero_occ_residues.PDB_ins_code 
_pdbx_unobs_or_zero_occ_residues.label_asym_id 
_pdbx_unobs_or_zero_occ_residues.label_comp_id 
_pdbx_unobs_or_zero_occ_residues.label_seq_id 
1 1 Y 1 A GLY -4  ? A GLY 1   
2 1 Y 1 A PRO -3  ? A PRO 2   
3 1 Y 1 A LEU -2  ? A LEU 3   
4 1 Y 1 A GLY -1  ? A GLY 4   
5 1 Y 1 A SER 0   ? A SER 5   
6 1 Y 1 A SER 100 ? A SER 105 
7 1 Y 1 A ASP 101 ? A ASP 106 
8 1 Y 1 B SER 346 ? B SER 1   
# 
loop_
_chem_comp_atom.comp_id 
_chem_comp_atom.atom_id 
_chem_comp_atom.type_symbol 
_chem_comp_atom.pdbx_aromatic_flag 
_chem_comp_atom.pdbx_stereo_config 
_chem_comp_atom.pdbx_ordinal 
ALA N    N  N N 1   
ALA CA   C  N S 2   
ALA C    C  N N 3   
ALA O    O  N N 4   
ALA CB   C  N N 5   
ALA OXT  O  N N 6   
ALA H    H  N N 7   
ALA H2   H  N N 8   
ALA HA   H  N N 9   
ALA HB1  H  N N 10  
ALA HB2  H  N N 11  
ALA HB3  H  N N 12  
ALA HXT  H  N N 13  
ARG N    N  N N 14  
ARG CA   C  N S 15  
ARG C    C  N N 16  
ARG O    O  N N 17  
ARG CB   C  N N 18  
ARG CG   C  N N 19  
ARG CD   C  N N 20  
ARG NE   N  N N 21  
ARG CZ   C  N N 22  
ARG NH1  N  N N 23  
ARG NH2  N  N N 24  
ARG OXT  O  N N 25  
ARG H    H  N N 26  
ARG H2   H  N N 27  
ARG HA   H  N N 28  
ARG HB2  H  N N 29  
ARG HB3  H  N N 30  
ARG HG2  H  N N 31  
ARG HG3  H  N N 32  
ARG HD2  H  N N 33  
ARG HD3  H  N N 34  
ARG HE   H  N N 35  
ARG HH11 H  N N 36  
ARG HH12 H  N N 37  
ARG HH21 H  N N 38  
ARG HH22 H  N N 39  
ARG HXT  H  N N 40  
ASN N    N  N N 41  
ASN CA   C  N S 42  
ASN C    C  N N 43  
ASN O    O  N N 44  
ASN CB   C  N N 45  
ASN CG   C  N N 46  
ASN OD1  O  N N 47  
ASN ND2  N  N N 48  
ASN OXT  O  N N 49  
ASN H    H  N N 50  
ASN H2   H  N N 51  
ASN HA   H  N N 52  
ASN HB2  H  N N 53  
ASN HB3  H  N N 54  
ASN HD21 H  N N 55  
ASN HD22 H  N N 56  
ASN HXT  H  N N 57  
ASP N    N  N N 58  
ASP CA   C  N S 59  
ASP C    C  N N 60  
ASP O    O  N N 61  
ASP CB   C  N N 62  
ASP CG   C  N N 63  
ASP OD1  O  N N 64  
ASP OD2  O  N N 65  
ASP OXT  O  N N 66  
ASP H    H  N N 67  
ASP H2   H  N N 68  
ASP HA   H  N N 69  
ASP HB2  H  N N 70  
ASP HB3  H  N N 71  
ASP HD2  H  N N 72  
ASP HXT  H  N N 73  
CYS N    N  N N 74  
CYS CA   C  N R 75  
CYS C    C  N N 76  
CYS O    O  N N 77  
CYS CB   C  N N 78  
CYS SG   S  N N 79  
CYS OXT  O  N N 80  
CYS H    H  N N 81  
CYS H2   H  N N 82  
CYS HA   H  N N 83  
CYS HB2  H  N N 84  
CYS HB3  H  N N 85  
CYS HG   H  N N 86  
CYS HXT  H  N N 87  
GLN N    N  N N 88  
GLN CA   C  N S 89  
GLN C    C  N N 90  
GLN O    O  N N 91  
GLN CB   C  N N 92  
GLN CG   C  N N 93  
GLN CD   C  N N 94  
GLN OE1  O  N N 95  
GLN NE2  N  N N 96  
GLN OXT  O  N N 97  
GLN H    H  N N 98  
GLN H2   H  N N 99  
GLN HA   H  N N 100 
GLN HB2  H  N N 101 
GLN HB3  H  N N 102 
GLN HG2  H  N N 103 
GLN HG3  H  N N 104 
GLN HE21 H  N N 105 
GLN HE22 H  N N 106 
GLN HXT  H  N N 107 
GLU N    N  N N 108 
GLU CA   C  N S 109 
GLU C    C  N N 110 
GLU O    O  N N 111 
GLU CB   C  N N 112 
GLU CG   C  N N 113 
GLU CD   C  N N 114 
GLU OE1  O  N N 115 
GLU OE2  O  N N 116 
GLU OXT  O  N N 117 
GLU H    H  N N 118 
GLU H2   H  N N 119 
GLU HA   H  N N 120 
GLU HB2  H  N N 121 
GLU HB3  H  N N 122 
GLU HG2  H  N N 123 
GLU HG3  H  N N 124 
GLU HE2  H  N N 125 
GLU HXT  H  N N 126 
GLY N    N  N N 127 
GLY CA   C  N N 128 
GLY C    C  N N 129 
GLY O    O  N N 130 
GLY OXT  O  N N 131 
GLY H    H  N N 132 
GLY H2   H  N N 133 
GLY HA2  H  N N 134 
GLY HA3  H  N N 135 
GLY HXT  H  N N 136 
HIS N    N  N N 137 
HIS CA   C  N S 138 
HIS C    C  N N 139 
HIS O    O  N N 140 
HIS CB   C  N N 141 
HIS CG   C  Y N 142 
HIS ND1  N  Y N 143 
HIS CD2  C  Y N 144 
HIS CE1  C  Y N 145 
HIS NE2  N  Y N 146 
HIS OXT  O  N N 147 
HIS H    H  N N 148 
HIS H2   H  N N 149 
HIS HA   H  N N 150 
HIS HB2  H  N N 151 
HIS HB3  H  N N 152 
HIS HD1  H  N N 153 
HIS HD2  H  N N 154 
HIS HE1  H  N N 155 
HIS HE2  H  N N 156 
HIS HXT  H  N N 157 
HOH O    O  N N 158 
HOH H1   H  N N 159 
HOH H2   H  N N 160 
ILE N    N  N N 161 
ILE CA   C  N S 162 
ILE C    C  N N 163 
ILE O    O  N N 164 
ILE CB   C  N S 165 
ILE CG1  C  N N 166 
ILE CG2  C  N N 167 
ILE CD1  C  N N 168 
ILE OXT  O  N N 169 
ILE H    H  N N 170 
ILE H2   H  N N 171 
ILE HA   H  N N 172 
ILE HB   H  N N 173 
ILE HG12 H  N N 174 
ILE HG13 H  N N 175 
ILE HG21 H  N N 176 
ILE HG22 H  N N 177 
ILE HG23 H  N N 178 
ILE HD11 H  N N 179 
ILE HD12 H  N N 180 
ILE HD13 H  N N 181 
ILE HXT  H  N N 182 
LEU N    N  N N 183 
LEU CA   C  N S 184 
LEU C    C  N N 185 
LEU O    O  N N 186 
LEU CB   C  N N 187 
LEU CG   C  N N 188 
LEU CD1  C  N N 189 
LEU CD2  C  N N 190 
LEU OXT  O  N N 191 
LEU H    H  N N 192 
LEU H2   H  N N 193 
LEU HA   H  N N 194 
LEU HB2  H  N N 195 
LEU HB3  H  N N 196 
LEU HG   H  N N 197 
LEU HD11 H  N N 198 
LEU HD12 H  N N 199 
LEU HD13 H  N N 200 
LEU HD21 H  N N 201 
LEU HD22 H  N N 202 
LEU HD23 H  N N 203 
LEU HXT  H  N N 204 
LYS N    N  N N 205 
LYS CA   C  N S 206 
LYS C    C  N N 207 
LYS O    O  N N 208 
LYS CB   C  N N 209 
LYS CG   C  N N 210 
LYS CD   C  N N 211 
LYS CE   C  N N 212 
LYS NZ   N  N N 213 
LYS OXT  O  N N 214 
LYS H    H  N N 215 
LYS H2   H  N N 216 
LYS HA   H  N N 217 
LYS HB2  H  N N 218 
LYS HB3  H  N N 219 
LYS HG2  H  N N 220 
LYS HG3  H  N N 221 
LYS HD2  H  N N 222 
LYS HD3  H  N N 223 
LYS HE2  H  N N 224 
LYS HE3  H  N N 225 
LYS HZ1  H  N N 226 
LYS HZ2  H  N N 227 
LYS HZ3  H  N N 228 
LYS HXT  H  N N 229 
MET N    N  N N 230 
MET CA   C  N S 231 
MET C    C  N N 232 
MET O    O  N N 233 
MET CB   C  N N 234 
MET CG   C  N N 235 
MET SD   S  N N 236 
MET CE   C  N N 237 
MET OXT  O  N N 238 
MET H    H  N N 239 
MET H2   H  N N 240 
MET HA   H  N N 241 
MET HB2  H  N N 242 
MET HB3  H  N N 243 
MET HG2  H  N N 244 
MET HG3  H  N N 245 
MET HE1  H  N N 246 
MET HE2  H  N N 247 
MET HE3  H  N N 248 
MET HXT  H  N N 249 
PHE N    N  N N 250 
PHE CA   C  N S 251 
PHE C    C  N N 252 
PHE O    O  N N 253 
PHE CB   C  N N 254 
PHE CG   C  Y N 255 
PHE CD1  C  Y N 256 
PHE CD2  C  Y N 257 
PHE CE1  C  Y N 258 
PHE CE2  C  Y N 259 
PHE CZ   C  Y N 260 
PHE OXT  O  N N 261 
PHE H    H  N N 262 
PHE H2   H  N N 263 
PHE HA   H  N N 264 
PHE HB2  H  N N 265 
PHE HB3  H  N N 266 
PHE HD1  H  N N 267 
PHE HD2  H  N N 268 
PHE HE1  H  N N 269 
PHE HE2  H  N N 270 
PHE HZ   H  N N 271 
PHE HXT  H  N N 272 
PRO N    N  N N 273 
PRO CA   C  N S 274 
PRO C    C  N N 275 
PRO O    O  N N 276 
PRO CB   C  N N 277 
PRO CG   C  N N 278 
PRO CD   C  N N 279 
PRO OXT  O  N N 280 
PRO H    H  N N 281 
PRO HA   H  N N 282 
PRO HB2  H  N N 283 
PRO HB3  H  N N 284 
PRO HG2  H  N N 285 
PRO HG3  H  N N 286 
PRO HD2  H  N N 287 
PRO HD3  H  N N 288 
PRO HXT  H  N N 289 
SER N    N  N N 290 
SER CA   C  N S 291 
SER C    C  N N 292 
SER O    O  N N 293 
SER CB   C  N N 294 
SER OG   O  N N 295 
SER OXT  O  N N 296 
SER H    H  N N 297 
SER H2   H  N N 298 
SER HA   H  N N 299 
SER HB2  H  N N 300 
SER HB3  H  N N 301 
SER HG   H  N N 302 
SER HXT  H  N N 303 
THR N    N  N N 304 
THR CA   C  N S 305 
THR C    C  N N 306 
THR O    O  N N 307 
THR CB   C  N R 308 
THR OG1  O  N N 309 
THR CG2  C  N N 310 
THR OXT  O  N N 311 
THR H    H  N N 312 
THR H2   H  N N 313 
THR HA   H  N N 314 
THR HB   H  N N 315 
THR HG1  H  N N 316 
THR HG21 H  N N 317 
THR HG22 H  N N 318 
THR HG23 H  N N 319 
THR HXT  H  N N 320 
TRP N    N  N N 321 
TRP CA   C  N S 322 
TRP C    C  N N 323 
TRP O    O  N N 324 
TRP CB   C  N N 325 
TRP CG   C  Y N 326 
TRP CD1  C  Y N 327 
TRP CD2  C  Y N 328 
TRP NE1  N  Y N 329 
TRP CE2  C  Y N 330 
TRP CE3  C  Y N 331 
TRP CZ2  C  Y N 332 
TRP CZ3  C  Y N 333 
TRP CH2  C  Y N 334 
TRP OXT  O  N N 335 
TRP H    H  N N 336 
TRP H2   H  N N 337 
TRP HA   H  N N 338 
TRP HB2  H  N N 339 
TRP HB3  H  N N 340 
TRP HD1  H  N N 341 
TRP HE1  H  N N 342 
TRP HE3  H  N N 343 
TRP HZ2  H  N N 344 
TRP HZ3  H  N N 345 
TRP HH2  H  N N 346 
TRP HXT  H  N N 347 
TYR N    N  N N 348 
TYR CA   C  N S 349 
TYR C    C  N N 350 
TYR O    O  N N 351 
TYR CB   C  N N 352 
TYR CG   C  Y N 353 
TYR CD1  C  Y N 354 
TYR CD2  C  Y N 355 
TYR CE1  C  Y N 356 
TYR CE2  C  Y N 357 
TYR CZ   C  Y N 358 
TYR OH   O  N N 359 
TYR OXT  O  N N 360 
TYR H    H  N N 361 
TYR H2   H  N N 362 
TYR HA   H  N N 363 
TYR HB2  H  N N 364 
TYR HB3  H  N N 365 
TYR HD1  H  N N 366 
TYR HD2  H  N N 367 
TYR HE1  H  N N 368 
TYR HE2  H  N N 369 
TYR HH   H  N N 370 
TYR HXT  H  N N 371 
VAL N    N  N N 372 
VAL CA   C  N S 373 
VAL C    C  N N 374 
VAL O    O  N N 375 
VAL CB   C  N N 376 
VAL CG1  C  N N 377 
VAL CG2  C  N N 378 
VAL OXT  O  N N 379 
VAL H    H  N N 380 
VAL H2   H  N N 381 
VAL HA   H  N N 382 
VAL HB   H  N N 383 
VAL HG11 H  N N 384 
VAL HG12 H  N N 385 
VAL HG13 H  N N 386 
VAL HG21 H  N N 387 
VAL HG22 H  N N 388 
VAL HG23 H  N N 389 
VAL HXT  H  N N 390 
ZN  ZN   ZN N N 391 
# 
loop_
_chem_comp_bond.comp_id 
_chem_comp_bond.atom_id_1 
_chem_comp_bond.atom_id_2 
_chem_comp_bond.value_order 
_chem_comp_bond.pdbx_aromatic_flag 
_chem_comp_bond.pdbx_stereo_config 
_chem_comp_bond.pdbx_ordinal 
ALA N   CA   sing N N 1   
ALA N   H    sing N N 2   
ALA N   H2   sing N N 3   
ALA CA  C    sing N N 4   
ALA CA  CB   sing N N 5   
ALA CA  HA   sing N N 6   
ALA C   O    doub N N 7   
ALA C   OXT  sing N N 8   
ALA CB  HB1  sing N N 9   
ALA CB  HB2  sing N N 10  
ALA CB  HB3  sing N N 11  
ALA OXT HXT  sing N N 12  
ARG N   CA   sing N N 13  
ARG N   H    sing N N 14  
ARG N   H2   sing N N 15  
ARG CA  C    sing N N 16  
ARG CA  CB   sing N N 17  
ARG CA  HA   sing N N 18  
ARG C   O    doub N N 19  
ARG C   OXT  sing N N 20  
ARG CB  CG   sing N N 21  
ARG CB  HB2  sing N N 22  
ARG CB  HB3  sing N N 23  
ARG CG  CD   sing N N 24  
ARG CG  HG2  sing N N 25  
ARG CG  HG3  sing N N 26  
ARG CD  NE   sing N N 27  
ARG CD  HD2  sing N N 28  
ARG CD  HD3  sing N N 29  
ARG NE  CZ   sing N N 30  
ARG NE  HE   sing N N 31  
ARG CZ  NH1  sing N N 32  
ARG CZ  NH2  doub N N 33  
ARG NH1 HH11 sing N N 34  
ARG NH1 HH12 sing N N 35  
ARG NH2 HH21 sing N N 36  
ARG NH2 HH22 sing N N 37  
ARG OXT HXT  sing N N 38  
ASN N   CA   sing N N 39  
ASN N   H    sing N N 40  
ASN N   H2   sing N N 41  
ASN CA  C    sing N N 42  
ASN CA  CB   sing N N 43  
ASN CA  HA   sing N N 44  
ASN C   O    doub N N 45  
ASN C   OXT  sing N N 46  
ASN CB  CG   sing N N 47  
ASN CB  HB2  sing N N 48  
ASN CB  HB3  sing N N 49  
ASN CG  OD1  doub N N 50  
ASN CG  ND2  sing N N 51  
ASN ND2 HD21 sing N N 52  
ASN ND2 HD22 sing N N 53  
ASN OXT HXT  sing N N 54  
ASP N   CA   sing N N 55  
ASP N   H    sing N N 56  
ASP N   H2   sing N N 57  
ASP CA  C    sing N N 58  
ASP CA  CB   sing N N 59  
ASP CA  HA   sing N N 60  
ASP C   O    doub N N 61  
ASP C   OXT  sing N N 62  
ASP CB  CG   sing N N 63  
ASP CB  HB2  sing N N 64  
ASP CB  HB3  sing N N 65  
ASP CG  OD1  doub N N 66  
ASP CG  OD2  sing N N 67  
ASP OD2 HD2  sing N N 68  
ASP OXT HXT  sing N N 69  
CYS N   CA   sing N N 70  
CYS N   H    sing N N 71  
CYS N   H2   sing N N 72  
CYS CA  C    sing N N 73  
CYS CA  CB   sing N N 74  
CYS CA  HA   sing N N 75  
CYS C   O    doub N N 76  
CYS C   OXT  sing N N 77  
CYS CB  SG   sing N N 78  
CYS CB  HB2  sing N N 79  
CYS CB  HB3  sing N N 80  
CYS SG  HG   sing N N 81  
CYS OXT HXT  sing N N 82  
GLN N   CA   sing N N 83  
GLN N   H    sing N N 84  
GLN N   H2   sing N N 85  
GLN CA  C    sing N N 86  
GLN CA  CB   sing N N 87  
GLN CA  HA   sing N N 88  
GLN C   O    doub N N 89  
GLN C   OXT  sing N N 90  
GLN CB  CG   sing N N 91  
GLN CB  HB2  sing N N 92  
GLN CB  HB3  sing N N 93  
GLN CG  CD   sing N N 94  
GLN CG  HG2  sing N N 95  
GLN CG  HG3  sing N N 96  
GLN CD  OE1  doub N N 97  
GLN CD  NE2  sing N N 98  
GLN NE2 HE21 sing N N 99  
GLN NE2 HE22 sing N N 100 
GLN OXT HXT  sing N N 101 
GLU N   CA   sing N N 102 
GLU N   H    sing N N 103 
GLU N   H2   sing N N 104 
GLU CA  C    sing N N 105 
GLU CA  CB   sing N N 106 
GLU CA  HA   sing N N 107 
GLU C   O    doub N N 108 
GLU C   OXT  sing N N 109 
GLU CB  CG   sing N N 110 
GLU CB  HB2  sing N N 111 
GLU CB  HB3  sing N N 112 
GLU CG  CD   sing N N 113 
GLU CG  HG2  sing N N 114 
GLU CG  HG3  sing N N 115 
GLU CD  OE1  doub N N 116 
GLU CD  OE2  sing N N 117 
GLU OE2 HE2  sing N N 118 
GLU OXT HXT  sing N N 119 
GLY N   CA   sing N N 120 
GLY N   H    sing N N 121 
GLY N   H2   sing N N 122 
GLY CA  C    sing N N 123 
GLY CA  HA2  sing N N 124 
GLY CA  HA3  sing N N 125 
GLY C   O    doub N N 126 
GLY C   OXT  sing N N 127 
GLY OXT HXT  sing N N 128 
HIS N   CA   sing N N 129 
HIS N   H    sing N N 130 
HIS N   H2   sing N N 131 
HIS CA  C    sing N N 132 
HIS CA  CB   sing N N 133 
HIS CA  HA   sing N N 134 
HIS C   O    doub N N 135 
HIS C   OXT  sing N N 136 
HIS CB  CG   sing N N 137 
HIS CB  HB2  sing N N 138 
HIS CB  HB3  sing N N 139 
HIS CG  ND1  sing Y N 140 
HIS CG  CD2  doub Y N 141 
HIS ND1 CE1  doub Y N 142 
HIS ND1 HD1  sing N N 143 
HIS CD2 NE2  sing Y N 144 
HIS CD2 HD2  sing N N 145 
HIS CE1 NE2  sing Y N 146 
HIS CE1 HE1  sing N N 147 
HIS NE2 HE2  sing N N 148 
HIS OXT HXT  sing N N 149 
HOH O   H1   sing N N 150 
HOH O   H2   sing N N 151 
ILE N   CA   sing N N 152 
ILE N   H    sing N N 153 
ILE N   H2   sing N N 154 
ILE CA  C    sing N N 155 
ILE CA  CB   sing N N 156 
ILE CA  HA   sing N N 157 
ILE C   O    doub N N 158 
ILE C   OXT  sing N N 159 
ILE CB  CG1  sing N N 160 
ILE CB  CG2  sing N N 161 
ILE CB  HB   sing N N 162 
ILE CG1 CD1  sing N N 163 
ILE CG1 HG12 sing N N 164 
ILE CG1 HG13 sing N N 165 
ILE CG2 HG21 sing N N 166 
ILE CG2 HG22 sing N N 167 
ILE CG2 HG23 sing N N 168 
ILE CD1 HD11 sing N N 169 
ILE CD1 HD12 sing N N 170 
ILE CD1 HD13 sing N N 171 
ILE OXT HXT  sing N N 172 
LEU N   CA   sing N N 173 
LEU N   H    sing N N 174 
LEU N   H2   sing N N 175 
LEU CA  C    sing N N 176 
LEU CA  CB   sing N N 177 
LEU CA  HA   sing N N 178 
LEU C   O    doub N N 179 
LEU C   OXT  sing N N 180 
LEU CB  CG   sing N N 181 
LEU CB  HB2  sing N N 182 
LEU CB  HB3  sing N N 183 
LEU CG  CD1  sing N N 184 
LEU CG  CD2  sing N N 185 
LEU CG  HG   sing N N 186 
LEU CD1 HD11 sing N N 187 
LEU CD1 HD12 sing N N 188 
LEU CD1 HD13 sing N N 189 
LEU CD2 HD21 sing N N 190 
LEU CD2 HD22 sing N N 191 
LEU CD2 HD23 sing N N 192 
LEU OXT HXT  sing N N 193 
LYS N   CA   sing N N 194 
LYS N   H    sing N N 195 
LYS N   H2   sing N N 196 
LYS CA  C    sing N N 197 
LYS CA  CB   sing N N 198 
LYS CA  HA   sing N N 199 
LYS C   O    doub N N 200 
LYS C   OXT  sing N N 201 
LYS CB  CG   sing N N 202 
LYS CB  HB2  sing N N 203 
LYS CB  HB3  sing N N 204 
LYS CG  CD   sing N N 205 
LYS CG  HG2  sing N N 206 
LYS CG  HG3  sing N N 207 
LYS CD  CE   sing N N 208 
LYS CD  HD2  sing N N 209 
LYS CD  HD3  sing N N 210 
LYS CE  NZ   sing N N 211 
LYS CE  HE2  sing N N 212 
LYS CE  HE3  sing N N 213 
LYS NZ  HZ1  sing N N 214 
LYS NZ  HZ2  sing N N 215 
LYS NZ  HZ3  sing N N 216 
LYS OXT HXT  sing N N 217 
MET N   CA   sing N N 218 
MET N   H    sing N N 219 
MET N   H2   sing N N 220 
MET CA  C    sing N N 221 
MET CA  CB   sing N N 222 
MET CA  HA   sing N N 223 
MET C   O    doub N N 224 
MET C   OXT  sing N N 225 
MET CB  CG   sing N N 226 
MET CB  HB2  sing N N 227 
MET CB  HB3  sing N N 228 
MET CG  SD   sing N N 229 
MET CG  HG2  sing N N 230 
MET CG  HG3  sing N N 231 
MET SD  CE   sing N N 232 
MET CE  HE1  sing N N 233 
MET CE  HE2  sing N N 234 
MET CE  HE3  sing N N 235 
MET OXT HXT  sing N N 236 
PHE N   CA   sing N N 237 
PHE N   H    sing N N 238 
PHE N   H2   sing N N 239 
PHE CA  C    sing N N 240 
PHE CA  CB   sing N N 241 
PHE CA  HA   sing N N 242 
PHE C   O    doub N N 243 
PHE C   OXT  sing N N 244 
PHE CB  CG   sing N N 245 
PHE CB  HB2  sing N N 246 
PHE CB  HB3  sing N N 247 
PHE CG  CD1  doub Y N 248 
PHE CG  CD2  sing Y N 249 
PHE CD1 CE1  sing Y N 250 
PHE CD1 HD1  sing N N 251 
PHE CD2 CE2  doub Y N 252 
PHE CD2 HD2  sing N N 253 
PHE CE1 CZ   doub Y N 254 
PHE CE1 HE1  sing N N 255 
PHE CE2 CZ   sing Y N 256 
PHE CE2 HE2  sing N N 257 
PHE CZ  HZ   sing N N 258 
PHE OXT HXT  sing N N 259 
PRO N   CA   sing N N 260 
PRO N   CD   sing N N 261 
PRO N   H    sing N N 262 
PRO CA  C    sing N N 263 
PRO CA  CB   sing N N 264 
PRO CA  HA   sing N N 265 
PRO C   O    doub N N 266 
PRO C   OXT  sing N N 267 
PRO CB  CG   sing N N 268 
PRO CB  HB2  sing N N 269 
PRO CB  HB3  sing N N 270 
PRO CG  CD   sing N N 271 
PRO CG  HG2  sing N N 272 
PRO CG  HG3  sing N N 273 
PRO CD  HD2  sing N N 274 
PRO CD  HD3  sing N N 275 
PRO OXT HXT  sing N N 276 
SER N   CA   sing N N 277 
SER N   H    sing N N 278 
SER N   H2   sing N N 279 
SER CA  C    sing N N 280 
SER CA  CB   sing N N 281 
SER CA  HA   sing N N 282 
SER C   O    doub N N 283 
SER C   OXT  sing N N 284 
SER CB  OG   sing N N 285 
SER CB  HB2  sing N N 286 
SER CB  HB3  sing N N 287 
SER OG  HG   sing N N 288 
SER OXT HXT  sing N N 289 
THR N   CA   sing N N 290 
THR N   H    sing N N 291 
THR N   H2   sing N N 292 
THR CA  C    sing N N 293 
THR CA  CB   sing N N 294 
THR CA  HA   sing N N 295 
THR C   O    doub N N 296 
THR C   OXT  sing N N 297 
THR CB  OG1  sing N N 298 
THR CB  CG2  sing N N 299 
THR CB  HB   sing N N 300 
THR OG1 HG1  sing N N 301 
THR CG2 HG21 sing N N 302 
THR CG2 HG22 sing N N 303 
THR CG2 HG23 sing N N 304 
THR OXT HXT  sing N N 305 
TRP N   CA   sing N N 306 
TRP N   H    sing N N 307 
TRP N   H2   sing N N 308 
TRP CA  C    sing N N 309 
TRP CA  CB   sing N N 310 
TRP CA  HA   sing N N 311 
TRP C   O    doub N N 312 
TRP C   OXT  sing N N 313 
TRP CB  CG   sing N N 314 
TRP CB  HB2  sing N N 315 
TRP CB  HB3  sing N N 316 
TRP CG  CD1  doub Y N 317 
TRP CG  CD2  sing Y N 318 
TRP CD1 NE1  sing Y N 319 
TRP CD1 HD1  sing N N 320 
TRP CD2 CE2  doub Y N 321 
TRP CD2 CE3  sing Y N 322 
TRP NE1 CE2  sing Y N 323 
TRP NE1 HE1  sing N N 324 
TRP CE2 CZ2  sing Y N 325 
TRP CE3 CZ3  doub Y N 326 
TRP CE3 HE3  sing N N 327 
TRP CZ2 CH2  doub Y N 328 
TRP CZ2 HZ2  sing N N 329 
TRP CZ3 CH2  sing Y N 330 
TRP CZ3 HZ3  sing N N 331 
TRP CH2 HH2  sing N N 332 
TRP OXT HXT  sing N N 333 
TYR N   CA   sing N N 334 
TYR N   H    sing N N 335 
TYR N   H2   sing N N 336 
TYR CA  C    sing N N 337 
TYR CA  CB   sing N N 338 
TYR CA  HA   sing N N 339 
TYR C   O    doub N N 340 
TYR C   OXT  sing N N 341 
TYR CB  CG   sing N N 342 
TYR CB  HB2  sing N N 343 
TYR CB  HB3  sing N N 344 
TYR CG  CD1  doub Y N 345 
TYR CG  CD2  sing Y N 346 
TYR CD1 CE1  sing Y N 347 
TYR CD1 HD1  sing N N 348 
TYR CD2 CE2  doub Y N 349 
TYR CD2 HD2  sing N N 350 
TYR CE1 CZ   doub Y N 351 
TYR CE1 HE1  sing N N 352 
TYR CE2 CZ   sing Y N 353 
TYR CE2 HE2  sing N N 354 
TYR CZ  OH   sing N N 355 
TYR OH  HH   sing N N 356 
TYR OXT HXT  sing N N 357 
VAL N   CA   sing N N 358 
VAL N   H    sing N N 359 
VAL N   H2   sing N N 360 
VAL CA  C    sing N N 361 
VAL CA  CB   sing N N 362 
VAL CA  HA   sing N N 363 
VAL C   O    doub N N 364 
VAL C   OXT  sing N N 365 
VAL CB  CG1  sing N N 366 
VAL CB  CG2  sing N N 367 
VAL CB  HB   sing N N 368 
VAL CG1 HG11 sing N N 369 
VAL CG1 HG12 sing N N 370 
VAL CG1 HG13 sing N N 371 
VAL CG2 HG21 sing N N 372 
VAL CG2 HG22 sing N N 373 
VAL CG2 HG23 sing N N 374 
VAL OXT HXT  sing N N 375 
# 
loop_
_pdbx_audit_support.funding_organization 
_pdbx_audit_support.country 
_pdbx_audit_support.grant_number 
_pdbx_audit_support.ordinal 
'National Research Foundation (NRF, Korea)' 'Korea, Republic Of' NRF-2021M3A9G8022417 1 
'National Research Foundation (NRF, Korea)' 'Korea, Republic Of' NRF-2021R1A2C2009550 2 
# 
_pdbx_initial_refinement_model.id               1 
_pdbx_initial_refinement_model.entity_id_list   ? 
_pdbx_initial_refinement_model.type             'experimental model' 
_pdbx_initial_refinement_model.source_name      PDB 
_pdbx_initial_refinement_model.accession_code   3IKK 
_pdbx_initial_refinement_model.details          ? 
# 
_atom_sites.entry_id                    9JUI 
_atom_sites.Cartn_transf_matrix[1][1]   ? 
_atom_sites.Cartn_transf_matrix[1][2]   ? 
_atom_sites.Cartn_transf_matrix[1][3]   ? 
_atom_sites.Cartn_transf_matrix[2][1]   ? 
_atom_sites.Cartn_transf_matrix[2][2]   ? 
_atom_sites.Cartn_transf_matrix[2][3]   ? 
_atom_sites.Cartn_transf_matrix[3][1]   ? 
_atom_sites.Cartn_transf_matrix[3][2]   ? 
_atom_sites.Cartn_transf_matrix[3][3]   ? 
_atom_sites.Cartn_transf_vector[1]      ? 
_atom_sites.Cartn_transf_vector[2]      ? 
_atom_sites.Cartn_transf_vector[3]      ? 
_atom_sites.Cartn_transform_axes        ? 
_atom_sites.fract_transf_matrix[1][1]   0.00049791 
_atom_sites.fract_transf_matrix[1][2]   -0.01932276 
_atom_sites.fract_transf_matrix[1][3]   -0.01007722 
_atom_sites.fract_transf_matrix[2][1]   -0.00835433 
_atom_sites.fract_transf_matrix[2][2]   -0.00206581 
_atom_sites.fract_transf_matrix[2][3]   -0.02002724 
_atom_sites.fract_transf_matrix[3][1]   0.01007901 
_atom_sites.fract_transf_matrix[3][2]   0.00259185 
_atom_sites.fract_transf_matrix[3][3]   -0.00447179 
_atom_sites.fract_transf_vector[1]      1.139941 
_atom_sites.fract_transf_vector[2]      1.413225 
_atom_sites.fract_transf_vector[3]      0.086562 
_atom_sites.solution_primary            ? 
_atom_sites.solution_secondary          ? 
_atom_sites.solution_hydrogens          ? 
_atom_sites.special_details             ? 
# 
loop_
_atom_type.symbol 
C  
N  
O  
S  
ZN 
# 
loop_
_atom_site.group_PDB 
_atom_site.id 
_atom_site.type_symbol 
_atom_site.label_atom_id 
_atom_site.label_alt_id 
_atom_site.label_comp_id 
_atom_site.label_asym_id 
_atom_site.label_entity_id 
_atom_site.label_seq_id 
_atom_site.pdbx_PDB_ins_code 
_atom_site.Cartn_x 
_atom_site.Cartn_y 
_atom_site.Cartn_z 
_atom_site.occupancy 
_atom_site.B_iso_or_equiv 
_atom_site.pdbx_formal_charge 
_atom_site.auth_seq_id 
_atom_site.auth_comp_id 
_atom_site.auth_asym_id 
_atom_site.auth_atom_id 
_atom_site.pdbx_PDB_model_num 
ATOM   1    N  N   . MET A 1 6   ? -1.700  -22.532 -7.671  1.00 42.29  ? 1   MET A N   1 
ATOM   2    C  CA  . MET A 1 6   ? -0.473  -21.790 -7.946  1.00 45.39  ? 1   MET A CA  1 
ATOM   3    C  C   . MET A 1 6   ? -0.060  -20.928 -6.755  1.00 38.87  ? 1   MET A C   1 
ATOM   4    O  O   . MET A 1 6   ? -0.877  -20.220 -6.162  1.00 48.92  ? 1   MET A O   1 
ATOM   5    C  CB  . MET A 1 6   ? -0.646  -20.922 -9.193  1.00 38.03  ? 1   MET A CB  1 
ATOM   6    C  CG  . MET A 1 6   ? -0.833  -21.699 -10.489 1.00 39.97  ? 1   MET A CG  1 
ATOM   7    S  SD  . MET A 1 6   ? 0.617   -22.673 -10.883 1.00 45.85  ? 1   MET A SD  1 
ATOM   8    C  CE  . MET A 1 6   ? 1.833   -21.362 -10.961 1.00 35.68  ? 1   MET A CE  1 
ATOM   9    N  N   . ALA A 1 7   ? 1.221   -20.999 -6.413  1.00 37.77  ? 2   ALA A N   1 
ATOM   10   C  CA  . ALA A 1 7   ? 1.762   -20.249 -5.290  1.00 39.06  ? 2   ALA A CA  1 
ATOM   11   C  C   . ALA A 1 7   ? 2.210   -18.870 -5.750  1.00 30.77  ? 2   ALA A C   1 
ATOM   12   O  O   . ALA A 1 7   ? 2.523   -18.672 -6.923  1.00 39.75  ? 2   ALA A O   1 
ATOM   13   C  CB  . ALA A 1 7   ? 2.916   -21.003 -4.658  1.00 25.90  ? 2   ALA A CB  1 
ATOM   14   N  N   . LYS A 1 8   ? 2.235   -17.915 -4.827  1.00 38.65  ? 3   LYS A N   1 
ATOM   15   C  CA  . LYS A 1 8   ? 2.652   -16.564 -5.170  1.00 38.81  ? 3   LYS A CA  1 
ATOM   16   C  C   . LYS A 1 8   ? 4.153   -16.380 -4.981  1.00 45.41  ? 3   LYS A C   1 
ATOM   17   O  O   . LYS A 1 8   ? 4.776   -17.046 -4.154  1.00 39.60  ? 3   LYS A O   1 
ATOM   18   C  CB  . LYS A 1 8   ? 1.883   -15.533 -4.344  1.00 32.95  ? 3   LYS A CB  1 
ATOM   19   C  CG  . LYS A 1 8   ? 0.620   -15.043 -5.030  1.00 39.74  ? 3   LYS A CG  1 
ATOM   20   C  CD  . LYS A 1 8   ? 0.002   -13.851 -4.322  1.00 31.79  ? 3   LYS A CD  1 
ATOM   21   C  CE  . LYS A 1 8   ? -1.151  -13.305 -5.139  1.00 37.45  ? 3   LYS A CE  1 
ATOM   22   N  NZ  . LYS A 1 8   ? -1.799  -12.107 -4.561  1.00 56.53  ? 3   LYS A NZ  1 
ATOM   23   N  N   . VAL A 1 9   ? 4.721   -15.470 -5.765  1.00 33.58  ? 4   VAL A N   1 
ATOM   24   C  CA  . VAL A 1 9   ? 6.150   -15.191 -5.743  1.00 25.92  ? 4   VAL A CA  1 
ATOM   25   C  C   . VAL A 1 9   ? 6.465   -14.136 -4.683  1.00 30.12  ? 4   VAL A C   1 
ATOM   26   O  O   . VAL A 1 9   ? 5.645   -13.257 -4.415  1.00 26.81  ? 4   VAL A O   1 
ATOM   27   C  CB  . VAL A 1 9   ? 6.637   -14.720 -7.140  1.00 26.85  ? 4   VAL A CB  1 
ATOM   28   C  CG1 . VAL A 1 9   ? 8.082   -14.241 -7.104  1.00 48.74  ? 4   VAL A CG1 1 
ATOM   29   C  CG2 . VAL A 1 9   ? 6.466   -15.833 -8.161  1.00 41.44  ? 4   VAL A CG2 1 
ATOM   30   N  N   . GLU A 1 10  ? 7.640   -14.250 -4.066  1.00 29.15  ? 5   GLU A N   1 
ATOM   31   C  CA  . GLU A 1 10  ? 8.135   -13.263 -3.110  1.00 26.41  ? 5   GLU A CA  1 
ATOM   32   C  C   . GLU A 1 10  ? 8.016   -11.833 -3.641  1.00 30.25  ? 5   GLU A C   1 
ATOM   33   O  O   . GLU A 1 10  ? 8.066   -11.601 -4.850  1.00 28.12  ? 5   GLU A O   1 
ATOM   34   C  CB  . GLU A 1 10  ? 9.593   -13.566 -2.753  1.00 34.22  ? 5   GLU A CB  1 
ATOM   35   C  CG  . GLU A 1 10  ? 10.601  -13.010 -3.751  1.00 50.11  ? 5   GLU A CG  1 
ATOM   36   C  CD  . GLU A 1 10  ? 12.008  -13.527 -3.529  1.00 57.74  ? 5   GLU A CD  1 
ATOM   37   O  OE1 . GLU A 1 10  ? 12.415  -13.681 -2.359  1.00 66.58  ? 5   GLU A OE1 1 
ATOM   38   O  OE2 . GLU A 1 10  ? 12.708  -13.772 -4.533  1.00 60.67  ? 5   GLU A OE2 1 
ATOM   39   N  N   . GLN A 1 11  ? 7.845   -10.879 -2.732  1.00 24.30  ? 6   GLN A N   1 
ATOM   40   C  CA  . GLN A 1 11  ? 7.734   -9.477  -3.118  1.00 23.29  ? 6   GLN A CA  1 
ATOM   41   C  C   . GLN A 1 11  ? 9.063   -8.953  -3.648  1.00 27.39  ? 6   GLN A C   1 
ATOM   42   O  O   . GLN A 1 11  ? 10.108  -9.139  -3.028  1.00 26.52  ? 6   GLN A O   1 
ATOM   43   C  CB  . GLN A 1 11  ? 7.268   -8.624  -1.939  1.00 22.50  ? 6   GLN A CB  1 
ATOM   44   C  CG  . GLN A 1 11  ? 7.251   -7.134  -2.232  1.00 30.64  ? 6   GLN A CG  1 
ATOM   45   C  CD  . GLN A 1 11  ? 6.207   -6.753  -3.262  1.00 19.56  ? 6   GLN A CD  1 
ATOM   46   O  OE1 . GLN A 1 11  ? 6.535   -6.255  -4.339  1.00 25.98  ? 6   GLN A OE1 1 
ATOM   47   N  NE2 . GLN A 1 11  ? 4.941   -6.980  -2.935  1.00 23.12  ? 6   GLN A NE2 1 
ATOM   48   N  N   . VAL A 1 12  ? 9.011   -8.300  -4.804  1.00 27.45  ? 7   VAL A N   1 
ATOM   49   C  CA  . VAL A 1 12  ? 10.204  -7.757  -5.438  1.00 26.51  ? 7   VAL A CA  1 
ATOM   50   C  C   . VAL A 1 12  ? 10.586  -6.405  -4.834  1.00 37.69  ? 7   VAL A C   1 
ATOM   51   O  O   . VAL A 1 12  ? 11.766  -6.127  -4.607  1.00 28.40  ? 7   VAL A O   1 
ATOM   52   C  CB  . VAL A 1 12  ? 10.000  -7.629  -6.965  1.00 29.68  ? 7   VAL A CB  1 
ATOM   53   C  CG1 . VAL A 1 12  ? 10.698  -6.398  -7.520  1.00 38.07  ? 7   VAL A CG1 1 
ATOM   54   C  CG2 . VAL A 1 12  ? 10.480  -8.890  -7.662  1.00 34.79  ? 7   VAL A CG2 1 
ATOM   55   N  N   . LEU A 1 13  ? 9.584   -5.578  -4.559  1.00 24.25  ? 8   LEU A N   1 
ATOM   56   C  CA  . LEU A 1 13  ? 9.818   -4.271  -3.957  1.00 26.86  ? 8   LEU A CA  1 
ATOM   57   C  C   . LEU A 1 13  ? 10.327  -4.396  -2.525  1.00 31.72  ? 8   LEU A C   1 
ATOM   58   O  O   . LEU A 1 13  ? 10.108  -5.409  -1.861  1.00 27.68  ? 8   LEU A O   1 
ATOM   59   C  CB  . LEU A 1 13  ? 8.539   -3.430  -3.973  1.00 29.24  ? 8   LEU A CB  1 
ATOM   60   C  CG  . LEU A 1 13  ? 7.919   -3.068  -5.323  1.00 26.14  ? 8   LEU A CG  1 
ATOM   61   C  CD1 . LEU A 1 13  ? 6.714   -2.160  -5.125  1.00 21.44  ? 8   LEU A CD1 1 
ATOM   62   C  CD2 . LEU A 1 13  ? 8.946   -2.409  -6.228  1.00 26.70  ? 8   LEU A CD2 1 
ATOM   63   N  N   . SER A 1 14  ? 11.013  -3.358  -2.059  1.00 23.32  ? 9   SER A N   1 
ATOM   64   C  CA  . SER A 1 14  ? 11.398  -3.253  -0.659  1.00 22.55  ? 9   SER A CA  1 
ATOM   65   C  C   . SER A 1 14  ? 10.462  -2.269  0.029   1.00 26.86  ? 9   SER A C   1 
ATOM   66   O  O   . SER A 1 14  ? 10.126  -1.233  -0.535  1.00 26.60  ? 9   SER A O   1 
ATOM   67   C  CB  . SER A 1 14  ? 12.854  -2.804  -0.522  1.00 32.14  ? 9   SER A CB  1 
ATOM   68   O  OG  . SER A 1 14  ? 13.023  -1.478  -0.991  1.00 34.83  ? 9   SER A OG  1 
ATOM   69   N  N   . LEU A 1 15  ? 10.032  -2.592  1.242   1.00 23.05  ? 10  LEU A N   1 
ATOM   70   C  CA  . LEU A 1 15  ? 9.075   -1.744  1.943   1.00 25.11  ? 10  LEU A CA  1 
ATOM   71   C  C   . LEU A 1 15  ? 9.666   -1.156  3.217   1.00 27.18  ? 10  LEU A C   1 
ATOM   72   O  O   . LEU A 1 15  ? 10.311  -1.861  3.994   1.00 28.15  ? 10  LEU A O   1 
ATOM   73   C  CB  . LEU A 1 15  ? 7.802   -2.528  2.276   1.00 28.93  ? 10  LEU A CB  1 
ATOM   74   C  CG  . LEU A 1 15  ? 6.707   -2.667  1.211   1.00 26.90  ? 10  LEU A CG  1 
ATOM   75   C  CD1 . LEU A 1 15  ? 7.190   -3.404  -0.032  1.00 28.60  ? 10  LEU A CD1 1 
ATOM   76   C  CD2 . LEU A 1 15  ? 5.486   -3.353  1.800   1.00 21.44  ? 10  LEU A CD2 1 
ATOM   77   N  N   . GLU A 1 16  ? 9.396   0.134   3.445   1.00 29.56  ? 11  GLU A N   1 
ATOM   78   C  CA  . GLU A 1 16  ? 9.866   0.803   4.686   1.00 32.10  ? 11  GLU A CA  1 
ATOM   79   C  C   . GLU A 1 16  ? 8.768   1.773   5.155   1.00 26.95  ? 11  GLU A C   1 
ATOM   80   O  O   . GLU A 1 16  ? 8.681   2.880   4.582   1.00 27.87  ? 11  GLU A O   1 
ATOM   81   C  CB  . GLU A 1 16  ? 11.187  1.529   4.438   1.00 33.50  ? 11  GLU A CB  1 
ATOM   82   C  CG  . GLU A 1 16  ? 11.755  2.183   5.694   1.00 44.10  ? 11  GLU A CG  1 
ATOM   83   C  CD  . GLU A 1 16  ? 11.901  1.224   6.861   1.00 61.98  ? 11  GLU A CD  1 
ATOM   84   O  OE1 . GLU A 1 16  ? 12.634  0.223   6.717   1.00 62.02  ? 11  GLU A OE1 1 
ATOM   85   O  OE2 . GLU A 1 16  ? 11.279  1.478   7.915   1.00 66.98  ? 11  GLU A OE2 1 
ATOM   86   N  N   . PRO A 1 17  ? 7.911   1.413   6.139   1.00 24.22  ? 12  PRO A N   1 
ATOM   87   C  CA  . PRO A 1 17  ? 8.152   0.280   7.024   1.00 26.67  ? 12  PRO A CA  1 
ATOM   88   C  C   . PRO A 1 17  ? 7.811   -1.053  6.375   1.00 28.41  ? 12  PRO A C   1 
ATOM   89   O  O   . PRO A 1 17  ? 7.256   -1.060  5.257   1.00 30.88  ? 12  PRO A O   1 
ATOM   90   C  CB  . PRO A 1 17  ? 7.252   0.571   8.242   1.00 30.96  ? 12  PRO A CB  1 
ATOM   91   C  CG  . PRO A 1 17  ? 6.668   1.942   7.972   1.00 33.12  ? 12  PRO A CG  1 
ATOM   92   C  CD  . PRO A 1 17  ? 6.682   2.104   6.463   1.00 30.68  ? 12  PRO A CD  1 
ATOM   93   N  N   . GLN A 1 18  ? 8.107   -2.160  7.061   1.00 26.75  ? 13  GLN A N   1 
ATOM   94   C  CA  . GLN A 1 18  ? 7.901   -3.468  6.451   1.00 36.93  ? 13  GLN A CA  1 
ATOM   95   C  C   . GLN A 1 18  ? 6.582   -4.122  6.850   1.00 39.67  ? 13  GLN A C   1 
ATOM   96   O  O   . GLN A 1 18  ? 5.914   -4.735  6.018   1.00 46.63  ? 13  GLN A O   1 
ATOM   97   C  CB  . GLN A 1 18  ? 9.060   -4.404  6.804   1.00 33.13  ? 13  GLN A CB  1 
ATOM   98   C  CG  . GLN A 1 18  ? 10.045  -4.624  5.669   1.00 46.39  ? 13  GLN A CG  1 
ATOM   99   C  CD  . GLN A 1 18  ? 10.975  -5.794  5.923   1.00 55.45  ? 13  GLN A CD  1 
ATOM   100  O  OE1 . GLN A 1 18  ? 10.620  -6.947  5.676   1.00 67.42  ? 13  GLN A OE1 1 
ATOM   101  N  NE2 . GLN A 1 18  ? 12.173  -5.502  6.415   1.00 64.15  ? 13  GLN A NE2 1 
ATOM   102  N  N   . HIS A 1 19  ? 6.206   -3.996  8.118   1.00 26.82  ? 14  HIS A N   1 
ATOM   103  C  CA  . HIS A 1 19  ? 5.058   -4.735  8.634   1.00 26.77  ? 14  HIS A CA  1 
ATOM   104  C  C   . HIS A 1 19  ? 4.011   -3.850  9.297   1.00 23.91  ? 14  HIS A C   1 
ATOM   105  O  O   . HIS A 1 19  ? 2.873   -4.273  9.495   1.00 23.87  ? 14  HIS A O   1 
ATOM   106  C  CB  . HIS A 1 19  ? 5.524   -5.787  9.644   1.00 22.91  ? 14  HIS A CB  1 
ATOM   107  C  CG  . HIS A 1 19  ? 6.646   -6.645  9.150   1.00 38.81  ? 14  HIS A CG  1 
ATOM   108  N  ND1 . HIS A 1 19  ? 6.488   -7.567  8.137   1.00 36.89  ? 14  HIS A ND1 1 
ATOM   109  C  CD2 . HIS A 1 19  ? 7.942   -6.721  9.530   1.00 34.78  ? 14  HIS A CD2 1 
ATOM   110  C  CE1 . HIS A 1 19  ? 7.638   -8.175  7.916   1.00 44.51  ? 14  HIS A CE1 1 
ATOM   111  N  NE2 . HIS A 1 19  ? 8.539   -7.680  8.746   1.00 46.66  ? 14  HIS A NE2 1 
ATOM   112  N  N   . GLU A 1 20  ? 4.393   -2.626  9.640   1.00 22.82  ? 15  GLU A N   1 
ATOM   113  C  CA  . GLU A 1 20  ? 3.579   -1.827  10.545  1.00 28.02  ? 15  GLU A CA  1 
ATOM   114  C  C   . GLU A 1 20  ? 3.516   -0.351  10.162  1.00 33.27  ? 15  GLU A C   1 
ATOM   115  O  O   . GLU A 1 20  ? 4.544   0.305   10.015  1.00 29.39  ? 15  GLU A O   1 
ATOM   116  C  CB  . GLU A 1 20  ? 4.124   -1.975  11.967  1.00 40.31  ? 15  GLU A CB  1 
ATOM   117  C  CG  . GLU A 1 20  ? 3.197   -1.504  13.064  1.00 42.32  ? 15  GLU A CG  1 
ATOM   118  C  CD  . GLU A 1 20  ? 3.694   -1.905  14.439  1.00 58.20  ? 15  GLU A CD  1 
ATOM   119  O  OE1 . GLU A 1 20  ? 4.237   -1.037  15.155  1.00 66.22  ? 15  GLU A OE1 1 
ATOM   120  O  OE2 . GLU A 1 20  ? 3.550   -3.092  14.803  1.00 54.51  ? 15  GLU A OE2 1 
ATOM   121  N  N   . LEU A 1 21  ? 2.301   0.163   10.003  1.00 27.81  ? 16  LEU A N   1 
ATOM   122  C  CA  . LEU A 1 21  ? 2.096   1.587   9.758   1.00 31.66  ? 16  LEU A CA  1 
ATOM   123  C  C   . LEU A 1 21  ? 1.536   2.255   11.010  1.00 37.38  ? 16  LEU A C   1 
ATOM   124  O  O   . LEU A 1 21  ? 0.408   1.978   11.419  1.00 39.44  ? 16  LEU A O   1 
ATOM   125  C  CB  . LEU A 1 21  ? 1.160   1.805   8.567   1.00 29.63  ? 16  LEU A CB  1 
ATOM   126  C  CG  . LEU A 1 21  ? 1.673   1.322   7.208   1.00 30.55  ? 16  LEU A CG  1 
ATOM   127  C  CD1 . LEU A 1 21  ? 0.632   1.552   6.124   1.00 19.90  ? 16  LEU A CD1 1 
ATOM   128  C  CD2 . LEU A 1 21  ? 2.981   2.013   6.852   1.00 25.44  ? 16  LEU A CD2 1 
ATOM   129  N  N   . LYS A 1 22  ? 2.328   3.134   11.614  1.00 37.73  ? 17  LYS A N   1 
ATOM   130  C  CA  . LYS A 1 22  ? 1.981   3.715   12.907  1.00 33.15  ? 17  LYS A CA  1 
ATOM   131  C  C   . LYS A 1 22  ? 1.451   5.142   12.785  1.00 31.01  ? 17  LYS A C   1 
ATOM   132  O  O   . LYS A 1 22  ? 2.077   6.000   12.163  1.00 38.46  ? 17  LYS A O   1 
ATOM   133  C  CB  . LYS A 1 22  ? 3.195   3.684   13.837  1.00 42.32  ? 17  LYS A CB  1 
ATOM   134  C  CG  . LYS A 1 22  ? 2.941   4.248   15.224  1.00 48.66  ? 17  LYS A CG  1 
ATOM   135  C  CD  . LYS A 1 22  ? 4.131   3.997   16.135  1.00 57.81  ? 17  LYS A CD  1 
ATOM   136  C  CE  . LYS A 1 22  ? 4.408   2.510   16.281  1.00 66.75  ? 17  LYS A CE  1 
ATOM   137  N  NZ  . LYS A 1 22  ? 5.857   2.202   16.132  1.00 65.31  ? 17  LYS A NZ  1 
ATOM   138  N  N   . PHE A 1 23  ? 0.290   5.381   13.391  1.00 33.29  ? 18  PHE A N   1 
ATOM   139  C  CA  . PHE A 1 23  ? -0.348  6.692   13.371  1.00 31.87  ? 18  PHE A CA  1 
ATOM   140  C  C   . PHE A 1 23  ? -0.489  7.252   14.785  1.00 36.80  ? 18  PHE A C   1 
ATOM   141  O  O   . PHE A 1 23  ? -1.221  6.702   15.608  1.00 37.21  ? 18  PHE A O   1 
ATOM   142  C  CB  . PHE A 1 23  ? -1.725  6.611   12.706  1.00 37.40  ? 18  PHE A CB  1 
ATOM   143  C  CG  . PHE A 1 23  ? -1.689  6.135   11.280  1.00 26.51  ? 18  PHE A CG  1 
ATOM   144  C  CD1 . PHE A 1 23  ? -1.750  4.783   10.986  1.00 30.94  ? 18  PHE A CD1 1 
ATOM   145  C  CD2 . PHE A 1 23  ? -1.604  7.040   10.234  1.00 31.29  ? 18  PHE A CD2 1 
ATOM   146  C  CE1 . PHE A 1 23  ? -1.722  4.341   9.676   1.00 21.05  ? 18  PHE A CE1 1 
ATOM   147  C  CE2 . PHE A 1 23  ? -1.579  6.604   8.922   1.00 23.38  ? 18  PHE A CE2 1 
ATOM   148  C  CZ  . PHE A 1 23  ? -1.638  5.252   8.644   1.00 22.84  ? 18  PHE A CZ  1 
ATOM   149  N  N   . ARG A 1 24  ? 0.209   8.349   15.062  1.00 39.40  ? 19  ARG A N   1 
ATOM   150  C  CA  . ARG A 1 24  ? 0.177   8.960   16.387  1.00 39.96  ? 19  ARG A CA  1 
ATOM   151  C  C   . ARG A 1 24  ? -0.742  10.176  16.424  1.00 41.92  ? 19  ARG A C   1 
ATOM   152  O  O   . ARG A 1 24  ? -0.647  11.067  15.580  1.00 39.19  ? 19  ARG A O   1 
ATOM   153  C  CB  . ARG A 1 24  ? 1.588   9.350   16.828  1.00 47.38  ? 19  ARG A CB  1 
ATOM   154  C  CG  . ARG A 1 24  ? 2.532   8.167   16.962  1.00 52.32  ? 19  ARG A CG  1 
ATOM   155  C  CD  . ARG A 1 24  ? 3.868   8.447   16.299  1.00 59.61  ? 19  ARG A CD  1 
ATOM   156  N  NE  . ARG A 1 24  ? 4.417   7.256   15.657  1.00 66.42  ? 19  ARG A NE  1 
ATOM   157  C  CZ  . ARG A 1 24  ? 5.567   7.231   14.991  1.00 72.68  ? 19  ARG A CZ  1 
ATOM   158  N  NH1 . ARG A 1 24  ? 6.291   8.335   14.883  1.00 75.10  ? 19  ARG A NH1 1 
ATOM   159  N  NH2 . ARG A 1 24  ? 5.994   6.105   14.433  1.00 78.27  ? 19  ARG A NH2 1 
ATOM   160  N  N   . GLY A 1 25  ? -1.640  10.207  17.415  1.00 38.34  ? 20  GLY A N   1 
ATOM   161  C  CA  . GLY A 1 25  ? -2.610  11.315  17.522  1.00 41.55  ? 20  GLY A CA  1 
ATOM   162  C  C   . GLY A 1 25  ? -1.952  12.612  17.955  1.00 42.43  ? 20  GLY A C   1 
ATOM   163  O  O   . GLY A 1 25  ? -0.773  12.569  18.365  1.00 49.12  ? 20  GLY A O   1 
ATOM   164  N  N   . PRO A 1 26  ? -2.654  13.770  17.884  1.00 39.41  ? 21  PRO A N   1 
ATOM   165  C  CA  . PRO A 1 26  ? -4.110  13.795  17.905  1.00 33.21  ? 21  PRO A CA  1 
ATOM   166  C  C   . PRO A 1 26  ? -4.690  13.505  16.527  1.00 36.39  ? 21  PRO A C   1 
ATOM   167  O  O   . PRO A 1 26  ? -3.945  13.550  15.527  1.00 42.57  ? 21  PRO A O   1 
ATOM   168  C  CB  . PRO A 1 26  ? -4.459  15.216  18.388  1.00 43.94  ? 21  PRO A CB  1 
ATOM   169  C  CG  . PRO A 1 26  ? -3.121  15.911  18.561  1.00 46.43  ? 21  PRO A CG  1 
ATOM   170  C  CD  . PRO A 1 26  ? -2.093  15.108  17.785  1.00 41.38  ? 21  PRO A CD  1 
ATOM   171  N  N   . PHE A 1 27  ? -5.991  13.208  16.470  1.00 31.72  ? 22  PHE A N   1 
ATOM   172  C  CA  . PHE A 1 27  ? -6.629  12.849  15.173  1.00 29.39  ? 22  PHE A CA  1 
ATOM   173  C  C   . PHE A 1 27  ? -7.575  13.970  14.738  1.00 30.14  ? 22  PHE A C   1 
ATOM   174  O  O   . PHE A 1 27  ? -8.442  13.717  13.878  1.00 26.06  ? 22  PHE A O   1 
ATOM   175  C  CB  . PHE A 1 27  ? -7.300  11.477  15.305  1.00 26.80  ? 22  PHE A CB  1 
ATOM   176  C  CG  . PHE A 1 27  ? -6.353  10.372  15.753  1.00 31.79  ? 22  PHE A CG  1 
ATOM   177  C  CD1 . PHE A 1 27  ? -5.552  9.703   14.835  1.00 32.86  ? 22  PHE A CD1 1 
ATOM   178  C  CD2 . PHE A 1 27  ? -6.270  9.998   17.090  1.00 37.79  ? 22  PHE A CD2 1 
ATOM   179  C  CE1 . PHE A 1 27  ? -4.691  8.697   15.245  1.00 27.99  ? 22  PHE A CE1 1 
ATOM   180  C  CE2 . PHE A 1 27  ? -5.408  8.990   17.493  1.00 38.82  ? 22  PHE A CE2 1 
ATOM   181  C  CZ  . PHE A 1 27  ? -4.622  8.341   16.571  1.00 34.85  ? 22  PHE A CZ  1 
ATOM   182  N  N   . THR A 1 28  ? -7.426  15.168  15.312  1.00 29.35  ? 23  THR A N   1 
ATOM   183  C  CA  . THR A 1 28  ? -8.228  16.306  14.885  1.00 29.83  ? 23  THR A CA  1 
ATOM   184  C  C   . THR A 1 28  ? -7.813  16.700  13.475  1.00 35.07  ? 23  THR A C   1 
ATOM   185  O  O   . THR A 1 28  ? -8.653  16.903  12.599  1.00 43.82  ? 23  THR A O   1 
ATOM   186  C  CB  . THR A 1 28  ? -8.064  17.513  15.828  1.00 29.05  ? 23  THR A CB  1 
ATOM   187  O  OG1 . THR A 1 28  ? -8.418  17.134  17.164  1.00 42.05  ? 23  THR A OG1 1 
ATOM   188  C  CG2 . THR A 1 28  ? -8.947  18.667  15.378  1.00 31.28  ? 23  THR A CG2 1 
ATOM   189  N  N   . ASP A 1 29  ? -6.504  16.802  13.270  1.00 44.66  ? 24  ASP A N   1 
ATOM   190  C  CA  . ASP A 1 29  ? -5.944  17.081  11.956  1.00 30.32  ? 24  ASP A CA  1 
ATOM   191  C  C   . ASP A 1 29  ? -5.537  15.765  11.289  1.00 33.89  ? 24  ASP A C   1 
ATOM   192  O  O   . ASP A 1 29  ? -5.472  14.727  11.948  1.00 31.66  ? 24  ASP A O   1 
ATOM   193  C  CB  . ASP A 1 29  ? -4.745  18.027  12.073  1.00 28.48  ? 24  ASP A CB  1 
ATOM   194  C  CG  . ASP A 1 29  ? -5.048  19.271  12.905  1.00 26.03  ? 24  ASP A CG  1 
ATOM   195  O  OD1 . ASP A 1 29  ? -5.684  20.211  12.384  1.00 38.51  ? 24  ASP A OD1 1 
ATOM   196  O  OD2 . ASP A 1 29  ? -4.640  19.319  14.083  1.00 43.07  ? 24  ASP A OD2 1 
ATOM   197  N  N   . VAL A 1 30  ? -5.272  15.809  9.986   1.00 38.80  ? 25  VAL A N   1 
ATOM   198  C  CA  . VAL A 1 30  ? -4.860  14.625  9.231   1.00 33.62  ? 25  VAL A CA  1 
ATOM   199  C  C   . VAL A 1 30  ? -3.526  14.076  9.737   1.00 23.02  ? 25  VAL A C   1 
ATOM   200  O  O   . VAL A 1 30  ? -2.603  14.841  10.011  1.00 26.27  ? 25  VAL A O   1 
ATOM   201  C  CB  . VAL A 1 30  ? -4.743  14.942  7.717   1.00 31.23  ? 25  VAL A CB  1 
ATOM   202  C  CG1 . VAL A 1 30  ? -3.924  13.881  6.987   1.00 29.16  ? 25  VAL A CG1 1 
ATOM   203  C  CG2 . VAL A 1 30  ? -6.122  15.084  7.093   1.00 28.89  ? 25  VAL A CG2 1 
ATOM   204  N  N   . VAL A 1 31  ? -3.427  12.755  9.874   1.00 33.37  ? 26  VAL A N   1 
ATOM   205  C  CA  . VAL A 1 31  ? -2.159  12.141  10.269  1.00 26.59  ? 26  VAL A CA  1 
ATOM   206  C  C   . VAL A 1 31  ? -1.522  11.382  9.108   1.00 25.51  ? 26  VAL A C   1 
ATOM   207  O  O   . VAL A 1 31  ? -2.027  10.348  8.683   1.00 26.09  ? 26  VAL A O   1 
ATOM   208  C  CB  . VAL A 1 31  ? -2.335  11.180  11.457  1.00 24.56  ? 26  VAL A CB  1 
ATOM   209  C  CG1 . VAL A 1 31  ? -1.008  10.521  11.803  1.00 28.22  ? 26  VAL A CG1 1 
ATOM   210  C  CG2 . VAL A 1 31  ? -2.893  11.921  12.659  1.00 30.77  ? 26  VAL A CG2 1 
ATOM   211  N  N   . THR A 1 32  ? -0.404  11.895  8.605   1.00 29.91  ? 27  THR A N   1 
ATOM   212  C  CA  . THR A 1 32  ? 0.259   11.280  7.459   1.00 27.15  ? 27  THR A CA  1 
ATOM   213  C  C   . THR A 1 32  ? 1.429   10.398  7.885   1.00 29.62  ? 27  THR A C   1 
ATOM   214  O  O   . THR A 1 32  ? 2.295   10.831  8.646   1.00 31.86  ? 27  THR A O   1 
ATOM   215  C  CB  . THR A 1 32  ? 0.775   12.344  6.473   1.00 26.24  ? 27  THR A CB  1 
ATOM   216  O  OG1 . THR A 1 32  ? -0.304  13.200  6.080   1.00 23.49  ? 27  THR A OG1 1 
ATOM   217  C  CG2 . THR A 1 32  ? 1.372   11.685  5.237   1.00 21.89  ? 27  THR A CG2 1 
ATOM   218  N  N   . THR A 1 33  ? 1.448   9.161   7.399   1.00 19.20  ? 28  THR A N   1 
ATOM   219  C  CA  . THR A 1 33  ? 2.593   8.287   7.623   1.00 23.41  ? 28  THR A CA  1 
ATOM   220  C  C   . THR A 1 33  ? 3.163   7.846   6.277   1.00 31.00  ? 28  THR A C   1 
ATOM   221  O  O   . THR A 1 33  ? 2.437   7.730   5.287   1.00 28.55  ? 28  THR A O   1 
ATOM   222  C  CB  . THR A 1 33  ? 2.225   7.056   8.489   1.00 24.80  ? 28  THR A CB  1 
ATOM   223  O  OG1 . THR A 1 33  ? 3.390   6.589   9.182   1.00 35.57  ? 28  THR A OG1 1 
ATOM   224  C  CG2 . THR A 1 33  ? 1.655   5.930   7.641   1.00 35.26  ? 28  THR A CG2 1 
ATOM   225  N  N   . ASN A 1 34  ? 4.472   7.622   6.240   1.00 31.59  ? 29  ASN A N   1 
ATOM   226  C  CA  . ASN A 1 34  ? 5.157   7.342   4.985   1.00 20.66  ? 29  ASN A CA  1 
ATOM   227  C  C   . ASN A 1 34  ? 5.379   5.854   4.747   1.00 17.18  ? 29  ASN A C   1 
ATOM   228  O  O   . ASN A 1 34  ? 5.709   5.108   5.668   1.00 26.14  ? 29  ASN A O   1 
ATOM   229  C  CB  . ASN A 1 34  ? 6.501   8.073   4.944   1.00 20.64  ? 29  ASN A CB  1 
ATOM   230  C  CG  . ASN A 1 34  ? 7.121   8.074   3.561   1.00 25.90  ? 29  ASN A CG  1 
ATOM   231  O  OD1 . ASN A 1 34  ? 6.419   8.167   2.554   1.00 37.92  ? 29  ASN A OD1 1 
ATOM   232  N  ND2 . ASN A 1 34  ? 8.442   7.966   3.504   1.00 32.63  ? 29  ASN A ND2 1 
ATOM   233  N  N   . LEU A 1 35  ? 5.185   5.433   3.502   1.00 21.17  ? 30  LEU A N   1 
ATOM   234  C  CA  . LEU A 1 35  ? 5.516   4.081   3.078   1.00 21.28  ? 30  LEU A CA  1 
ATOM   235  C  C   . LEU A 1 35  ? 6.411   4.151   1.850   1.00 22.63  ? 30  LEU A C   1 
ATOM   236  O  O   . LEU A 1 35  ? 5.945   4.384   0.732   1.00 21.72  ? 30  LEU A O   1 
ATOM   237  C  CB  . LEU A 1 35  ? 4.256   3.264   2.781   1.00 29.89  ? 30  LEU A CB  1 
ATOM   238  C  CG  . LEU A 1 35  ? 4.498   1.854   2.235   1.00 20.35  ? 30  LEU A CG  1 
ATOM   239  C  CD1 . LEU A 1 35  ? 5.433   1.071   3.147   1.00 23.84  ? 30  LEU A CD1 1 
ATOM   240  C  CD2 . LEU A 1 35  ? 3.184   1.110   2.049   1.00 19.79  ? 30  LEU A CD2 1 
ATOM   241  N  N   . LYS A 1 36  ? 7.705   3.963   2.075   1.00 29.24  ? 31  LYS A N   1 
ATOM   242  C  CA  . LYS A 1 36  ? 8.696   4.028   1.013   1.00 20.41  ? 31  LYS A CA  1 
ATOM   243  C  C   . LYS A 1 36  ? 8.825   2.683   0.307   1.00 19.61  ? 31  LYS A C   1 
ATOM   244  O  O   . LYS A 1 36  ? 9.168   1.669   0.927   1.00 28.51  ? 31  LYS A O   1 
ATOM   245  C  CB  . LYS A 1 36  ? 10.047  4.470   1.580   1.00 24.60  ? 31  LYS A CB  1 
ATOM   246  C  CG  . LYS A 1 36  ? 11.151  4.608   0.549   1.00 22.06  ? 31  LYS A CG  1 
ATOM   247  C  CD  . LYS A 1 36  ? 12.424  5.140   1.189   1.00 24.26  ? 31  LYS A CD  1 
ATOM   248  C  CE  . LYS A 1 36  ? 13.632  4.877   0.310   1.00 33.63  ? 31  LYS A CE  1 
ATOM   249  N  NZ  . LYS A 1 36  ? 13.782  3.427   0.009   1.00 51.93  ? 31  LYS A NZ  1 
ATOM   250  N  N   . LEU A 1 37  ? 8.531   2.689   -0.989  1.00 23.85  ? 32  LEU A N   1 
ATOM   251  C  CA  . LEU A 1 37  ? 8.652   1.503   -1.826  1.00 21.74  ? 32  LEU A CA  1 
ATOM   252  C  C   . LEU A 1 37  ? 9.876   1.609   -2.724  1.00 21.19  ? 32  LEU A C   1 
ATOM   253  O  O   . LEU A 1 37  ? 10.004  2.549   -3.509  1.00 22.10  ? 32  LEU A O   1 
ATOM   254  C  CB  . LEU A 1 37  ? 7.398   1.309   -2.679  1.00 20.76  ? 32  LEU A CB  1 
ATOM   255  C  CG  . LEU A 1 37  ? 6.044   1.317   -1.969  1.00 20.66  ? 32  LEU A CG  1 
ATOM   256  C  CD1 . LEU A 1 37  ? 4.912   1.223   -2.981  1.00 26.11  ? 32  LEU A CD1 1 
ATOM   257  C  CD2 . LEU A 1 37  ? 5.966   0.179   -0.968  1.00 26.72  ? 32  LEU A CD2 1 
ATOM   258  N  N   . GLY A 1 38  ? 10.775  0.639   -2.606  1.00 29.64  ? 33  GLY A N   1 
ATOM   259  C  CA  . GLY A 1 38  ? 11.988  0.625   -3.396  1.00 19.42  ? 33  GLY A CA  1 
ATOM   260  C  C   . GLY A 1 38  ? 11.975  -0.436  -4.477  1.00 25.76  ? 33  GLY A C   1 
ATOM   261  O  O   . GLY A 1 38  ? 11.554  -1.567  -4.258  1.00 24.10  ? 33  GLY A O   1 
ATOM   262  N  N   . ASN A 1 39  ? 12.429  -0.046  -5.661  1.00 22.14  ? 34  ASN A N   1 
ATOM   263  C  CA  . ASN A 1 39  ? 12.661  -0.961  -6.764  1.00 23.98  ? 34  ASN A CA  1 
ATOM   264  C  C   . ASN A 1 39  ? 14.159  -1.051  -7.012  1.00 23.30  ? 34  ASN A C   1 
ATOM   265  O  O   . ASN A 1 39  ? 14.747  -0.141  -7.607  1.00 37.35  ? 34  ASN A O   1 
ATOM   266  C  CB  . ASN A 1 39  ? 11.930  -0.498  -8.026  1.00 17.74  ? 34  ASN A CB  1 
ATOM   267  C  CG  . ASN A 1 39  ? 12.125  -1.444  -9.198  1.00 22.33  ? 34  ASN A CG  1 
ATOM   268  O  OD1 . ASN A 1 39  ? 12.574  -2.578  -9.031  1.00 23.14  ? 34  ASN A OD1 1 
ATOM   269  N  ND2 . ASN A 1 39  ? 11.787  -0.978  -10.394 1.00 20.18  ? 34  ASN A ND2 1 
ATOM   270  N  N   . PRO A 1 40  ? 14.782  -2.135  -6.520  1.00 23.39  ? 35  PRO A N   1 
ATOM   271  C  CA  . PRO A 1 40  ? 16.212  -2.423  -6.648  1.00 23.62  ? 35  PRO A CA  1 
ATOM   272  C  C   . PRO A 1 40  ? 16.525  -3.291  -7.862  1.00 32.61  ? 35  PRO A C   1 
ATOM   273  O  O   . PRO A 1 40  ? 17.624  -3.835  -7.961  1.00 34.02  ? 35  PRO A O   1 
ATOM   274  C  CB  . PRO A 1 40  ? 16.518  -3.176  -5.357  1.00 24.18  ? 35  PRO A CB  1 
ATOM   275  C  CG  . PRO A 1 40  ? 15.263  -3.953  -5.111  1.00 29.32  ? 35  PRO A CG  1 
ATOM   276  C  CD  . PRO A 1 40  ? 14.119  -3.100  -5.623  1.00 20.41  ? 35  PRO A CD  1 
ATOM   277  N  N   . THR A 1 41  ? 15.564  -3.418  -8.771  1.00 32.57  ? 36  THR A N   1 
ATOM   278  C  CA  . THR A 1 41  ? 15.735  -4.276  -9.936  1.00 25.10  ? 36  THR A CA  1 
ATOM   279  C  C   . THR A 1 41  ? 16.026  -3.474  -11.198 1.00 25.72  ? 36  THR A C   1 
ATOM   280  O  O   . THR A 1 41  ? 16.045  -2.244  -11.179 1.00 35.75  ? 36  THR A O   1 
ATOM   281  C  CB  . THR A 1 41  ? 14.493  -5.150  -10.178 1.00 23.51  ? 36  THR A CB  1 
ATOM   282  O  OG1 . THR A 1 41  ? 13.512  -4.404  -10.909 1.00 28.29  ? 36  THR A OG1 1 
ATOM   283  C  CG2 . THR A 1 41  ? 13.907  -5.609  -8.856  1.00 29.54  ? 36  THR A CG2 1 
ATOM   284  N  N   . ASP A 1 42  ? 16.246  -4.191  -12.293 1.00 23.72  ? 37  ASP A N   1 
ATOM   285  C  CA  . ASP A 1 42  ? 16.602  -3.585  -13.570 1.00 25.30  ? 37  ASP A CA  1 
ATOM   286  C  C   . ASP A 1 42  ? 15.374  -3.278  -14.421 1.00 27.91  ? 37  ASP A C   1 
ATOM   287  O  O   . ASP A 1 42  ? 15.493  -2.756  -15.528 1.00 32.25  ? 37  ASP A O   1 
ATOM   288  C  CB  . ASP A 1 42  ? 17.547  -4.512  -14.332 1.00 29.13  ? 37  ASP A CB  1 
ATOM   289  C  CG  . ASP A 1 42  ? 17.020  -5.930  -14.415 1.00 37.37  ? 37  ASP A CG  1 
ATOM   290  O  OD1 . ASP A 1 42  ? 15.952  -6.197  -13.825 1.00 51.92  ? 37  ASP A OD1 1 
ATOM   291  O  OD2 . ASP A 1 42  ? 17.671  -6.779  -15.059 1.00 57.03  ? 37  ASP A OD2 1 
ATOM   292  N  N   . ARG A 1 43  ? 14.196  -3.608  -13.900 1.00 24.18  ? 38  ARG A N   1 
ATOM   293  C  CA  . ARG A 1 43  ? 12.949  -3.389  -14.624 1.00 17.82  ? 38  ARG A CA  1 
ATOM   294  C  C   . ARG A 1 43  ? 11.997  -2.493  -13.838 1.00 20.75  ? 38  ARG A C   1 
ATOM   295  O  O   . ARG A 1 43  ? 12.043  -2.452  -12.609 1.00 24.24  ? 38  ARG A O   1 
ATOM   296  C  CB  . ARG A 1 43  ? 12.264  -4.723  -14.931 1.00 18.98  ? 38  ARG A CB  1 
ATOM   297  C  CG  . ARG A 1 43  ? 13.026  -5.619  -15.894 1.00 23.16  ? 38  ARG A CG  1 
ATOM   298  C  CD  . ARG A 1 43  ? 12.257  -6.903  -16.166 1.00 30.76  ? 38  ARG A CD  1 
ATOM   299  N  NE  . ARG A 1 43  ? 10.933  -6.638  -16.722 1.00 26.50  ? 38  ARG A NE  1 
ATOM   300  C  CZ  . ARG A 1 43  ? 10.024  -7.574  -16.972 1.00 26.33  ? 38  ARG A CZ  1 
ATOM   301  N  NH1 . ARG A 1 43  ? 10.292  -8.847  -16.716 1.00 33.46  ? 38  ARG A NH1 1 
ATOM   302  N  NH2 . ARG A 1 43  ? 8.845   -7.238  -17.478 1.00 27.43  ? 38  ARG A NH2 1 
ATOM   303  N  N   . ASN A 1 44  ? 11.137  -1.776  -14.556 1.00 25.31  ? 39  ASN A N   1 
ATOM   304  C  CA  . ASN A 1 44  ? 10.100  -0.971  -13.922 1.00 19.02  ? 39  ASN A CA  1 
ATOM   305  C  C   . ASN A 1 44  ? 9.046   -1.866  -13.285 1.00 21.72  ? 39  ASN A C   1 
ATOM   306  O  O   . ASN A 1 44  ? 8.687   -2.904  -13.841 1.00 19.20  ? 39  ASN A O   1 
ATOM   307  C  CB  . ASN A 1 44  ? 9.447   -0.030  -14.935 1.00 17.27  ? 39  ASN A CB  1 
ATOM   308  C  CG  . ASN A 1 44  ? 10.406  1.019   -15.462 1.00 28.72  ? 39  ASN A CG  1 
ATOM   309  O  OD1 . ASN A 1 44  ? 11.504  1.196   -14.935 1.00 26.80  ? 39  ASN A OD1 1 
ATOM   310  N  ND2 . ASN A 1 44  ? 9.991   1.728   -16.506 1.00 26.40  ? 39  ASN A ND2 1 
ATOM   311  N  N   . VAL A 1 45  ? 8.549   -1.466  -12.119 1.00 21.70  ? 40  VAL A N   1 
ATOM   312  C  CA  . VAL A 1 45  ? 7.583   -2.286  -11.396 1.00 20.81  ? 40  VAL A CA  1 
ATOM   313  C  C   . VAL A 1 45  ? 6.294   -1.527  -11.089 1.00 25.97  ? 40  VAL A C   1 
ATOM   314  O  O   . VAL A 1 45  ? 6.311   -0.489  -10.430 1.00 27.69  ? 40  VAL A O   1 
ATOM   315  C  CB  . VAL A 1 45  ? 8.177   -2.817  -10.076 1.00 24.62  ? 40  VAL A CB  1 
ATOM   316  C  CG1 . VAL A 1 45  ? 7.114   -3.547  -9.270  1.00 25.30  ? 40  VAL A CG1 1 
ATOM   317  C  CG2 . VAL A 1 45  ? 9.365   -3.728  -10.355 1.00 19.50  ? 40  VAL A CG2 1 
ATOM   318  N  N   . CYS A 1 46  ? 5.179   -2.058  -11.577 1.00 21.77  ? 41  CYS A N   1 
ATOM   319  C  CA  . CYS A 1 46  ? 3.859   -1.512  -11.288 1.00 21.40  ? 41  CYS A CA  1 
ATOM   320  C  C   . CYS A 1 46  ? 3.406   -1.899  -9.887  1.00 25.60  ? 41  CYS A C   1 
ATOM   321  O  O   . CYS A 1 46  ? 3.636   -3.023  -9.439  1.00 29.79  ? 41  CYS A O   1 
ATOM   322  C  CB  . CYS A 1 46  ? 2.838   -2.003  -12.315 1.00 28.91  ? 41  CYS A CB  1 
ATOM   323  S  SG  . CYS A 1 46  ? 3.321   -1.737  -14.031 1.00 35.74  ? 41  CYS A SG  1 
ATOM   324  N  N   . PHE A 1 47  ? 2.755   -0.964  -9.202  1.00 21.91  ? 42  PHE A N   1 
ATOM   325  C  CA  . PHE A 1 47  ? 2.250   -1.207  -7.860  1.00 25.49  ? 42  PHE A CA  1 
ATOM   326  C  C   . PHE A 1 47  ? 0.846   -0.643  -7.674  1.00 20.81  ? 42  PHE A C   1 
ATOM   327  O  O   . PHE A 1 47  ? 0.456   0.333   -8.321  1.00 20.08  ? 42  PHE A O   1 
ATOM   328  C  CB  . PHE A 1 47  ? 3.190   -0.605  -6.811  1.00 20.61  ? 42  PHE A CB  1 
ATOM   329  C  CG  . PHE A 1 47  ? 3.095   0.893   -6.695  1.00 24.26  ? 42  PHE A CG  1 
ATOM   330  C  CD1 . PHE A 1 47  ? 3.829   1.712   -7.536  1.00 22.51  ? 42  PHE A CD1 1 
ATOM   331  C  CD2 . PHE A 1 47  ? 2.275   1.481   -5.743  1.00 22.97  ? 42  PHE A CD2 1 
ATOM   332  C  CE1 . PHE A 1 47  ? 3.745   3.089   -7.433  1.00 20.04  ? 42  PHE A CE1 1 
ATOM   333  C  CE2 . PHE A 1 47  ? 2.186   2.855   -5.637  1.00 25.43  ? 42  PHE A CE2 1 
ATOM   334  C  CZ  . PHE A 1 47  ? 2.922   3.661   -6.483  1.00 22.80  ? 42  PHE A CZ  1 
ATOM   335  N  N   . LYS A 1 48  ? 0.100   -1.272  -6.772  1.00 22.17  ? 43  LYS A N   1 
ATOM   336  C  CA  . LYS A 1 48  ? -1.213  -0.802  -6.361  1.00 26.62  ? 43  LYS A CA  1 
ATOM   337  C  C   . LYS A 1 48  ? -1.333  -0.948  -4.850  1.00 24.67  ? 43  LYS A C   1 
ATOM   338  O  O   . LYS A 1 48  ? -0.921  -1.964  -4.284  1.00 17.46  ? 43  LYS A O   1 
ATOM   339  C  CB  . LYS A 1 48  ? -2.321  -1.587  -7.063  1.00 27.97  ? 43  LYS A CB  1 
ATOM   340  C  CG  . LYS A 1 48  ? -3.598  -0.799  -7.293  1.00 30.93  ? 43  LYS A CG  1 
ATOM   341  C  CD  . LYS A 1 48  ? -4.748  -1.725  -7.651  1.00 41.78  ? 43  LYS A CD  1 
ATOM   342  C  CE  . LYS A 1 48  ? -4.442  -2.538  -8.896  1.00 44.53  ? 43  LYS A CE  1 
ATOM   343  N  NZ  . LYS A 1 48  ? -5.497  -3.553  -9.170  1.00 54.84  ? 43  LYS A NZ  1 
ATOM   344  N  N   . VAL A 1 49  ? -1.884  0.068   -4.194  1.00 18.85  ? 44  VAL A N   1 
ATOM   345  C  CA  . VAL A 1 49  ? -2.096  0.004   -2.755  1.00 15.60  ? 44  VAL A CA  1 
ATOM   346  C  C   . VAL A 1 49  ? -3.545  -0.349  -2.448  1.00 21.61  ? 44  VAL A C   1 
ATOM   347  O  O   . VAL A 1 49  ? -4.472  0.231   -3.012  1.00 20.32  ? 44  VAL A O   1 
ATOM   348  C  CB  . VAL A 1 49  ? -1.733  1.330   -2.063  1.00 18.42  ? 44  VAL A CB  1 
ATOM   349  C  CG1 . VAL A 1 49  ? -1.777  1.166   -0.550  1.00 19.54  ? 44  VAL A CG1 1 
ATOM   350  C  CG2 . VAL A 1 49  ? -0.355  1.795   -2.503  1.00 29.42  ? 44  VAL A CG2 1 
ATOM   351  N  N   . LYS A 1 50  ? -3.728  -1.320  -1.561  1.00 21.27  ? 45  LYS A N   1 
ATOM   352  C  CA  . LYS A 1 50  ? -5.050  -1.754  -1.141  1.00 21.92  ? 45  LYS A CA  1 
ATOM   353  C  C   . LYS A 1 50  ? -5.174  -1.637  0.371   1.00 18.16  ? 45  LYS A C   1 
ATOM   354  O  O   . LYS A 1 50  ? -4.171  -1.561  1.080   1.00 19.11  ? 45  LYS A O   1 
ATOM   355  C  CB  . LYS A 1 50  ? -5.317  -3.192  -1.594  1.00 19.36  ? 45  LYS A CB  1 
ATOM   356  C  CG  . LYS A 1 50  ? -4.861  -3.487  -3.015  1.00 24.49  ? 45  LYS A CG  1 
ATOM   357  C  CD  . LYS A 1 50  ? -5.375  -4.832  -3.503  1.00 29.62  ? 45  LYS A CD  1 
ATOM   358  C  CE  . LYS A 1 50  ? -6.884  -4.813  -3.679  1.00 39.18  ? 45  LYS A CE  1 
ATOM   359  N  NZ  . LYS A 1 50  ? -7.392  -6.087  -4.257  1.00 39.93  ? 45  LYS A NZ  1 
ATOM   360  N  N   . THR A 1 51  ? -6.407  -1.617  0.864   1.00 16.28  ? 46  THR A N   1 
ATOM   361  C  CA  . THR A 1 51  ? -6.648  -1.503  2.296   1.00 21.33  ? 46  THR A CA  1 
ATOM   362  C  C   . THR A 1 51  ? -8.008  -2.076  2.674   1.00 15.79  ? 46  THR A C   1 
ATOM   363  O  O   . THR A 1 51  ? -8.889  -2.218  1.827   1.00 20.61  ? 46  THR A O   1 
ATOM   364  C  CB  . THR A 1 51  ? -6.568  -0.039  2.765   1.00 16.91  ? 46  THR A CB  1 
ATOM   365  O  OG1 . THR A 1 51  ? -6.909  0.039   4.155   1.00 21.54  ? 46  THR A OG1 1 
ATOM   366  C  CG2 . THR A 1 51  ? -7.524  0.830   1.964   1.00 18.04  ? 46  THR A CG2 1 
ATOM   367  N  N   . THR A 1 52  ? -8.171  -2.403  3.951   1.00 17.16  ? 47  THR A N   1 
ATOM   368  C  CA  . THR A 1 52  ? -9.427  -2.952  4.446   1.00 24.30  ? 47  THR A CA  1 
ATOM   369  C  C   . THR A 1 52  ? -10.402 -1.842  4.830   1.00 22.43  ? 47  THR A C   1 
ATOM   370  O  O   . THR A 1 52  ? -11.582 -2.095  5.066   1.00 21.41  ? 47  THR A O   1 
ATOM   371  C  CB  . THR A 1 52  ? -9.203  -3.871  5.660   1.00 19.09  ? 47  THR A CB  1 
ATOM   372  O  OG1 . THR A 1 52  ? -8.448  -3.171  6.658   1.00 20.19  ? 47  THR A OG1 1 
ATOM   373  C  CG2 . THR A 1 52  ? -8.443  -5.121  5.247   1.00 27.84  ? 47  THR A CG2 1 
ATOM   374  N  N   . VAL A 1 53  ? -9.899  -0.613  4.892   1.00 25.50  ? 48  VAL A N   1 
ATOM   375  C  CA  . VAL A 1 53  ? -10.731 0.538   5.231   1.00 21.97  ? 48  VAL A CA  1 
ATOM   376  C  C   . VAL A 1 53  ? -10.489 1.697   4.269   1.00 20.00  ? 48  VAL A C   1 
ATOM   377  O  O   . VAL A 1 53  ? -9.867  2.693   4.640   1.00 21.30  ? 48  VAL A O   1 
ATOM   378  C  CB  . VAL A 1 53  ? -10.474 1.017   6.672   1.00 20.00  ? 48  VAL A CB  1 
ATOM   379  C  CG1 . VAL A 1 53  ? -11.259 2.287   6.960   1.00 20.00  ? 48  VAL A CG1 1 
ATOM   380  C  CG2 . VAL A 1 53  ? -10.830 -0.076  7.668   1.00 20.00  ? 48  VAL A CG2 1 
ATOM   381  N  N   . PRO A 1 54  ? -10.991 1.574   3.029   1.00 20.20  ? 49  PRO A N   1 
ATOM   382  C  CA  . PRO A 1 54  ? -10.757 2.553   1.962   1.00 20.80  ? 49  PRO A CA  1 
ATOM   383  C  C   . PRO A 1 54  ? -11.261 3.953   2.301   1.00 20.92  ? 49  PRO A C   1 
ATOM   384  O  O   . PRO A 1 54  ? -10.637 4.940   1.916   1.00 21.37  ? 49  PRO A O   1 
ATOM   385  C  CB  . PRO A 1 54  ? -11.543 1.980   0.776   1.00 22.78  ? 49  PRO A CB  1 
ATOM   386  C  CG  . PRO A 1 54  ? -11.730 0.538   1.093   1.00 23.28  ? 49  PRO A CG  1 
ATOM   387  C  CD  . PRO A 1 54  ? -11.853 0.468   2.577   1.00 23.90  ? 49  PRO A CD  1 
ATOM   388  N  N   . ARG A 1 55  ? -12.376 4.028   3.018   1.00 23.57  ? 50  ARG A N   1 
ATOM   389  C  CA  . ARG A 1 55  ? -13.040 5.302   3.265   1.00 19.54  ? 50  ARG A CA  1 
ATOM   390  C  C   . ARG A 1 55  ? -12.434 6.069   4.438   1.00 20.18  ? 50  ARG A C   1 
ATOM   391  O  O   . ARG A 1 55  ? -12.861 7.182   4.745   1.00 22.65  ? 50  ARG A O   1 
ATOM   392  C  CB  . ARG A 1 55  ? -14.532 5.070   3.507   1.00 23.23  ? 50  ARG A CB  1 
ATOM   393  C  CG  . ARG A 1 55  ? -15.192 4.240   2.418   1.00 28.75  ? 50  ARG A CG  1 
ATOM   394  C  CD  . ARG A 1 55  ? -16.694 4.458   2.370   1.00 34.39  ? 50  ARG A CD  1 
ATOM   395  N  NE  . ARG A 1 55  ? -17.295 3.779   1.226   1.00 52.84  ? 50  ARG A NE  1 
ATOM   396  C  CZ  . ARG A 1 55  ? -17.325 4.278   -0.005  1.00 52.79  ? 50  ARG A CZ  1 
ATOM   397  N  NH1 . ARG A 1 55  ? -16.784 5.464   -0.255  1.00 59.10  ? 50  ARG A NH1 1 
ATOM   398  N  NH2 . ARG A 1 55  ? -17.892 3.593   -0.989  1.00 50.63  ? 50  ARG A NH2 1 
ATOM   399  N  N   . ARG A 1 56  ? -11.435 5.479   5.084   1.00 20.52  ? 51  ARG A N   1 
ATOM   400  C  CA  . ARG A 1 56  ? -10.801 6.111   6.236   1.00 17.81  ? 51  ARG A CA  1 
ATOM   401  C  C   . ARG A 1 56  ? -9.474  6.768   5.867   1.00 21.59  ? 51  ARG A C   1 
ATOM   402  O  O   . ARG A 1 56  ? -8.927  7.552   6.641   1.00 23.27  ? 51  ARG A O   1 
ATOM   403  C  CB  . ARG A 1 56  ? -10.575 5.087   7.352   1.00 24.15  ? 51  ARG A CB  1 
ATOM   404  C  CG  . ARG A 1 56  ? -11.837 4.395   7.845   1.00 20.04  ? 51  ARG A CG  1 
ATOM   405  C  CD  . ARG A 1 56  ? -12.818 5.374   8.473   1.00 23.80  ? 51  ARG A CD  1 
ATOM   406  N  NE  . ARG A 1 56  ? -14.032 4.700   8.928   1.00 61.03  ? 51  ARG A NE  1 
ATOM   407  C  CZ  . ARG A 1 56  ? -15.091 5.322   9.438   1.00 75.96  ? 51  ARG A CZ  1 
ATOM   408  N  NH1 . ARG A 1 56  ? -15.091 6.643   9.561   1.00 81.04  ? 51  ARG A NH1 1 
ATOM   409  N  NH2 . ARG A 1 56  ? -16.149 4.624   9.825   1.00 66.98  ? 51  ARG A NH2 1 
ATOM   410  N  N   . TYR A 1 57  ? -8.962  6.450   4.683   1.00 19.08  ? 52  TYR A N   1 
ATOM   411  C  CA  . TYR A 1 57  ? -7.646  6.931   4.275   1.00 19.66  ? 52  TYR A CA  1 
ATOM   412  C  C   . TYR A 1 57  ? -7.638  7.633   2.924   1.00 29.55  ? 52  TYR A C   1 
ATOM   413  O  O   . TYR A 1 57  ? -8.537  7.453   2.102   1.00 28.76  ? 52  TYR A O   1 
ATOM   414  C  CB  . TYR A 1 57  ? -6.647  5.773   4.222   1.00 22.21  ? 52  TYR A CB  1 
ATOM   415  C  CG  . TYR A 1 57  ? -6.383  5.107   5.550   1.00 25.07  ? 52  TYR A CG  1 
ATOM   416  C  CD1 . TYR A 1 57  ? -7.159  4.040   5.981   1.00 20.38  ? 52  TYR A CD1 1 
ATOM   417  C  CD2 . TYR A 1 57  ? -5.346  5.536   6.367   1.00 20.30  ? 52  TYR A CD2 1 
ATOM   418  C  CE1 . TYR A 1 57  ? -6.917  3.425   7.191   1.00 23.75  ? 52  TYR A CE1 1 
ATOM   419  C  CE2 . TYR A 1 57  ? -5.096  4.927   7.580   1.00 20.95  ? 52  TYR A CE2 1 
ATOM   420  C  CZ  . TYR A 1 57  ? -5.883  3.873   7.987   1.00 20.12  ? 52  TYR A CZ  1 
ATOM   421  O  OH  . TYR A 1 57  ? -5.637  3.263   9.195   1.00 29.14  ? 52  TYR A OH  1 
ATOM   422  N  N   . CYS A 1 58  ? -6.601  8.435   2.711   1.00 24.87  ? 53  CYS A N   1 
ATOM   423  C  CA  . CYS A 1 58  ? -6.268  8.932   1.385   1.00 18.62  ? 53  CYS A CA  1 
ATOM   424  C  C   . CYS A 1 58  ? -4.824  8.551   1.078   1.00 19.16  ? 53  CYS A C   1 
ATOM   425  O  O   . CYS A 1 58  ? -3.901  8.964   1.780   1.00 25.41  ? 53  CYS A O   1 
ATOM   426  C  CB  . CYS A 1 58  ? -6.471  10.443  1.289   1.00 24.61  ? 53  CYS A CB  1 
ATOM   427  S  SG  . CYS A 1 58  ? -8.198  10.947  1.160   1.00 42.33  ? 53  CYS A SG  1 
ATOM   428  N  N   . VAL A 1 59  ? -4.638  7.749   0.037   1.00 22.11  ? 54  VAL A N   1 
ATOM   429  C  CA  . VAL A 1 59  ? -3.322  7.215   -0.296  1.00 17.29  ? 54  VAL A CA  1 
ATOM   430  C  C   . VAL A 1 59  ? -2.761  7.865   -1.557  1.00 26.99  ? 54  VAL A C   1 
ATOM   431  O  O   . VAL A 1 59  ? -3.316  7.705   -2.644  1.00 24.66  ? 54  VAL A O   1 
ATOM   432  C  CB  . VAL A 1 59  ? -3.379  5.690   -0.484  1.00 17.99  ? 54  VAL A CB  1 
ATOM   433  C  CG1 . VAL A 1 59  ? -1.998  5.139   -0.791  1.00 15.81  ? 54  VAL A CG1 1 
ATOM   434  C  CG2 . VAL A 1 59  ? -3.954  5.033   0.760   1.00 22.63  ? 54  VAL A CG2 1 
ATOM   435  N  N   . ARG A 1 60  ? -1.657  8.591   -1.409  1.00 25.48  ? 55  ARG A N   1 
ATOM   436  C  CA  . ARG A 1 60  ? -1.095  9.352   -2.524  1.00 23.67  ? 55  ARG A CA  1 
ATOM   437  C  C   . ARG A 1 60  ? 0.382   9.054   -2.769  1.00 19.27  ? 55  ARG A C   1 
ATOM   438  O  O   . ARG A 1 60  ? 1.234   9.440   -1.970  1.00 26.86  ? 55  ARG A O   1 
ATOM   439  C  CB  . ARG A 1 60  ? -1.278  10.850  -2.279  1.00 25.41  ? 55  ARG A CB  1 
ATOM   440  C  CG  . ARG A 1 60  ? -2.724  11.307  -2.258  1.00 26.41  ? 55  ARG A CG  1 
ATOM   441  C  CD  . ARG A 1 60  ? -3.224  11.642  -3.650  1.00 25.58  ? 55  ARG A CD  1 
ATOM   442  N  NE  . ARG A 1 60  ? -4.565  12.216  -3.614  1.00 39.25  ? 55  ARG A NE  1 
ATOM   443  C  CZ  . ARG A 1 60  ? -5.188  12.727  -4.671  1.00 35.78  ? 55  ARG A CZ  1 
ATOM   444  N  NH1 . ARG A 1 60  ? -6.409  13.227  -4.544  1.00 28.62  ? 55  ARG A NH1 1 
ATOM   445  N  NH2 . ARG A 1 60  ? -4.590  12.741  -5.853  1.00 26.13  ? 55  ARG A NH2 1 
ATOM   446  N  N   . PRO A 1 61  ? 0.694   8.379   -3.887  1.00 23.65  ? 56  PRO A N   1 
ATOM   447  C  CA  . PRO A 1 61  ? -0.275  7.853   -4.853  1.00 22.04  ? 56  PRO A CA  1 
ATOM   448  C  C   . PRO A 1 61  ? -0.800  6.484   -4.436  1.00 25.40  ? 56  PRO A C   1 
ATOM   449  O  O   . PRO A 1 61  ? -0.130  5.784   -3.676  1.00 25.14  ? 56  PRO A O   1 
ATOM   450  C  CB  . PRO A 1 61  ? 0.542   7.758   -6.140  1.00 20.38  ? 56  PRO A CB  1 
ATOM   451  C  CG  . PRO A 1 61  ? 1.919   7.457   -5.660  1.00 17.49  ? 56  PRO A CG  1 
ATOM   452  C  CD  . PRO A 1 61  ? 2.081   8.188   -4.347  1.00 21.04  ? 56  PRO A CD  1 
ATOM   453  N  N   . ASN A 1 62  ? -1.978  6.106   -4.923  1.00 19.26  ? 57  ASN A N   1 
ATOM   454  C  CA  . ASN A 1 62  ? -2.562  4.820   -4.561  1.00 18.59  ? 57  ASN A CA  1 
ATOM   455  C  C   . ASN A 1 62  ? -2.138  3.713   -5.520  1.00 18.65  ? 57  ASN A C   1 
ATOM   456  O  O   . ASN A 1 62  ? -2.410  2.536   -5.286  1.00 20.02  ? 57  ASN A O   1 
ATOM   457  C  CB  . ASN A 1 62  ? -4.090  4.921   -4.503  1.00 19.57  ? 57  ASN A CB  1 
ATOM   458  C  CG  . ASN A 1 62  ? -4.721  5.156   -5.866  1.00 24.29  ? 57  ASN A CG  1 
ATOM   459  O  OD1 . ASN A 1 62  ? -4.045  5.525   -6.827  1.00 35.17  ? 57  ASN A OD1 1 
ATOM   460  N  ND2 . ASN A 1 62  ? -6.031  4.947   -5.950  1.00 20.18  ? 57  ASN A ND2 1 
ATOM   461  N  N   . SER A 1 63  ? -1.463  4.104   -6.598  1.00 17.48  ? 58  SER A N   1 
ATOM   462  C  CA  . SER A 1 63  ? -0.964  3.163   -7.593  1.00 14.89  ? 58  SER A CA  1 
ATOM   463  C  C   . SER A 1 63  ? 0.059   3.842   -8.495  1.00 24.30  ? 58  SER A C   1 
ATOM   464  O  O   . SER A 1 63  ? 0.255   5.054   -8.412  1.00 25.11  ? 58  SER A O   1 
ATOM   465  C  CB  . SER A 1 63  ? -2.111  2.600   -8.435  1.00 17.21  ? 58  SER A CB  1 
ATOM   466  O  OG  . SER A 1 63  ? -2.709  3.614   -9.223  1.00 31.63  ? 58  SER A OG  1 
ATOM   467  N  N   . GLY A 1 64  ? 0.711   3.067   -9.355  1.00 26.80  ? 59  GLY A N   1 
ATOM   468  C  CA  . GLY A 1 64  ? 1.627   3.652   -10.319 1.00 26.05  ? 59  GLY A CA  1 
ATOM   469  C  C   . GLY A 1 64  ? 2.767   2.747   -10.741 1.00 31.81  ? 59  GLY A C   1 
ATOM   470  O  O   . GLY A 1 64  ? 2.684   1.530   -10.613 1.00 24.34  ? 59  GLY A O   1 
ATOM   471  N  N   . VAL A 1 65  ? 3.833   3.350   -11.257 1.00 30.55  ? 60  VAL A N   1 
ATOM   472  C  CA  . VAL A 1 65  ? 5.004   2.597   -11.689 1.00 20.73  ? 60  VAL A CA  1 
ATOM   473  C  C   . VAL A 1 65  ? 6.278   3.167   -11.076 1.00 25.80  ? 60  VAL A C   1 
ATOM   474  O  O   . VAL A 1 65  ? 6.530   4.368   -11.154 1.00 43.89  ? 60  VAL A O   1 
ATOM   475  C  CB  . VAL A 1 65  ? 5.141   2.594   -13.222 1.00 30.00  ? 60  VAL A CB  1 
ATOM   476  C  CG1 . VAL A 1 65  ? 6.433   1.910   -13.642 1.00 30.00  ? 60  VAL A CG1 1 
ATOM   477  C  CG2 . VAL A 1 65  ? 3.939   1.914   -13.862 1.00 30.00  ? 60  VAL A CG2 1 
ATOM   478  N  N   . ILE A 1 66  ? 7.074   2.300   -10.460 1.00 23.37  ? 61  ILE A N   1 
ATOM   479  C  CA  . ILE A 1 66  ? 8.375   2.696   -9.943  1.00 23.07  ? 61  ILE A CA  1 
ATOM   480  C  C   . ILE A 1 66  ? 9.461   2.303   -10.937 1.00 28.66  ? 61  ILE A C   1 
ATOM   481  O  O   . ILE A 1 66  ? 9.574   1.135   -11.312 1.00 26.97  ? 61  ILE A O   1 
ATOM   482  C  CB  . ILE A 1 66  ? 8.675   2.050   -8.578  1.00 20.95  ? 61  ILE A CB  1 
ATOM   483  C  CG1 . ILE A 1 66  ? 7.446   2.116   -7.672  1.00 28.75  ? 61  ILE A CG1 1 
ATOM   484  C  CG2 . ILE A 1 66  ? 9.875   2.721   -7.924  1.00 24.29  ? 61  ILE A CG2 1 
ATOM   485  C  CD1 . ILE A 1 66  ? 7.693   1.598   -6.275  1.00 26.12  ? 61  ILE A CD1 1 
ATOM   486  N  N   . ASP A 1 67  ? 10.250  3.283   -11.365 1.00 27.62  ? 62  ASP A N   1 
ATOM   487  C  CA  . ASP A 1 67  ? 11.333  3.035   -12.309 1.00 27.34  ? 62  ASP A CA  1 
ATOM   488  C  C   . ASP A 1 67  ? 12.400  2.132   -11.699 1.00 26.36  ? 62  ASP A C   1 
ATOM   489  O  O   . ASP A 1 67  ? 12.490  1.999   -10.479 1.00 26.50  ? 62  ASP A O   1 
ATOM   490  C  CB  . ASP A 1 67  ? 11.961  4.353   -12.769 1.00 30.73  ? 62  ASP A CB  1 
ATOM   491  C  CG  . ASP A 1 67  ? 11.043  5.157   -13.671 1.00 34.28  ? 62  ASP A CG  1 
ATOM   492  O  OD1 . ASP A 1 67  ? 9.971   4.637   -14.051 1.00 47.77  ? 62  ASP A OD1 1 
ATOM   493  O  OD2 . ASP A 1 67  ? 11.392  6.310   -13.997 1.00 38.92  ? 62  ASP A OD2 1 
ATOM   494  N  N   . ALA A 1 68  ? 13.202  1.512   -12.557 1.00 28.91  ? 63  ALA A N   1 
ATOM   495  C  CA  . ALA A 1 68  ? 14.276  0.632   -12.111 1.00 20.31  ? 63  ALA A CA  1 
ATOM   496  C  C   . ALA A 1 68  ? 15.312  1.397   -11.295 1.00 26.81  ? 63  ALA A C   1 
ATOM   497  O  O   . ALA A 1 68  ? 15.731  2.489   -11.676 1.00 31.33  ? 63  ALA A O   1 
ATOM   498  C  CB  . ALA A 1 68  ? 14.932  -0.040  -13.304 1.00 23.15  ? 63  ALA A CB  1 
ATOM   499  N  N   . GLY A 1 69  ? 15.717  0.818   -10.168 1.00 24.66  ? 64  GLY A N   1 
ATOM   500  C  CA  . GLY A 1 69  ? 16.705  1.437   -9.301  1.00 21.62  ? 64  GLY A CA  1 
ATOM   501  C  C   . GLY A 1 69  ? 16.199  2.698   -8.626  1.00 35.30  ? 64  GLY A C   1 
ATOM   502  O  O   . GLY A 1 69  ? 16.975  3.615   -8.362  1.00 42.47  ? 64  GLY A O   1 
ATOM   503  N  N   . ALA A 1 70  ? 14.902  2.746   -8.329  1.00 29.22  ? 65  ALA A N   1 
ATOM   504  C  CA  . ALA A 1 70  ? 14.301  3.990   -7.837  1.00 29.49  ? 65  ALA A CA  1 
ATOM   505  C  C   . ALA A 1 70  ? 13.384  3.757   -6.644  1.00 21.39  ? 65  ALA A C   1 
ATOM   506  O  O   . ALA A 1 70  ? 13.001  2.632   -6.371  1.00 27.00  ? 65  ALA A O   1 
ATOM   507  C  CB  . ALA A 1 70  ? 13.534  4.681   -8.956  1.00 28.42  ? 65  ALA A CB  1 
ATOM   508  N  N   . SER A 1 71  ? 13.025  4.824   -5.935  1.00 27.42  ? 66  SER A N   1 
ATOM   509  C  CA  . SER A 1 71  ? 12.155  4.690   -4.770  1.00 22.58  ? 66  SER A CA  1 
ATOM   510  C  C   . SER A 1 71  ? 11.053  5.745   -4.738  1.00 29.04  ? 66  SER A C   1 
ATOM   511  O  O   . SER A 1 71  ? 11.264  6.893   -5.131  1.00 28.39  ? 66  SER A O   1 
ATOM   512  C  CB  . SER A 1 71  ? 12.978  4.758   -3.482  1.00 22.21  ? 66  SER A CB  1 
ATOM   513  O  OG  . SER A 1 71  ? 13.767  3.594   -3.314  1.00 30.80  ? 66  SER A OG  1 
ATOM   514  N  N   . LEU A 1 72  ? 9.877   5.345   -4.261  1.00 23.89  ? 67  LEU A N   1 
ATOM   515  C  CA  . LEU A 1 72  ? 8.726   6.240   -4.170  1.00 26.19  ? 67  LEU A CA  1 
ATOM   516  C  C   . LEU A 1 72  ? 8.229   6.363   -2.732  1.00 27.54  ? 67  LEU A C   1 
ATOM   517  O  O   . LEU A 1 72  ? 8.110   5.366   -2.021  1.00 27.15  ? 67  LEU A O   1 
ATOM   518  C  CB  . LEU A 1 72  ? 7.594   5.749   -5.076  1.00 20.00  ? 67  LEU A CB  1 
ATOM   519  C  CG  . LEU A 1 72  ? 6.293   6.553   -5.028  1.00 20.00  ? 67  LEU A CG  1 
ATOM   520  C  CD1 . LEU A 1 72  ? 6.524   7.977   -5.510  1.00 20.00  ? 67  LEU A CD1 1 
ATOM   521  C  CD2 . LEU A 1 72  ? 5.211   5.873   -5.852  1.00 20.00  ? 67  LEU A CD2 1 
ATOM   522  N  N   . ASN A 1 73  ? 7.950   7.592   -2.307  1.00 24.67  ? 68  ASN A N   1 
ATOM   523  C  CA  . ASN A 1 73  ? 7.293   7.825   -1.028  1.00 24.13  ? 68  ASN A CA  1 
ATOM   524  C  C   . ASN A 1 73  ? 5.776   7.837   -1.175  1.00 28.19  ? 68  ASN A C   1 
ATOM   525  O  O   . ASN A 1 73  ? 5.207   8.781   -1.723  1.00 23.60  ? 68  ASN A O   1 
ATOM   526  C  CB  . ASN A 1 73  ? 7.760   9.143   -0.408  1.00 29.25  ? 68  ASN A CB  1 
ATOM   527  C  CG  . ASN A 1 73  ? 9.085   9.014   0.312   1.00 31.20  ? 68  ASN A CG  1 
ATOM   528  O  OD1 . ASN A 1 73  ? 9.478   7.922   0.722   1.00 35.23  ? 68  ASN A OD1 1 
ATOM   529  N  ND2 . ASN A 1 73  ? 9.781   10.134  0.474   1.00 37.29  ? 68  ASN A ND2 1 
ATOM   530  N  N   . VAL A 1 74  ? 5.125   6.784   -0.694  1.00 23.49  ? 69  VAL A N   1 
ATOM   531  C  CA  . VAL A 1 74  ? 3.669   6.740   -0.683  1.00 17.74  ? 69  VAL A CA  1 
ATOM   532  C  C   . VAL A 1 74  ? 3.142   7.347   0.611   1.00 27.87  ? 69  VAL A C   1 
ATOM   533  O  O   . VAL A 1 74  ? 3.459   6.875   1.701   1.00 26.97  ? 69  VAL A O   1 
ATOM   534  C  CB  . VAL A 1 74  ? 3.134   5.304   -0.829  1.00 20.90  ? 69  VAL A CB  1 
ATOM   535  C  CG1 . VAL A 1 74  ? 1.653   5.252   -0.490  1.00 18.19  ? 69  VAL A CG1 1 
ATOM   536  C  CG2 . VAL A 1 74  ? 3.385   4.786   -2.236  1.00 22.75  ? 69  VAL A CG2 1 
ATOM   537  N  N   . SER A 1 75  ? 2.344   8.401   0.486   1.00 28.45  ? 70  SER A N   1 
ATOM   538  C  CA  . SER A 1 75  ? 1.773   9.061   1.651   1.00 28.64  ? 70  SER A CA  1 
ATOM   539  C  C   . SER A 1 75  ? 0.436   8.436   2.039   1.00 19.23  ? 70  SER A C   1 
ATOM   540  O  O   . SER A 1 75  ? -0.553  8.544   1.306   1.00 19.32  ? 70  SER A O   1 
ATOM   541  C  CB  . SER A 1 75  ? 1.602   10.558  1.390   1.00 24.87  ? 70  SER A CB  1 
ATOM   542  O  OG  . SER A 1 75  ? 2.854   11.175  1.142   1.00 31.88  ? 70  SER A OG  1 
ATOM   543  N  N   . VAL A 1 76  ? 0.426   7.771   3.190   1.00 20.12  ? 71  VAL A N   1 
ATOM   544  C  CA  . VAL A 1 76  ? -0.789  7.190   3.744   1.00 18.80  ? 71  VAL A CA  1 
ATOM   545  C  C   . VAL A 1 76  ? -1.411  8.172   4.726   1.00 27.50  ? 71  VAL A C   1 
ATOM   546  O  O   . VAL A 1 76  ? -0.878  8.396   5.816   1.00 28.00  ? 71  VAL A O   1 
ATOM   547  C  CB  . VAL A 1 76  ? -0.510  5.852   4.452   1.00 23.71  ? 71  VAL A CB  1 
ATOM   548  C  CG1 . VAL A 1 76  ? -1.802  5.249   4.975   1.00 24.36  ? 71  VAL A CG1 1 
ATOM   549  C  CG2 . VAL A 1 76  ? 0.186   4.889   3.505   1.00 18.39  ? 71  VAL A CG2 1 
ATOM   550  N  N   . MET A 1 77  ? -2.534  8.765   4.336   1.00 20.67  ? 72  MET A N   1 
ATOM   551  C  CA  . MET A 1 77  ? -3.116  9.851   5.112   1.00 21.32  ? 72  MET A CA  1 
ATOM   552  C  C   . MET A 1 77  ? -4.383  9.443   5.855   1.00 28.90  ? 72  MET A C   1 
ATOM   553  O  O   . MET A 1 77  ? -5.443  9.239   5.260   1.00 21.35  ? 72  MET A O   1 
ATOM   554  C  CB  . MET A 1 77  ? -3.396  11.047  4.203   1.00 20.60  ? 72  MET A CB  1 
ATOM   555  C  CG  . MET A 1 77  ? -2.139  11.590  3.536   1.00 27.49  ? 72  MET A CG  1 
ATOM   556  S  SD  . MET A 1 77  ? -2.441  12.988  2.444   1.00 36.13  ? 72  MET A SD  1 
ATOM   557  C  CE  . MET A 1 77  ? -3.346  12.192  1.126   1.00 28.58  ? 72  MET A CE  1 
ATOM   558  N  N   . LEU A 1 78  ? -4.244  9.328   7.172   1.00 20.59  ? 73  LEU A N   1 
ATOM   559  C  CA  . LEU A 1 78  ? -5.350  9.035   8.068   1.00 25.35  ? 73  LEU A CA  1 
ATOM   560  C  C   . LEU A 1 78  ? -6.211  10.272  8.278   1.00 22.51  ? 73  LEU A C   1 
ATOM   561  O  O   . LEU A 1 78  ? -5.775  11.256  8.892   1.00 29.99  ? 73  LEU A O   1 
ATOM   562  C  CB  . LEU A 1 78  ? -4.821  8.520   9.409   1.00 25.14  ? 73  LEU A CB  1 
ATOM   563  C  CG  . LEU A 1 78  ? -5.842  8.129   10.476  1.00 27.44  ? 73  LEU A CG  1 
ATOM   564  C  CD1 . LEU A 1 78  ? -6.737  7.003   9.984   1.00 19.52  ? 73  LEU A CD1 1 
ATOM   565  C  CD2 . LEU A 1 78  ? -5.127  7.733   11.756  1.00 26.54  ? 73  LEU A CD2 1 
ATOM   566  N  N   . GLN A 1 79  ? -7.431  10.212  7.753   1.00 26.32  ? 74  GLN A N   1 
ATOM   567  C  CA  . GLN A 1 79  ? -8.399  11.294  7.872   1.00 26.62  ? 74  GLN A CA  1 
ATOM   568  C  C   . GLN A 1 79  ? -8.884  11.425  9.312   1.00 33.13  ? 74  GLN A C   1 
ATOM   569  O  O   . GLN A 1 79  ? -8.972  10.427  10.029  1.00 33.38  ? 74  GLN A O   1 
ATOM   570  C  CB  . GLN A 1 79  ? -9.582  11.049  6.929   1.00 37.37  ? 74  GLN A CB  1 
ATOM   571  C  CG  . GLN A 1 79  ? -9.215  11.075  5.451   1.00 22.34  ? 74  GLN A CG  1 
ATOM   572  C  CD  . GLN A 1 79  ? -10.345 10.603  4.555   1.00 27.04  ? 74  GLN A CD  1 
ATOM   573  O  OE1 . GLN A 1 79  ? -11.025 9.622   4.858   1.00 30.22  ? 74  GLN A OE1 1 
ATOM   574  N  NE2 . GLN A 1 79  ? -10.554 11.304  3.446   1.00 40.85  ? 74  GLN A NE2 1 
ATOM   575  N  N   . PRO A 1 80  ? -9.192  12.661  9.742   1.00 33.44  ? 75  PRO A N   1 
ATOM   576  C  CA  . PRO A 1 80  ? -9.673  12.936  11.101  1.00 25.91  ? 75  PRO A CA  1 
ATOM   577  C  C   . PRO A 1 80  ? -10.890 12.095  11.479  1.00 33.43  ? 75  PRO A C   1 
ATOM   578  O  O   . PRO A 1 80  ? -11.815 11.957  10.679  1.00 37.14  ? 75  PRO A O   1 
ATOM   579  C  CB  . PRO A 1 80  ? -10.039 14.421  11.045  1.00 29.79  ? 75  PRO A CB  1 
ATOM   580  C  CG  . PRO A 1 80  ? -9.156  14.978  9.986   1.00 27.24  ? 75  PRO A CG  1 
ATOM   581  C  CD  . PRO A 1 80  ? -9.042  13.896  8.952   1.00 26.99  ? 75  PRO A CD  1 
ATOM   582  N  N   . PHE A 1 81  ? -10.878 11.538  12.686  1.00 39.53  ? 76  PHE A N   1 
ATOM   583  C  CA  . PHE A 1 81  ? -11.968 10.684  13.147  1.00 40.84  ? 76  PHE A CA  1 
ATOM   584  C  C   . PHE A 1 81  ? -12.083 10.702  14.669  1.00 41.85  ? 76  PHE A C   1 
ATOM   585  O  O   . PHE A 1 81  ? -11.291 11.351  15.353  1.00 43.32  ? 76  PHE A O   1 
ATOM   586  C  CB  . PHE A 1 81  ? -11.771 9.249   12.649  1.00 35.48  ? 76  PHE A CB  1 
ATOM   587  C  CG  . PHE A 1 81  ? -10.579 8.551   13.247  1.00 37.32  ? 76  PHE A CG  1 
ATOM   588  C  CD1 . PHE A 1 81  ? -9.297  8.838   12.810  1.00 32.91  ? 76  PHE A CD1 1 
ATOM   589  C  CD2 . PHE A 1 81  ? -10.744 7.603   14.244  1.00 36.15  ? 76  PHE A CD2 1 
ATOM   590  C  CE1 . PHE A 1 81  ? -8.203  8.198   13.359  1.00 31.97  ? 76  PHE A CE1 1 
ATOM   591  C  CE2 . PHE A 1 81  ? -9.653  6.958   14.795  1.00 42.13  ? 76  PHE A CE2 1 
ATOM   592  C  CZ  . PHE A 1 81  ? -8.380  7.257   14.351  1.00 37.48  ? 76  PHE A CZ  1 
ATOM   593  N  N   . ASP A 1 82  ? -13.025 9.940   15.170  1.00 45.90  ? 77  ASP A N   1 
ATOM   594  C  CA  . ASP A 1 82  ? -13.290 9.813   16.617  1.00 51.20  ? 77  ASP A CA  1 
ATOM   595  C  C   . ASP A 1 82  ? -12.563 8.614   17.168  1.00 42.07  ? 77  ASP A C   1 
ATOM   596  O  O   . ASP A 1 82  ? -13.085 7.543   17.087  1.00 49.17  ? 77  ASP A O   1 
ATOM   597  C  CB  . ASP A 1 82  ? -14.773 9.685   16.945  1.00 20.00  ? 77  ASP A CB  1 
ATOM   598  C  CG  . ASP A 1 82  ? -15.091 9.250   18.377  1.00 20.00  ? 77  ASP A CG  1 
ATOM   599  O  OD1 . ASP A 1 82  ? -14.528 9.861   19.327  1.00 20.00  ? 77  ASP A OD1 1 
ATOM   600  O  OD2 . ASP A 1 82  ? -15.919 8.309   18.549  1.00 20.00  ? 77  ASP A OD2 1 
ATOM   601  N  N   . TYR A 1 83  ? -11.414 8.855   17.745  1.00 40.84  ? 78  TYR A N   1 
ATOM   602  C  CA  . TYR A 1 83  ? -10.584 7.749   18.209  1.00 43.77  ? 78  TYR A CA  1 
ATOM   603  C  C   . TYR A 1 83  ? -11.029 7.187   19.555  1.00 53.26  ? 78  TYR A C   1 
ATOM   604  O  O   . TYR A 1 83  ? -11.270 7.931   20.506  1.00 61.39  ? 78  TYR A O   1 
ATOM   605  C  CB  . TYR A 1 83  ? -9.123  8.200   18.293  1.00 43.85  ? 78  TYR A CB  1 
ATOM   606  C  CG  . TYR A 1 83  ? -8.175  7.162   18.850  1.00 48.50  ? 78  TYR A CG  1 
ATOM   607  C  CD1 . TYR A 1 83  ? -8.013  5.932   18.226  1.00 48.43  ? 78  TYR A CD1 1 
ATOM   608  C  CD2 . TYR A 1 83  ? -7.426  7.422   19.992  1.00 49.87  ? 78  TYR A CD2 1 
ATOM   609  C  CE1 . TYR A 1 83  ? -7.141  4.985   18.730  1.00 45.88  ? 78  TYR A CE1 1 
ATOM   610  C  CE2 . TYR A 1 83  ? -6.551  6.482   20.502  1.00 52.84  ? 78  TYR A CE2 1 
ATOM   611  C  CZ  . TYR A 1 83  ? -6.413  5.265   19.868  1.00 57.27  ? 78  TYR A CZ  1 
ATOM   612  O  OH  . TYR A 1 83  ? -5.543  4.326   20.372  1.00 57.74  ? 78  TYR A OH  1 
ATOM   613  N  N   . ASP A 1 84  ? -11.133 5.864   19.621  1.00 55.13  ? 79  ASP A N   1 
ATOM   614  C  CA  . ASP A 1 84  ? -11.429 5.169   20.867  1.00 59.45  ? 79  ASP A CA  1 
ATOM   615  C  C   . ASP A 1 84  ? -10.222 4.345   21.303  1.00 61.53  ? 79  ASP A C   1 
ATOM   616  O  O   . ASP A 1 84  ? -9.913  3.320   20.696  1.00 64.56  ? 79  ASP A O   1 
ATOM   617  C  CB  . ASP A 1 84  ? -12.660 4.271   20.709  1.00 61.97  ? 79  ASP A CB  1 
ATOM   618  C  CG  . ASP A 1 84  ? -12.848 3.326   21.881  1.00 65.62  ? 79  ASP A CG  1 
ATOM   619  O  OD1 . ASP A 1 84  ? -13.512 3.718   22.864  1.00 68.95  ? 79  ASP A OD1 1 
ATOM   620  O  OD2 . ASP A 1 84  ? -12.334 2.191   21.820  1.00 71.22  ? 79  ASP A OD2 1 
ATOM   621  N  N   . PRO A 1 85  ? -9.576  4.695   22.400  1.00 58.62  ? 80  PRO A N   1 
ATOM   622  C  CA  . PRO A 1 85  ? -8.300  4.046   22.719  1.00 55.61  ? 80  PRO A CA  1 
ATOM   623  C  C   . PRO A 1 85  ? -8.481  2.535   22.863  1.00 70.83  ? 80  PRO A C   1 
ATOM   624  O  O   . PRO A 1 85  ? -7.531  1.767   22.715  1.00 82.15  ? 80  PRO A O   1 
ATOM   625  C  CB  . PRO A 1 85  ? -7.925  4.664   24.066  1.00 64.99  ? 80  PRO A CB  1 
ATOM   626  C  CG  . PRO A 1 85  ? -8.572  6.006   24.051  1.00 67.33  ? 80  PRO A CG  1 
ATOM   627  C  CD  . PRO A 1 85  ? -9.859  5.833   23.294  1.00 58.87  ? 80  PRO A CD  1 
ATOM   628  N  N   . ASN A 1 86  ? -9.707  2.135   23.172  1.00 70.81  ? 81  ASN A N   1 
ATOM   629  C  CA  . ASN A 1 86  ? -10.042 0.811   23.683  1.00 73.09  ? 81  ASN A CA  1 
ATOM   630  C  C   . ASN A 1 86  ? -10.434 -0.114  22.536  1.00 65.77  ? 81  ASN A C   1 
ATOM   631  O  O   . ASN A 1 86  ? -10.785 -1.275  22.749  1.00 63.99  ? 81  ASN A O   1 
ATOM   632  C  CB  . ASN A 1 86  ? -11.164 0.891   24.719  1.00 20.00  ? 81  ASN A CB  1 
ATOM   633  C  CG  . ASN A 1 86  ? -11.346 -0.405  25.483  1.00 20.00  ? 81  ASN A CG  1 
ATOM   634  O  OD1 . ASN A 1 86  ? -10.391 -1.152  25.700  1.00 20.00  ? 81  ASN A OD1 1 
ATOM   635  N  ND2 . ASN A 1 86  ? -12.579 -0.681  25.897  1.00 20.00  ? 81  ASN A ND2 1 
ATOM   636  N  N   . GLU A 1 87  ? -10.667 0.551   21.377  1.00 67.22  ? 82  GLU A N   1 
ATOM   637  C  CA  . GLU A 1 87  ? -10.946 -0.232  20.132  1.00 65.52  ? 82  GLU A CA  1 
ATOM   638  C  C   . GLU A 1 87  ? -9.610  -0.566  19.453  1.00 69.27  ? 82  GLU A C   1 
ATOM   639  O  O   . GLU A 1 87  ? -8.724  0.296   19.438  1.00 73.00  ? 82  GLU A O   1 
ATOM   640  C  CB  . GLU A 1 87  ? -11.889 0.343   19.082  1.00 64.87  ? 82  GLU A CB  1 
ATOM   641  C  CG  . GLU A 1 87  ? -12.191 -0.572  17.898  1.00 72.72  ? 82  GLU A CG  1 
ATOM   642  C  CD  . GLU A 1 87  ? -12.625 0.084   16.593  1.00 95.83  ? 82  GLU A CD  1 
ATOM   643  O  OE1 . GLU A 1 87  ? -12.530 1.315   16.462  1.00 101.20 ? 82  GLU A OE1 1 
ATOM   644  O  OE2 . GLU A 1 87  ? -13.095 -0.641  15.693  1.00 95.76  ? 82  GLU A OE2 1 
ATOM   645  N  N   . LYS A 1 88  ? -9.462  -1.817  19.004  1.00 67.32  ? 83  LYS A N   1 
ATOM   646  C  CA  . LYS A 1 88  ? -8.232  -2.241  18.289  1.00 69.28  ? 83  LYS A CA  1 
ATOM   647  C  C   . LYS A 1 88  ? -8.468  -2.032  16.790  1.00 73.93  ? 83  LYS A C   1 
ATOM   648  O  O   . LYS A 1 88  ? -9.497  -2.524  16.278  1.00 67.99  ? 83  LYS A O   1 
ATOM   649  C  CB  . LYS A 1 88  ? -7.899  -3.705  18.592  1.00 75.11  ? 83  LYS A CB  1 
ATOM   650  C  CG  . LYS A 1 88  ? -6.707  -4.262  17.824  1.00 76.22  ? 83  LYS A CG  1 
ATOM   651  C  CD  . LYS A 1 88  ? -6.409  -5.720  18.152  1.00 75.78  ? 83  LYS A CD  1 
ATOM   652  C  CE  . LYS A 1 88  ? -6.105  -5.925  19.602  1.00 73.53  ? 83  LYS A CE  1 
ATOM   653  N  NZ  . LYS A 1 88  ? -4.937  -5.148  20.025  1.00 69.93  ? 83  LYS A NZ  1 
ATOM   654  N  N   . SER A 1 89  ? -7.523  -1.298  16.175  1.00 76.61  ? 84  SER A N   1 
ATOM   655  C  CA  . SER A 1 89  ? -7.594  -0.953  14.734  1.00 65.35  ? 84  SER A CA  1 
ATOM   656  C  C   . SER A 1 89  ? -7.471  -2.206  13.869  1.00 57.43  ? 84  SER A C   1 
ATOM   657  O  O   . SER A 1 89  ? -6.357  -2.765  13.774  1.00 64.22  ? 84  SER A O   1 
ATOM   658  C  CB  . SER A 1 89  ? -6.529  0.051   14.372  1.00 20.00  ? 84  SER A CB  1 
ATOM   659  O  OG  . SER A 1 89  ? -6.528  0.308   12.976  1.00 20.00  ? 84  SER A OG  1 
ATOM   660  N  N   . LYS A 1 90  ? -8.577  -2.609  13.267  1.00 38.90  ? 85  LYS A N   1 
ATOM   661  C  CA  . LYS A 1 90  ? -8.614  -3.761  12.373  1.00 38.22  ? 85  LYS A CA  1 
ATOM   662  C  C   . LYS A 1 90  ? -8.081  -3.381  10.995  1.00 42.80  ? 85  LYS A C   1 
ATOM   663  O  O   . LYS A 1 90  ? -8.082  -4.194  10.070  1.00 33.17  ? 85  LYS A O   1 
ATOM   664  C  CB  . LYS A 1 90  ? -10.036 -4.311  12.259  1.00 20.00  ? 85  LYS A CB  1 
ATOM   665  C  CG  . LYS A 1 90  ? -10.570 -4.927  13.542  1.00 20.00  ? 85  LYS A CG  1 
ATOM   666  C  CD  . LYS A 1 90  ? -11.992 -5.430  13.366  1.00 20.00  ? 85  LYS A CD  1 
ATOM   667  C  CE  . LYS A 1 90  ? -12.518 -6.067  14.642  1.00 20.00  ? 85  LYS A CE  1 
ATOM   668  N  NZ  . LYS A 1 90  ? -13.920 -6.543  14.489  1.00 20.00  ? 85  LYS A NZ  1 
ATOM   669  N  N   . HIS A 1 91  ? -7.625  -2.138  10.871  1.00 36.36  ? 86  HIS A N   1 
ATOM   670  C  CA  . HIS A 1 91  ? -7.141  -1.604  9.604   1.00 31.75  ? 86  HIS A CA  1 
ATOM   671  C  C   . HIS A 1 91  ? -5.875  -2.302  9.126   1.00 31.17  ? 86  HIS A C   1 
ATOM   672  O  O   . HIS A 1 91  ? -4.921  -2.478  9.886   1.00 25.60  ? 86  HIS A O   1 
ATOM   673  C  CB  . HIS A 1 91  ? -6.887  -0.100  9.727   1.00 26.09  ? 86  HIS A CB  1 
ATOM   674  C  CG  . HIS A 1 91  ? -8.127  0.706   9.954   1.00 24.95  ? 86  HIS A CG  1 
ATOM   675  N  ND1 . HIS A 1 91  ? -8.136  2.084   9.918   1.00 30.29  ? 86  HIS A ND1 1 
ATOM   676  C  CD2 . HIS A 1 91  ? -9.402  0.330   10.218  1.00 27.03  ? 86  HIS A CD2 1 
ATOM   677  C  CE1 . HIS A 1 91  ? -9.360  2.521   10.150  1.00 31.47  ? 86  HIS A CE1 1 
ATOM   678  N  NE2 . HIS A 1 91  ? -10.147 1.477   10.335  1.00 33.48  ? 86  HIS A NE2 1 
ATOM   679  N  N   . LYS A 1 92  ? -5.878  -2.698  7.858   1.00 22.90  ? 87  LYS A N   1 
ATOM   680  C  CA  . LYS A 1 92  ? -4.722  -3.330  7.237   1.00 18.83  ? 87  LYS A CA  1 
ATOM   681  C  C   . LYS A 1 92  ? -4.453  -2.713  5.869   1.00 24.25  ? 87  LYS A C   1 
ATOM   682  O  O   . LYS A 1 92  ? -5.358  -2.171  5.235   1.00 23.84  ? 87  LYS A O   1 
ATOM   683  C  CB  . LYS A 1 92  ? -4.938  -4.840  7.093   1.00 32.43  ? 87  LYS A CB  1 
ATOM   684  C  CG  . LYS A 1 92  ? -5.242  -5.574  8.392   1.00 23.54  ? 87  LYS A CG  1 
ATOM   685  C  CD  . LYS A 1 92  ? -4.013  -6.293  8.925   1.00 35.07  ? 87  LYS A CD  1 
ATOM   686  C  CE  . LYS A 1 92  ? -4.397  -7.380  9.917   1.00 50.68  ? 87  LYS A CE  1 
ATOM   687  N  NZ  . LYS A 1 92  ? -5.145  -6.836  11.084  1.00 53.67  ? 87  LYS A NZ  1 
ATOM   688  N  N   . PHE A 1 93  ? -3.204  -2.796  5.423   1.00 21.46  ? 88  PHE A N   1 
ATOM   689  C  CA  . PHE A 1 93  ? -2.829  -2.350  4.088   1.00 18.49  ? 88  PHE A CA  1 
ATOM   690  C  C   . PHE A 1 93  ? -2.134  -3.471  3.328   1.00 21.00  ? 88  PHE A C   1 
ATOM   691  O  O   . PHE A 1 93  ? -1.659  -4.437  3.924   1.00 24.36  ? 88  PHE A O   1 
ATOM   692  C  CB  . PHE A 1 93  ? -1.920  -1.121  4.157   1.00 17.55  ? 88  PHE A CB  1 
ATOM   693  C  CG  . PHE A 1 93  ? -2.664  0.180   4.222   1.00 25.37  ? 88  PHE A CG  1 
ATOM   694  C  CD1 . PHE A 1 93  ? -3.276  0.584   5.394   1.00 28.13  ? 88  PHE A CD1 1 
ATOM   695  C  CD2 . PHE A 1 93  ? -2.759  0.994   3.106   1.00 27.59  ? 88  PHE A CD2 1 
ATOM   696  C  CE1 . PHE A 1 93  ? -3.965  1.780   5.458   1.00 28.41  ? 88  PHE A CE1 1 
ATOM   697  C  CE2 . PHE A 1 93  ? -3.447  2.192   3.163   1.00 32.45  ? 88  PHE A CE2 1 
ATOM   698  C  CZ  . PHE A 1 93  ? -4.051  2.585   4.340   1.00 24.25  ? 88  PHE A CZ  1 
ATOM   699  N  N   . MET A 1 94  ? -2.083  -3.338  2.009   1.00 24.20  ? 89  MET A N   1 
ATOM   700  C  CA  . MET A 1 94  ? -1.376  -4.303  1.179   1.00 17.61  ? 89  MET A CA  1 
ATOM   701  C  C   . MET A 1 94  ? -0.795  -3.635  -0.058  1.00 16.46  ? 89  MET A C   1 
ATOM   702  O  O   . MET A 1 94  ? -1.463  -2.856  -0.727  1.00 22.83  ? 89  MET A O   1 
ATOM   703  C  CB  . MET A 1 94  ? -2.302  -5.451  0.767   1.00 17.11  ? 89  MET A CB  1 
ATOM   704  C  CG  . MET A 1 94  ? -1.661  -6.438  -0.201  1.00 17.85  ? 89  MET A CG  1 
ATOM   705  S  SD  . MET A 1 94  ? -2.567  -7.989  -0.356  1.00 37.93  ? 89  MET A SD  1 
ATOM   706  C  CE  . MET A 1 94  ? -3.716  -7.585  -1.666  1.00 25.03  ? 89  MET A CE  1 
ATOM   707  N  N   . VAL A 1 95  ? 0.463   -3.936  -0.349  1.00 18.84  ? 90  VAL A N   1 
ATOM   708  C  CA  . VAL A 1 95  ? 1.080   -3.492  -1.584  1.00 18.04  ? 90  VAL A CA  1 
ATOM   709  C  C   . VAL A 1 95  ? 1.117   -4.654  -2.566  1.00 19.79  ? 90  VAL A C   1 
ATOM   710  O  O   . VAL A 1 95  ? 1.733   -5.692  -2.298  1.00 26.94  ? 90  VAL A O   1 
ATOM   711  C  CB  . VAL A 1 95  ? 2.502   -2.952  -1.355  1.00 28.93  ? 90  VAL A CB  1 
ATOM   712  C  CG1 . VAL A 1 95  ? 3.151   -2.586  -2.681  1.00 19.02  ? 90  VAL A CG1 1 
ATOM   713  C  CG2 . VAL A 1 95  ? 2.466   -1.747  -0.425  1.00 21.09  ? 90  VAL A CG2 1 
ATOM   714  N  N   . GLN A 1 96  ? 0.420   -4.482  -3.686  1.00 17.11  ? 91  GLN A N   1 
ATOM   715  C  CA  . GLN A 1 96  ? 0.480   -5.432  -4.786  1.00 24.50  ? 91  GLN A CA  1 
ATOM   716  C  C   . GLN A 1 96  ? 1.449   -4.918  -5.833  1.00 25.11  ? 91  GLN A C   1 
ATOM   717  O  O   . GLN A 1 96  ? 1.465   -3.729  -6.131  1.00 29.06  ? 91  GLN A O   1 
ATOM   718  C  CB  . GLN A 1 96  ? -0.899  -5.650  -5.414  1.00 28.47  ? 91  GLN A CB  1 
ATOM   719  C  CG  . GLN A 1 96  ? -1.880  -6.406  -4.543  1.00 37.21  ? 91  GLN A CG  1 
ATOM   720  C  CD  . GLN A 1 96  ? -2.974  -7.074  -5.353  1.00 39.96  ? 91  GLN A CD  1 
ATOM   721  O  OE1 . GLN A 1 96  ? -3.690  -6.419  -6.111  1.00 34.59  ? 91  GLN A OE1 1 
ATOM   722  N  NE2 . GLN A 1 96  ? -3.107  -8.386  -5.198  1.00 36.37  ? 91  GLN A NE2 1 
ATOM   723  N  N   . SER A 1 97  ? 2.262   -5.806  -6.391  1.00 28.01  ? 92  SER A N   1 
ATOM   724  C  CA  . SER A 1 97  ? 3.188   -5.396  -7.434  1.00 23.42  ? 92  SER A CA  1 
ATOM   725  C  C   . SER A 1 97  ? 3.205   -6.388  -8.588  1.00 26.58  ? 92  SER A C   1 
ATOM   726  O  O   . SER A 1 97  ? 2.767   -7.533  -8.451  1.00 22.53  ? 92  SER A O   1 
ATOM   727  C  CB  . SER A 1 97  ? 4.599   -5.219  -6.867  1.00 14.99  ? 92  SER A CB  1 
ATOM   728  O  OG  . SER A 1 97  ? 5.130   -6.450  -6.413  1.00 22.36  ? 92  SER A OG  1 
ATOM   729  N  N   . MET A 1 98  ? 3.714   -5.926  -9.725  1.00 24.07  ? 93  MET A N   1 
ATOM   730  C  CA  . MET A 1 98  ? 3.776   -6.722  -10.941 1.00 19.75  ? 93  MET A CA  1 
ATOM   731  C  C   . MET A 1 98  ? 4.823   -6.110  -11.859 1.00 26.49  ? 93  MET A C   1 
ATOM   732  O  O   . MET A 1 98  ? 4.962   -4.893  -11.901 1.00 24.74  ? 93  MET A O   1 
ATOM   733  C  CB  . MET A 1 98  ? 2.415   -6.756  -11.638 1.00 24.81  ? 93  MET A CB  1 
ATOM   734  C  CG  . MET A 1 98  ? 2.377   -7.594  -12.904 1.00 39.59  ? 93  MET A CG  1 
ATOM   735  S  SD  . MET A 1 98  ? 1.018   -7.149  -14.005 1.00 44.47  ? 93  MET A SD  1 
ATOM   736  C  CE  . MET A 1 98  ? -0.173  -6.479  -12.850 1.00 28.75  ? 93  MET A CE  1 
ATOM   737  N  N   . PHE A 1 99  ? 5.563   -6.934  -12.593 1.00 19.45  ? 94  PHE A N   1 
ATOM   738  C  CA  . PHE A 1 99  ? 6.540   -6.395  -13.532 1.00 26.42  ? 94  PHE A CA  1 
ATOM   739  C  C   . PHE A 1 99  ? 5.840   -5.708  -14.697 1.00 27.18  ? 94  PHE A C   1 
ATOM   740  O  O   . PHE A 1 99  ? 4.929   -6.270  -15.303 1.00 22.06  ? 94  PHE A O   1 
ATOM   741  C  CB  . PHE A 1 99  ? 7.466   -7.493  -14.050 1.00 21.10  ? 94  PHE A CB  1 
ATOM   742  C  CG  . PHE A 1 99  ? 8.284   -8.144  -12.979 1.00 23.25  ? 94  PHE A CG  1 
ATOM   743  C  CD1 . PHE A 1 99  ? 9.217   -7.414  -12.263 1.00 25.94  ? 94  PHE A CD1 1 
ATOM   744  C  CD2 . PHE A 1 99  ? 8.128   -9.489  -12.692 1.00 32.04  ? 94  PHE A CD2 1 
ATOM   745  C  CE1 . PHE A 1 99  ? 9.972   -8.010  -11.276 1.00 29.06  ? 94  PHE A CE1 1 
ATOM   746  C  CE2 . PHE A 1 99  ? 8.883   -10.091 -11.706 1.00 28.38  ? 94  PHE A CE2 1 
ATOM   747  C  CZ  . PHE A 1 99  ? 9.806   -9.352  -11.000 1.00 19.06  ? 94  PHE A CZ  1 
ATOM   748  N  N   . ALA A 1 100 ? 6.265   -4.486  -14.999 1.00 26.54  ? 95  ALA A N   1 
ATOM   749  C  CA  . ALA A 1 100 ? 5.711   -3.748  -16.124 1.00 25.63  ? 95  ALA A CA  1 
ATOM   750  C  C   . ALA A 1 100 ? 6.121   -4.403  -17.434 1.00 28.97  ? 95  ALA A C   1 
ATOM   751  O  O   . ALA A 1 100 ? 7.311   -4.559  -17.707 1.00 27.10  ? 95  ALA A O   1 
ATOM   752  C  CB  . ALA A 1 100 ? 6.167   -2.297  -16.089 1.00 20.10  ? 95  ALA A CB  1 
ATOM   753  N  N   . PRO A 1 101 ? 5.132   -4.806  -18.245 1.00 31.45  ? 96  PRO A N   1 
ATOM   754  C  CA  . PRO A 1 101 ? 5.429   -5.361  -19.569 1.00 30.26  ? 96  PRO A CA  1 
ATOM   755  C  C   . PRO A 1 101 ? 6.129   -4.326  -20.438 1.00 30.01  ? 96  PRO A C   1 
ATOM   756  O  O   . PRO A 1 101 ? 5.846   -3.135  -20.300 1.00 35.74  ? 96  PRO A O   1 
ATOM   757  C  CB  . PRO A 1 101 ? 4.046   -5.714  -20.127 1.00 31.07  ? 96  PRO A CB  1 
ATOM   758  C  CG  . PRO A 1 101 ? 3.163   -5.826  -18.925 1.00 34.06  ? 96  PRO A CG  1 
ATOM   759  C  CD  . PRO A 1 101 ? 3.689   -4.816  -17.954 1.00 25.14  ? 96  PRO A CD  1 
ATOM   760  N  N   . PRO A 1 102 ? 7.044   -4.771  -21.311 1.00 25.36  ? 97  PRO A N   1 
ATOM   761  C  CA  . PRO A 1 102 ? 7.824   -3.877  -22.174 1.00 24.06  ? 97  PRO A CA  1 
ATOM   762  C  C   . PRO A 1 102 ? 6.958   -2.921  -22.984 1.00 23.75  ? 97  PRO A C   1 
ATOM   763  O  O   . PRO A 1 102 ? 5.852   -3.287  -23.389 1.00 32.70  ? 97  PRO A O   1 
ATOM   764  C  CB  . PRO A 1 102 ? 8.564   -4.846  -23.096 1.00 30.69  ? 97  PRO A CB  1 
ATOM   765  C  CG  . PRO A 1 102 ? 8.690   -6.092  -22.298 1.00 32.68  ? 97  PRO A CG  1 
ATOM   766  C  CD  . PRO A 1 102 ? 7.421   -6.182  -21.501 1.00 32.19  ? 97  PRO A CD  1 
ATOM   767  N  N   . ASP A 1 103 ? 7.465   -1.710  -23.199 1.00 26.81  ? 98  ASP A N   1 
ATOM   768  C  CA  . ASP A 1 103 ? 6.782   -0.694  -23.994 1.00 27.77  ? 98  ASP A CA  1 
ATOM   769  C  C   . ASP A 1 103 ? 5.388   -0.394  -23.437 1.00 42.36  ? 98  ASP A C   1 
ATOM   770  O  O   . ASP A 1 103 ? 4.445   -0.135  -24.186 1.00 40.05  ? 98  ASP A O   1 
ATOM   771  C  CB  . ASP A 1 103 ? 6.716   -1.133  -25.461 1.00 28.31  ? 98  ASP A CB  1 
ATOM   772  C  CG  . ASP A 1 103 ? 8.094   -1.456  -26.033 1.00 28.57  ? 98  ASP A CG  1 
ATOM   773  O  OD1 . ASP A 1 103 ? 9.077   -0.799  -25.634 1.00 41.72  ? 98  ASP A OD1 1 
ATOM   774  O  OD2 . ASP A 1 103 ? 8.206   -2.372  -26.876 1.00 34.18  ? 98  ASP A OD2 1 
ATOM   775  N  N   . THR A 1 104 ? 5.279   -0.429  -22.111 1.00 39.06  ? 99  THR A N   1 
ATOM   776  C  CA  . THR A 1 104 ? 4.040   -0.105  -21.406 1.00 33.33  ? 99  THR A CA  1 
ATOM   777  C  C   . THR A 1 104 ? 4.334   0.629   -20.101 1.00 39.29  ? 99  THR A C   1 
ATOM   778  O  O   . THR A 1 104 ? 4.305   1.858   -20.046 1.00 50.02  ? 99  THR A O   1 
ATOM   779  C  CB  . THR A 1 104 ? 3.213   -1.366  -21.087 1.00 36.06  ? 99  THR A CB  1 
ATOM   780  O  OG1 . THR A 1 104 ? 2.947   -2.090  -22.294 1.00 40.81  ? 99  THR A OG1 1 
ATOM   781  C  CG2 . THR A 1 104 ? 1.899   -0.987  -20.418 1.00 53.41  ? 99  THR A CG2 1 
ATOM   782  N  N   . MET A 1 107 ? -0.270  -0.476  -17.472 1.00 40.95  ? 102 MET A N   1 
ATOM   783  C  CA  . MET A 1 107 ? -1.413  0.412   -17.244 1.00 33.28  ? 102 MET A CA  1 
ATOM   784  C  C   . MET A 1 107 ? -2.600  -0.360  -16.641 1.00 45.66  ? 102 MET A C   1 
ATOM   785  O  O   . MET A 1 107 ? -2.400  -1.398  -16.058 1.00 44.89  ? 102 MET A O   1 
ATOM   786  C  CB  . MET A 1 107 ? -1.728  0.914   -18.618 1.00 20.00  ? 102 MET A CB  1 
ATOM   787  C  CG  . MET A 1 107 ? -1.315  2.379   -18.839 1.00 20.00  ? 102 MET A CG  1 
ATOM   788  S  SD  . MET A 1 107 ? 0.298   2.872   -19.493 1.00 20.00  ? 102 MET A SD  1 
ATOM   789  C  CE  . MET A 1 107 ? 1.290   3.287   -18.053 1.00 20.00  ? 102 MET A CE  1 
ATOM   790  N  N   . GLU A 1 108 ? -3.819  0.154   -16.801 1.00 46.89  ? 103 GLU A N   1 
ATOM   791  C  CA  . GLU A 1 108 ? -5.001  -0.480  -16.227 1.00 39.47  ? 103 GLU A CA  1 
ATOM   792  C  C   . GLU A 1 108 ? -5.331  -1.757  -16.991 1.00 42.50  ? 103 GLU A C   1 
ATOM   793  O  O   . GLU A 1 108 ? -5.791  -2.746  -16.412 1.00 41.62  ? 103 GLU A O   1 
ATOM   794  C  CB  . GLU A 1 108 ? -6.192  0.481   -16.245 1.00 49.78  ? 103 GLU A CB  1 
ATOM   795  C  CG  . GLU A 1 108 ? -6.333  1.317   -14.982 1.00 51.87  ? 103 GLU A CG  1 
ATOM   796  C  CD  . GLU A 1 108 ? -6.719  0.488   -13.771 1.00 48.51  ? 103 GLU A CD  1 
ATOM   797  O  OE1 . GLU A 1 108 ? -7.263  -0.622  -13.954 1.00 42.88  ? 103 GLU A OE1 1 
ATOM   798  O  OE2 . GLU A 1 108 ? -6.479  0.946   -12.634 1.00 50.44  ? 103 GLU A OE2 1 
ATOM   799  N  N   . ALA A 1 109 ? -5.079  -1.727  -18.296 1.00 33.57  ? 104 ALA A N   1 
ATOM   800  C  CA  . ALA A 1 109 ? -5.272  -2.892  -19.150 1.00 36.81  ? 104 ALA A CA  1 
ATOM   801  C  C   . ALA A 1 109 ? -4.359  -4.033  -18.716 1.00 40.48  ? 104 ALA A C   1 
ATOM   802  O  O   . ALA A 1 109 ? -4.667  -5.204  -18.933 1.00 47.52  ? 104 ALA A O   1 
ATOM   803  C  CB  . ALA A 1 109 ? -5.019  -2.531  -20.606 1.00 44.49  ? 104 ALA A CB  1 
ATOM   804  N  N   . VAL A 1 110 ? -3.237  -3.680  -18.096 1.00 36.90  ? 105 VAL A N   1 
ATOM   805  C  CA  . VAL A 1 110 ? -2.291  -4.669  -17.596 1.00 36.61  ? 105 VAL A CA  1 
ATOM   806  C  C   . VAL A 1 110 ? -2.811  -5.331  -16.321 1.00 35.97  ? 105 VAL A C   1 
ATOM   807  O  O   . VAL A 1 110 ? -2.762  -6.553  -16.186 1.00 29.02  ? 105 VAL A O   1 
ATOM   808  C  CB  . VAL A 1 110 ? -0.912  -4.040  -17.318 1.00 30.96  ? 105 VAL A CB  1 
ATOM   809  C  CG1 . VAL A 1 110 ? 0.069   -5.098  -16.842 1.00 41.52  ? 105 VAL A CG1 1 
ATOM   810  C  CG2 . VAL A 1 110 ? -0.387  -3.343  -18.563 1.00 41.23  ? 105 VAL A CG2 1 
ATOM   811  N  N   . TRP A 1 111 ? -3.310  -4.519  -15.391 1.00 25.59  ? 106 TRP A N   1 
ATOM   812  C  CA  . TRP A 1 111 ? -3.878  -5.040  -14.150 1.00 41.19  ? 106 TRP A CA  1 
ATOM   813  C  C   . TRP A 1 111 ? -5.095  -5.915  -14.425 1.00 36.53  ? 106 TRP A C   1 
ATOM   814  O  O   . TRP A 1 111 ? -5.283  -6.947  -13.781 1.00 40.68  ? 106 TRP A O   1 
ATOM   815  C  CB  . TRP A 1 111 ? -4.271  -3.901  -13.204 1.00 33.07  ? 106 TRP A CB  1 
ATOM   816  C  CG  . TRP A 1 111 ? -3.113  -3.161  -12.610 1.00 44.08  ? 106 TRP A CG  1 
ATOM   817  C  CD1 . TRP A 1 111 ? -2.618  -1.955  -13.012 1.00 51.38  ? 106 TRP A CD1 1 
ATOM   818  C  CD2 . TRP A 1 111 ? -2.307  -3.575  -11.499 1.00 41.49  ? 106 TRP A CD2 1 
ATOM   819  N  NE1 . TRP A 1 111 ? -1.553  -1.593  -12.223 1.00 52.10  ? 106 TRP A NE1 1 
ATOM   820  C  CE2 . TRP A 1 111 ? -1.342  -2.571  -11.287 1.00 44.47  ? 106 TRP A CE2 1 
ATOM   821  C  CE3 . TRP A 1 111 ? -2.307  -4.698  -10.665 1.00 39.71  ? 106 TRP A CE3 1 
ATOM   822  C  CZ2 . TRP A 1 111 ? -0.385  -2.655  -10.277 1.00 32.50  ? 106 TRP A CZ2 1 
ATOM   823  C  CZ3 . TRP A 1 111 ? -1.357  -4.779  -9.662  1.00 40.74  ? 106 TRP A CZ3 1 
ATOM   824  C  CH2 . TRP A 1 111 ? -0.409  -3.765  -9.477  1.00 36.59  ? 106 TRP A CH2 1 
ATOM   825  N  N   . LYS A 1 112 ? -5.914  -5.495  -15.386 1.00 31.50  ? 107 LYS A N   1 
ATOM   826  C  CA  . LYS A 1 112 ? -7.146  -6.205  -15.723 1.00 31.73  ? 107 LYS A CA  1 
ATOM   827  C  C   . LYS A 1 112 ? -6.930  -7.673  -16.079 1.00 35.27  ? 107 LYS A C   1 
ATOM   828  O  O   . LYS A 1 112 ? -7.749  -8.529  -15.745 1.00 42.18  ? 107 LYS A O   1 
ATOM   829  C  CB  . LYS A 1 112 ? -7.848  -5.512  -16.889 1.00 35.32  ? 107 LYS A CB  1 
ATOM   830  C  CG  . LYS A 1 112 ? -9.048  -4.679  -16.491 1.00 43.14  ? 107 LYS A CG  1 
ATOM   831  C  CD  . LYS A 1 112 ? -9.847  -4.279  -17.716 1.00 33.46  ? 107 LYS A CD  1 
ATOM   832  C  CE  . LYS A 1 112 ? -10.598 -2.983  -17.487 1.00 42.85  ? 107 LYS A CE  1 
ATOM   833  N  NZ  . LYS A 1 112 ? -11.188 -2.467  -18.753 1.00 39.83  ? 107 LYS A NZ  1 
ATOM   834  N  N   . GLU A 1 113 ? -5.831  -7.958  -16.768 1.00 28.20  ? 108 GLU A N   1 
ATOM   835  C  CA  . GLU A 1 113 ? -5.592  -9.298  -17.283 1.00 44.91  ? 108 GLU A CA  1 
ATOM   836  C  C   . GLU A 1 113 ? -4.552  -10.036 -16.463 1.00 40.35  ? 108 GLU A C   1 
ATOM   837  O  O   . GLU A 1 113 ? -4.118  -11.124 -16.829 1.00 47.08  ? 108 GLU A O   1 
ATOM   838  C  CB  . GLU A 1 113 ? -5.153  -9.239  -18.744 1.00 43.86  ? 108 GLU A CB  1 
ATOM   839  C  CG  . GLU A 1 113 ? -6.123  -9.906  -19.689 1.00 68.16  ? 108 GLU A CG  1 
ATOM   840  C  CD  . GLU A 1 113 ? -5.486  -10.272 -21.009 1.00 87.82  ? 108 GLU A CD  1 
ATOM   841  O  OE1 . GLU A 1 113 ? -4.340  -9.843  -21.258 1.00 87.40  ? 108 GLU A OE1 1 
ATOM   842  O  OE2 . GLU A 1 113 ? -6.134  -10.990 -21.798 1.00 103.80 ? 108 GLU A OE2 1 
ATOM   843  N  N   . ALA A 1 114 ? -4.149  -9.438  -15.353 1.00 49.40  ? 109 ALA A N   1 
ATOM   844  C  CA  . ALA A 1 114 ? -3.192  -10.078 -14.475 1.00 40.85  ? 109 ALA A CA  1 
ATOM   845  C  C   . ALA A 1 114 ? -3.895  -11.152 -13.643 1.00 43.62  ? 109 ALA A C   1 
ATOM   846  O  O   . ALA A 1 114 ? -4.960  -10.908 -13.071 1.00 45.95  ? 109 ALA A O   1 
ATOM   847  C  CB  . ALA A 1 114 ? -2.515  -9.045  -13.590 1.00 40.53  ? 109 ALA A CB  1 
ATOM   848  N  N   . LYS A 1 115 ? -3.343  -12.371 -13.773 1.00 39.02  ? 110 LYS A N   1 
ATOM   849  C  CA  . LYS A 1 115 ? -3.853  -13.546 -13.027 1.00 45.73  ? 110 LYS A CA  1 
ATOM   850  C  C   . LYS A 1 115 ? -3.278  -13.430 -11.619 1.00 38.21  ? 110 LYS A C   1 
ATOM   851  O  O   . LYS A 1 115 ? -2.243  -12.750 -11.458 1.00 42.96  ? 110 LYS A O   1 
ATOM   852  C  CB  . LYS A 1 115 ? -3.386  -14.783 -13.801 1.00 51.12  ? 110 LYS A CB  1 
ATOM   853  C  CG  . LYS A 1 115 ? -3.497  -16.139 -13.122 1.00 64.73  ? 110 LYS A CG  1 
ATOM   854  C  CD  . LYS A 1 115 ? -2.923  -17.247 -13.996 1.00 65.29  ? 110 LYS A CD  1 
ATOM   855  C  CE  . LYS A 1 115 ? -1.532  -16.927 -14.443 1.00 68.36  ? 110 LYS A CE  1 
ATOM   856  N  NZ  . LYS A 1 115 ? -0.948  -18.019 -15.226 1.00 68.98  ? 110 LYS A NZ  1 
ATOM   857  N  N   . PRO A 1 116 ? -3.886  -14.038 -10.586 1.00 40.72  ? 111 PRO A N   1 
ATOM   858  C  CA  . PRO A 1 116 ? -3.444  -13.778 -9.211  1.00 41.52  ? 111 PRO A CA  1 
ATOM   859  C  C   . PRO A 1 116 ? -1.991  -14.122 -8.872  1.00 45.87  ? 111 PRO A C   1 
ATOM   860  O  O   . PRO A 1 116 ? -1.373  -13.359 -8.134  1.00 46.61  ? 111 PRO A O   1 
ATOM   861  C  CB  . PRO A 1 116 ? -4.401  -14.636 -8.381  1.00 49.05  ? 111 PRO A CB  1 
ATOM   862  C  CG  . PRO A 1 116 ? -5.646  -14.665 -9.190  1.00 53.27  ? 111 PRO A CG  1 
ATOM   863  C  CD  . PRO A 1 116 ? -5.179  -14.745 -10.615 1.00 51.24  ? 111 PRO A CD  1 
ATOM   864  N  N   . GLU A 1 117 ? -1.438  -15.215 -9.377  1.00 41.40  ? 112 GLU A N   1 
ATOM   865  C  CA  . GLU A 1 117 ? -0.060  -15.529 -9.013  1.00 38.52  ? 112 GLU A CA  1 
ATOM   866  C  C   . GLU A 1 117 ? 0.914   -14.556 -9.690  1.00 46.45  ? 112 GLU A C   1 
ATOM   867  O  O   . GLU A 1 117 ? 2.070   -14.458 -9.289  1.00 47.35  ? 112 GLU A O   1 
ATOM   868  C  CB  . GLU A 1 117 ? 0.293   -16.980 -9.362  1.00 46.88  ? 112 GLU A CB  1 
ATOM   869  C  CG  . GLU A 1 117 ? 0.061   -17.342 -10.807 1.00 51.57  ? 112 GLU A CG  1 
ATOM   870  C  CD  . GLU A 1 117 ? -1.130  -18.256 -11.014 1.00 64.41  ? 112 GLU A CD  1 
ATOM   871  O  OE1 . GLU A 1 117 ? -1.071  -19.098 -11.947 1.00 61.95  ? 112 GLU A OE1 1 
ATOM   872  O  OE2 . GLU A 1 117 ? -2.110  -18.159 -10.258 1.00 66.11  ? 112 GLU A OE2 1 
ATOM   873  N  N   . ASP A 1 118 ? 0.445   -13.837 -10.709 1.00 40.30  ? 113 ASP A N   1 
ATOM   874  C  CA  . ASP A 1 118 ? 1.244   -12.771 -11.330 1.00 45.61  ? 113 ASP A CA  1 
ATOM   875  C  C   . ASP A 1 118 ? 1.451   -11.579 -10.390 1.00 32.07  ? 113 ASP A C   1 
ATOM   876  O  O   . ASP A 1 118 ? 2.340   -10.756 -10.610 1.00 39.95  ? 113 ASP A O   1 
ATOM   877  C  CB  . ASP A 1 118 ? 0.597   -12.277 -12.633 1.00 50.47  ? 113 ASP A CB  1 
ATOM   878  C  CG  . ASP A 1 118 ? 0.653   -13.305 -13.745 1.00 63.05  ? 113 ASP A CG  1 
ATOM   879  O  OD1 . ASP A 1 118 ? 0.935   -14.484 -13.451 1.00 65.12  ? 113 ASP A OD1 1 
ATOM   880  O  OD2 . ASP A 1 118 ? 0.420   -12.932 -14.915 1.00 74.19  ? 113 ASP A OD2 1 
ATOM   881  N  N   . LEU A 1 119 ? 0.624   -11.489 -9.352  1.00 29.06  ? 114 LEU A N   1 
ATOM   882  C  CA  . LEU A 1 119 ? 0.704   -10.392 -8.388  1.00 27.44  ? 114 LEU A CA  1 
ATOM   883  C  C   . LEU A 1 119 ? 1.527   -10.754 -7.156  1.00 27.87  ? 114 LEU A C   1 
ATOM   884  O  O   . LEU A 1 119 ? 1.457   -11.878 -6.661  1.00 29.22  ? 114 LEU A O   1 
ATOM   885  C  CB  . LEU A 1 119 ? -0.700  -9.961  -7.955  1.00 23.06  ? 114 LEU A CB  1 
ATOM   886  C  CG  . LEU A 1 119 ? -1.602  -9.477  -9.089  1.00 31.86  ? 114 LEU A CG  1 
ATOM   887  C  CD1 . LEU A 1 119 ? -2.972  -9.066  -8.561  1.00 37.64  ? 114 LEU A CD1 1 
ATOM   888  C  CD2 . LEU A 1 119 ? -0.933  -8.334  -9.844  1.00 27.26  ? 114 LEU A CD2 1 
ATOM   889  N  N   . MET A 1 120 ? 2.303   -9.793  -6.663  1.00 20.42  ? 115 MET A N   1 
ATOM   890  C  CA  . MET A 1 120 ? 3.086   -9.988  -5.445  1.00 19.63  ? 115 MET A CA  1 
ATOM   891  C  C   . MET A 1 120 ? 2.521   -9.150  -4.302  1.00 24.16  ? 115 MET A C   1 
ATOM   892  O  O   . MET A 1 120 ? 2.393   -7.935  -4.426  1.00 24.69  ? 115 MET A O   1 
ATOM   893  C  CB  . MET A 1 120 ? 4.554   -9.636  -5.687  1.00 22.03  ? 115 MET A CB  1 
ATOM   894  C  CG  . MET A 1 120 ? 5.269   -10.578 -6.644  1.00 26.99  ? 115 MET A CG  1 
ATOM   895  S  SD  . MET A 1 120 ? 6.789   -9.880  -7.316  1.00 28.96  ? 115 MET A SD  1 
ATOM   896  C  CE  . MET A 1 120 ? 6.142   -8.915  -8.679  1.00 19.74  ? 115 MET A CE  1 
ATOM   897  N  N   . ASP A 1 121 ? 2.188   -9.799  -3.189  1.00 23.82  ? 116 ASP A N   1 
ATOM   898  C  CA  . ASP A 1 121 ? 1.545   -9.108  -2.073  1.00 25.67  ? 116 ASP A CA  1 
ATOM   899  C  C   . ASP A 1 121 ? 2.459   -8.896  -0.873  1.00 27.78  ? 116 ASP A C   1 
ATOM   900  O  O   . ASP A 1 121 ? 3.256   -9.766  -0.522  1.00 31.67  ? 116 ASP A O   1 
ATOM   901  C  CB  . ASP A 1 121 ? 0.306   -9.876  -1.609  1.00 28.04  ? 116 ASP A CB  1 
ATOM   902  C  CG  . ASP A 1 121 ? -0.677  -10.121 -2.726  1.00 32.22  ? 116 ASP A CG  1 
ATOM   903  O  OD1 . ASP A 1 121 ? -0.516  -9.519  -3.809  1.00 37.35  ? 116 ASP A OD1 1 
ATOM   904  O  OD2 . ASP A 1 121 ? -1.618  -10.917 -2.524  1.00 32.92  ? 116 ASP A OD2 1 
ATOM   905  N  N   . SER A 1 122 ? 2.326   -7.733  -0.245  1.00 20.59  ? 117 SER A N   1 
ATOM   906  C  CA  . SER A 1 122 ? 2.934   -7.497  1.062   1.00 22.96  ? 117 SER A CA  1 
ATOM   907  C  C   . SER A 1 122 ? 1.936   -6.810  1.984   1.00 21.88  ? 117 SER A C   1 
ATOM   908  O  O   . SER A 1 122 ? 1.403   -5.760  1.648   1.00 23.06  ? 117 SER A O   1 
ATOM   909  C  CB  . SER A 1 122 ? 4.202   -6.656  0.936   1.00 20.93  ? 117 SER A CB  1 
ATOM   910  O  OG  . SER A 1 122 ? 5.111   -7.242  0.024   1.00 27.25  ? 117 SER A OG  1 
ATOM   911  N  N   . LYS A 1 123 ? 1.682   -7.398  3.145   1.00 22.53  ? 118 LYS A N   1 
ATOM   912  C  CA  . LYS A 1 123 ? 0.680   -6.848  4.050   1.00 23.90  ? 118 LYS A CA  1 
ATOM   913  C  C   . LYS A 1 123 ? 1.298   -6.083  5.216   1.00 23.58  ? 118 LYS A C   1 
ATOM   914  O  O   . LYS A 1 123 ? 2.345   -6.461  5.739   1.00 25.53  ? 118 LYS A O   1 
ATOM   915  C  CB  . LYS A 1 123 ? -0.223  -7.964  4.580   1.00 23.65  ? 118 LYS A CB  1 
ATOM   916  C  CG  . LYS A 1 123 ? -1.066  -8.632  3.506   1.00 23.18  ? 118 LYS A CG  1 
ATOM   917  C  CD  . LYS A 1 123 ? -1.797  -9.846  4.051   1.00 30.72  ? 118 LYS A CD  1 
ATOM   918  C  CE  . LYS A 1 123 ? -2.879  -10.313 3.092   1.00 34.83  ? 118 LYS A CE  1 
ATOM   919  N  NZ  . LYS A 1 123 ? -2.347  -10.523 1.716   1.00 44.37  ? 118 LYS A NZ  1 
ATOM   920  N  N   . LEU A 1 124 ? 0.637   -5.000  5.608   1.00 22.96  ? 119 LEU A N   1 
ATOM   921  C  CA  . LEU A 1 124 ? 1.036   -4.227  6.778   1.00 22.89  ? 119 LEU A CA  1 
ATOM   922  C  C   . LEU A 1 124 ? -0.166  -4.033  7.691   1.00 21.83  ? 119 LEU A C   1 
ATOM   923  O  O   . LEU A 1 124 ? -1.303  -4.005  7.227   1.00 21.46  ? 119 LEU A O   1 
ATOM   924  C  CB  . LEU A 1 124 ? 1.614   -2.868  6.371   1.00 20.13  ? 119 LEU A CB  1 
ATOM   925  C  CG  . LEU A 1 124 ? 2.727   -2.831  5.321   1.00 25.15  ? 119 LEU A CG  1 
ATOM   926  C  CD1 . LEU A 1 124 ? 2.168   -2.424  3.967   1.00 26.33  ? 119 LEU A CD1 1 
ATOM   927  C  CD2 . LEU A 1 124 ? 3.840   -1.886  5.748   1.00 27.48  ? 119 LEU A CD2 1 
ATOM   928  N  N   . ARG A 1 125 ? 0.079   -3.902  8.991   1.00 27.49  ? 120 ARG A N   1 
ATOM   929  C  CA  . ARG A 1 125 ? -1.006  -3.640  9.928   1.00 28.19  ? 120 ARG A CA  1 
ATOM   930  C  C   . ARG A 1 125 ? -0.889  -2.226  10.485  1.00 26.28  ? 120 ARG A C   1 
ATOM   931  O  O   . ARG A 1 125 ? 0.211   -1.737  10.741  1.00 40.36  ? 120 ARG A O   1 
ATOM   932  C  CB  . ARG A 1 125 ? -1.011  -4.669  11.061  1.00 30.43  ? 120 ARG A CB  1 
ATOM   933  C  CG  . ARG A 1 125 ? 0.247   -4.683  11.907  1.00 41.50  ? 120 ARG A CG  1 
ATOM   934  C  CD  . ARG A 1 125 ? 0.221   -5.817  12.917  1.00 63.15  ? 120 ARG A CD  1 
ATOM   935  N  NE  . ARG A 1 125 ? 1.394   -5.791  13.785  1.00 77.28  ? 120 ARG A NE  1 
ATOM   936  C  CZ  . ARG A 1 125 ? 2.588   -6.260  13.440  1.00 66.72  ? 120 ARG A CZ  1 
ATOM   937  N  NH1 . ARG A 1 125 ? 2.776   -6.794  12.240  1.00 41.60  ? 120 ARG A NH1 1 
ATOM   938  N  NH2 . ARG A 1 125 ? 3.598   -6.193  14.295  1.00 96.07  ? 120 ARG A NH2 1 
ATOM   939  N  N   . CYS A 1 126 ? -2.031  -1.568  10.660  1.00 26.04  ? 121 CYS A N   1 
ATOM   940  C  CA  . CYS A 1 126 ? -2.052  -0.199  11.155  1.00 38.68  ? 121 CYS A CA  1 
ATOM   941  C  C   . CYS A 1 126 ? -2.139  -0.157  12.675  1.00 33.55  ? 121 CYS A C   1 
ATOM   942  O  O   . CYS A 1 126 ? -2.946  -0.860  13.280  1.00 34.97  ? 121 CYS A O   1 
ATOM   943  C  CB  . CYS A 1 126 ? -3.222  0.574   10.546  1.00 28.45  ? 121 CYS A CB  1 
ATOM   944  S  SG  . CYS A 1 126 ? -3.113  0.784   8.761   1.00 32.18  ? 121 CYS A SG  1 
ATOM   945  N  N   . VAL A 1 127 ? -1.300  0.673   13.283  1.00 34.41  ? 122 VAL A N   1 
ATOM   946  C  CA  . VAL A 1 127 ? -1.288  0.826   14.732  1.00 30.31  ? 122 VAL A CA  1 
ATOM   947  C  C   . VAL A 1 127 ? -1.613  2.260   15.129  1.00 38.45  ? 122 VAL A C   1 
ATOM   948  O  O   . VAL A 1 127 ? -1.011  3.205   14.620  1.00 37.38  ? 122 VAL A O   1 
ATOM   949  C  CB  . VAL A 1 127 ? 0.075   0.427   15.329  1.00 37.37  ? 122 VAL A CB  1 
ATOM   950  C  CG1 . VAL A 1 127 ? 0.158   0.830   16.794  1.00 47.81  ? 122 VAL A CG1 1 
ATOM   951  C  CG2 . VAL A 1 127 ? 0.304   -1.065  15.168  1.00 42.79  ? 122 VAL A CG2 1 
ATOM   952  N  N   . PHE A 1 128 ? -2.572  2.417   16.035  1.00 36.98  ? 123 PHE A N   1 
ATOM   953  C  CA  . PHE A 1 128 ? -2.944  3.734   16.531  1.00 37.86  ? 123 PHE A CA  1 
ATOM   954  C  C   . PHE A 1 128 ? -2.421  3.955   17.943  1.00 40.48  ? 123 PHE A C   1 
ATOM   955  O  O   . PHE A 1 128 ? -2.558  3.097   18.814  1.00 44.99  ? 123 PHE A O   1 
ATOM   956  C  CB  . PHE A 1 128 ? -4.461  3.918   16.492  1.00 41.17  ? 123 PHE A CB  1 
ATOM   957  C  CG  . PHE A 1 128 ? -5.034  3.925   15.105  1.00 44.85  ? 123 PHE A CG  1 
ATOM   958  C  CD1 . PHE A 1 128 ? -4.259  4.315   14.024  1.00 48.16  ? 123 PHE A CD1 1 
ATOM   959  C  CD2 . PHE A 1 128 ? -6.348  3.553   14.880  1.00 54.79  ? 123 PHE A CD2 1 
ATOM   960  C  CE1 . PHE A 1 128 ? -4.782  4.326   12.747  1.00 36.65  ? 123 PHE A CE1 1 
ATOM   961  C  CE2 . PHE A 1 128 ? -6.877  3.563   13.603  1.00 50.39  ? 123 PHE A CE2 1 
ATOM   962  C  CZ  . PHE A 1 128 ? -6.092  3.950   12.536  1.00 34.17  ? 123 PHE A CZ  1 
ATOM   963  N  N   . GLU A 1 129 ? -1.815  5.116   18.156  1.00 47.32  ? 124 GLU A N   1 
ATOM   964  C  CA  . GLU A 1 129 ? -1.277  5.482   19.457  1.00 50.27  ? 124 GLU A CA  1 
ATOM   965  C  C   . GLU A 1 129 ? -1.777  6.868   19.831  1.00 53.86  ? 124 GLU A C   1 
ATOM   966  O  O   . GLU A 1 129 ? -2.115  7.662   18.952  1.00 56.44  ? 124 GLU A O   1 
ATOM   967  C  CB  . GLU A 1 129 ? 0.252   5.452   19.434  1.00 58.09  ? 124 GLU A CB  1 
ATOM   968  C  CG  . GLU A 1 129 ? 0.892   4.604   20.524  1.00 70.44  ? 124 GLU A CG  1 
ATOM   969  C  CD  . GLU A 1 129 ? 2.245   4.063   20.106  1.00 68.11  ? 124 GLU A CD  1 
ATOM   970  O  OE1 . GLU A 1 129 ? 3.023   4.827   19.498  1.00 73.16  ? 124 GLU A OE1 1 
ATOM   971  O  OE2 . GLU A 1 129 ? 2.532   2.879   20.388  1.00 70.99  ? 124 GLU A OE2 1 
ATOM   972  N  N   . LEU A 1 130 ? -1.833  7.147   21.132  1.00 65.59  ? 125 LEU A N   1 
ATOM   973  C  CA  . LEU A 1 130 ? -2.196  8.470   21.632  1.00 59.66  ? 125 LEU A CA  1 
ATOM   974  C  C   . LEU A 1 130 ? -3.580  8.880   21.129  1.00 51.90  ? 125 LEU A C   1 
ATOM   975  O  O   . LEU A 1 130 ? -4.548  8.912   21.889  1.00 50.45  ? 125 LEU A O   1 
ATOM   976  C  CB  . LEU A 1 130 ? -1.132  9.496   21.216  1.00 61.69  ? 125 LEU A CB  1 
ATOM   977  C  CG  . LEU A 1 130 ? -0.989  10.872  21.878  1.00 56.30  ? 125 LEU A CG  1 
ATOM   978  C  CD1 . LEU A 1 130 ? 0.310   11.515  21.411  1.00 45.93  ? 125 LEU A CD1 1 
ATOM   979  C  CD2 . LEU A 1 130 ? -2.158  11.796  21.578  1.00 49.20  ? 125 LEU A CD2 1 
ATOM   980  N  N   . GLU B 2 2   ? -12.003 -13.451 4.082   1.00 65.27  ? 347 GLU B N   1 
ATOM   981  C  CA  . GLU B 2 2   ? -12.152 -13.016 5.466   1.00 83.21  ? 347 GLU B CA  1 
ATOM   982  C  C   . GLU B 2 2   ? -12.175 -11.491 5.540   1.00 80.99  ? 347 GLU B C   1 
ATOM   983  O  O   . GLU B 2 2   ? -13.238 -10.875 5.474   1.00 79.57  ? 347 GLU B O   1 
ATOM   984  C  CB  . GLU B 2 2   ? -11.023 -13.584 6.329   1.00 83.79  ? 347 GLU B CB  1 
ATOM   985  C  CG  . GLU B 2 2   ? -11.103 -13.208 7.799   1.00 76.86  ? 347 GLU B CG  1 
ATOM   986  C  CD  . GLU B 2 2   ? -9.759  -12.803 8.368   1.00 84.89  ? 347 GLU B CD  1 
ATOM   987  O  OE1 . GLU B 2 2   ? -8.803  -12.640 7.581   1.00 86.79  ? 347 GLU B OE1 1 
ATOM   988  O  OE2 . GLU B 2 2   ? -9.660  -12.644 9.603   1.00 89.71  ? 347 GLU B OE2 1 
ATOM   989  N  N   . GLU B 2 3   ? -10.999 -10.887 5.677   1.00 70.71  ? 348 GLU B N   1 
ATOM   990  C  CA  . GLU B 2 3   ? -10.875 -9.436  5.648   1.00 65.98  ? 348 GLU B CA  1 
ATOM   991  C  C   . GLU B 2 3   ? -10.487 -9.001  4.243   1.00 45.96  ? 348 GLU B C   1 
ATOM   992  O  O   . GLU B 2 3   ? -9.310  -9.009  3.881   1.00 47.72  ? 348 GLU B O   1 
ATOM   993  C  CB  . GLU B 2 3   ? -9.843  -8.952  6.668   1.00 30.00  ? 348 GLU B CB  1 
ATOM   994  C  CG  . GLU B 2 3   ? -10.229 -9.214  8.116   1.00 30.00  ? 348 GLU B CG  1 
ATOM   995  C  CD  . GLU B 2 3   ? -11.553 -8.574  8.489   1.00 30.00  ? 348 GLU B CD  1 
ATOM   996  O  OE1 . GLU B 2 3   ? -11.806 -7.431  8.053   1.00 30.00  ? 348 GLU B OE1 1 
ATOM   997  O  OE2 . GLU B 2 3   ? -12.337 -9.211  9.221   1.00 30.00  ? 348 GLU B OE2 1 
ATOM   998  N  N   . GLU B 2 4   ? -11.487 -8.632  3.451   1.00 37.56  ? 349 GLU B N   1 
ATOM   999  C  CA  . GLU B 2 4   ? -11.272 -8.323  2.044   1.00 40.21  ? 349 GLU B CA  1 
ATOM   1000 C  C   . GLU B 2 4   ? -10.535 -7.000  1.859   1.00 43.20  ? 349 GLU B C   1 
ATOM   1001 O  O   . GLU B 2 4   ? -10.768 -6.036  2.588   1.00 31.93  ? 349 GLU B O   1 
ATOM   1002 C  CB  . GLU B 2 4   ? -12.606 -8.290  1.297   1.00 42.28  ? 349 GLU B CB  1 
ATOM   1003 C  CG  . GLU B 2 4   ? -12.565 -8.979  -0.055  1.00 40.09  ? 349 GLU B CG  1 
ATOM   1004 C  CD  . GLU B 2 4   ? -12.306 -10.470 0.062   1.00 50.07  ? 349 GLU B CD  1 
ATOM   1005 O  OE1 . GLU B 2 4   ? -12.918 -11.116 0.939   1.00 56.20  ? 349 GLU B OE1 1 
ATOM   1006 O  OE2 . GLU B 2 4   ? -11.481 -10.993 -0.715  1.00 38.45  ? 349 GLU B OE2 1 
ATOM   1007 N  N   . PHE B 2 5   ? -9.640  -6.967  0.877   1.00 34.12  ? 350 PHE B N   1 
ATOM   1008 C  CA  . PHE B 2 5   ? -8.892  -5.758  0.557   1.00 24.89  ? 350 PHE B CA  1 
ATOM   1009 C  C   . PHE B 2 5   ? -9.495  -5.044  -0.650  1.00 24.51  ? 350 PHE B C   1 
ATOM   1010 O  O   . PHE B 2 5   ? -9.856  -5.678  -1.641  1.00 34.88  ? 350 PHE B O   1 
ATOM   1011 C  CB  . PHE B 2 5   ? -7.422  -6.089  0.291   1.00 21.81  ? 350 PHE B CB  1 
ATOM   1012 C  CG  . PHE B 2 5   ? -6.633  -6.399  1.532   1.00 21.73  ? 350 PHE B CG  1 
ATOM   1013 C  CD1 . PHE B 2 5   ? -6.662  -7.666  2.092   1.00 29.02  ? 350 PHE B CD1 1 
ATOM   1014 C  CD2 . PHE B 2 5   ? -5.860  -5.422  2.137   1.00 24.13  ? 350 PHE B CD2 1 
ATOM   1015 C  CE1 . PHE B 2 5   ? -5.935  -7.951  3.233   1.00 27.91  ? 350 PHE B CE1 1 
ATOM   1016 C  CE2 . PHE B 2 5   ? -5.131  -5.702  3.278   1.00 23.40  ? 350 PHE B CE2 1 
ATOM   1017 C  CZ  . PHE B 2 5   ? -5.169  -6.968  3.827   1.00 28.60  ? 350 PHE B CZ  1 
ATOM   1018 N  N   . PHE B 2 6   ? -9.604  -3.723  -0.557  1.00 21.53  ? 351 PHE B N   1 
ATOM   1019 C  CA  . PHE B 2 6   ? -10.103 -2.915  -1.662  1.00 19.76  ? 351 PHE B CA  1 
ATOM   1020 C  C   . PHE B 2 6   ? -9.022  -1.959  -2.138  1.00 20.83  ? 351 PHE B C   1 
ATOM   1021 O  O   . PHE B 2 6   ? -8.151  -1.575  -1.359  1.00 22.75  ? 351 PHE B O   1 
ATOM   1022 C  CB  . PHE B 2 6   ? -11.342 -2.124  -1.245  1.00 22.36  ? 351 PHE B CB  1 
ATOM   1023 C  CG  . PHE B 2 6   ? -12.404 -2.956  -0.592  1.00 27.38  ? 351 PHE B CG  1 
ATOM   1024 C  CD1 . PHE B 2 6   ? -13.331 -3.642  -1.357  1.00 28.93  ? 351 PHE B CD1 1 
ATOM   1025 C  CD2 . PHE B 2 6   ? -12.481 -3.045  0.787   1.00 25.46  ? 351 PHE B CD2 1 
ATOM   1026 C  CE1 . PHE B 2 6   ? -14.312 -4.408  -0.758  1.00 28.54  ? 351 PHE B CE1 1 
ATOM   1027 C  CE2 . PHE B 2 6   ? -13.459 -3.809  1.392   1.00 31.30  ? 351 PHE B CE2 1 
ATOM   1028 C  CZ  . PHE B 2 6   ? -14.375 -4.491  0.618   1.00 28.27  ? 351 PHE B CZ  1 
ATOM   1029 N  N   . ASP B 2 7   ? -9.081  -1.576  -3.409  1.00 20.10  ? 352 ASP B N   1 
ATOM   1030 C  CA  . ASP B 2 7   ? -8.168  -0.570  -3.942  1.00 22.02  ? 352 ASP B CA  1 
ATOM   1031 C  C   . ASP B 2 7   ? -8.273  0.713   -3.126  1.00 22.33  ? 352 ASP B C   1 
ATOM   1032 O  O   . ASP B 2 7   ? -9.372  1.210   -2.878  1.00 26.62  ? 352 ASP B O   1 
ATOM   1033 C  CB  . ASP B 2 7   ? -8.466  -0.285  -5.417  1.00 23.50  ? 352 ASP B CB  1 
ATOM   1034 C  CG  . ASP B 2 7   ? -8.109  -1.448  -6.322  1.00 31.97  ? 352 ASP B CG  1 
ATOM   1035 O  OD1 . ASP B 2 7   ? -7.372  -2.350  -5.872  1.00 35.85  ? 352 ASP B OD1 1 
ATOM   1036 O  OD2 . ASP B 2 7   ? -8.562  -1.456  -7.486  1.00 37.18  ? 352 ASP B OD2 1 
ATOM   1037 N  N   . ALA B 2 8   ? -7.129  1.234   -2.698  1.00 16.42  ? 353 ALA B N   1 
ATOM   1038 C  CA  . ALA B 2 8   ? -7.100  2.440   -1.879  1.00 19.93  ? 353 ALA B CA  1 
ATOM   1039 C  C   . ALA B 2 8   ? -7.575  3.652   -2.671  1.00 18.48  ? 353 ALA B C   1 
ATOM   1040 O  O   . ALA B 2 8   ? -7.351  3.744   -3.879  1.00 17.64  ? 353 ALA B O   1 
ATOM   1041 C  CB  . ALA B 2 8   ? -5.702  2.678   -1.337  1.00 20.44  ? 353 ALA B CB  1 
ATOM   1042 N  N   . HIS B 2 9   ? -8.234  4.578   -1.983  1.00 17.51  ? 354 HIS B N   1 
ATOM   1043 C  CA  . HIS B 2 9   ? -8.764  5.776   -2.622  1.00 23.33  ? 354 HIS B CA  1 
ATOM   1044 C  C   . HIS B 2 9   ? -7.783  6.940   -2.515  1.00 25.76  ? 354 HIS B C   1 
ATOM   1045 O  O   . HIS B 2 9   ? -6.992  7.014   -1.575  1.00 24.94  ? 354 HIS B O   1 
ATOM   1046 C  CB  . HIS B 2 9   ? -10.109 6.166   -2.001  1.00 23.89  ? 354 HIS B CB  1 
ATOM   1047 C  CG  . HIS B 2 9   ? -11.179 5.130   -2.165  1.00 23.19  ? 354 HIS B CG  1 
ATOM   1048 N  ND1 . HIS B 2 9   ? -12.476 5.328   -1.749  1.00 23.84  ? 354 HIS B ND1 1 
ATOM   1049 C  CD2 . HIS B 2 9   ? -11.142 3.886   -2.703  1.00 26.43  ? 354 HIS B CD2 1 
ATOM   1050 C  CE1 . HIS B 2 9   ? -13.194 4.253   -2.019  1.00 28.43  ? 354 HIS B CE1 1 
ATOM   1051 N  NE2 . HIS B 2 9   ? -12.410 3.364   -2.598  1.00 29.35  ? 354 HIS B NE2 1 
ATOM   1052 N  N   . GLU B 2 10  ? -7.836  7.844   -3.489  1.00 29.31  ? 355 GLU B N   1 
ATOM   1053 C  CA  . GLU B 2 10  ? -6.989  9.032   -3.483  1.00 24.74  ? 355 GLU B CA  1 
ATOM   1054 C  C   . GLU B 2 10  ? -7.749  10.240  -2.943  1.00 36.93  ? 355 GLU B C   1 
ATOM   1055 O  O   . GLU B 2 10  ? -7.445  10.750  -1.863  1.00 32.92  ? 355 GLU B O   1 
ATOM   1056 C  CB  . GLU B 2 10  ? -6.461  9.325   -4.890  1.00 21.97  ? 355 GLU B CB  1 
ATOM   1057 C  CG  . GLU B 2 10  ? -5.201  8.554   -5.252  1.00 42.38  ? 355 GLU B CG  1 
ATOM   1058 C  CD  . GLU B 2 10  ? -4.600  8.995   -6.574  1.00 47.85  ? 355 GLU B CD  1 
ATOM   1059 O  OE1 . GLU B 2 10  ? -5.280  9.723   -7.328  1.00 44.33  ? 355 GLU B OE1 1 
ATOM   1060 O  OE2 . GLU B 2 10  ? -3.446  8.611   -6.858  1.00 46.66  ? 355 GLU B OE2 1 
HETATM 1061 ZN ZN  . ZN  C 3 .   ? -7.851  12.299  -0.681  1.00 28.80  ? 201 ZN  A ZN  1 
HETATM 1062 ZN ZN  . ZN  D 3 .   ? -7.468  13.119  1.442   1.00 35.88  ? 202 ZN  A ZN  1 
HETATM 1063 ZN ZN  . ZN  E 3 .   ? -13.441 1.725   -3.215  1.00 29.51  ? 401 ZN  B ZN  1 
HETATM 1064 O  O   . HOH F 4 .   ? 4.336   -8.284  -16.063 1.00 27.36  ? 301 HOH A O   1 
HETATM 1065 O  O   . HOH F 4 .   ? 3.312   -14.138 -7.313  1.00 39.15  ? 302 HOH A O   1 
HETATM 1066 O  O   . HOH F 4 .   ? -9.697  8.215   9.184   1.00 24.92  ? 303 HOH A O   1 
HETATM 1067 O  O   . HOH F 4 .   ? 9.308   5.251   5.051   1.00 37.55  ? 304 HOH A O   1 
HETATM 1068 O  O   . HOH F 4 .   ? -0.156  0.487   -12.481 1.00 34.60  ? 305 HOH A O   1 
HETATM 1069 O  O   . HOH F 4 .   ? -0.620  -24.537 -6.557  1.00 37.07  ? 306 HOH A O   1 
HETATM 1070 O  O   . HOH F 4 .   ? 15.069  -8.315  -12.694 1.00 21.86  ? 307 HOH A O   1 
HETATM 1071 O  O   . HOH F 4 .   ? -8.069  18.222  19.473  1.00 38.55  ? 308 HOH A O   1 
HETATM 1072 O  O   . HOH F 4 .   ? 3.529   10.759  -1.320  1.00 36.40  ? 309 HOH A O   1 
HETATM 1073 O  O   . HOH F 4 .   ? -4.119  -11.890 -5.684  1.00 45.40  ? 310 HOH A O   1 
HETATM 1074 O  O   . HOH F 4 .   ? 13.906  -7.570  -5.034  1.00 36.19  ? 311 HOH A O   1 
HETATM 1075 O  O   . HOH F 4 .   ? 10.488  -9.090  7.709   1.00 39.54  ? 312 HOH A O   1 
HETATM 1076 O  O   . HOH F 4 .   ? 3.557   -18.521 -9.328  1.00 37.00  ? 313 HOH A O   1 
HETATM 1077 O  O   . HOH F 4 .   ? -0.581  15.173  7.817   1.00 28.39  ? 314 HOH A O   1 
HETATM 1078 O  O   . HOH F 4 .   ? 5.976   8.494   8.282   1.00 25.56  ? 315 HOH A O   1 
HETATM 1079 O  O   . HOH F 4 .   ? 8.256   -10.569 -17.089 1.00 32.87  ? 316 HOH A O   1 
HETATM 1080 O  O   . HOH F 4 .   ? 9.996   5.840   -10.520 1.00 29.98  ? 317 HOH A O   1 
HETATM 1081 O  O   . HOH F 4 .   ? 15.611  -8.071  -16.287 1.00 13.45  ? 318 HOH A O   1 
HETATM 1082 O  O   . HOH F 4 .   ? -14.681 11.720  21.315  1.00 42.02  ? 319 HOH A O   1 
HETATM 1083 O  O   . HOH F 4 .   ? 1.253   -0.990  -15.248 1.00 35.94  ? 320 HOH A O   1 
HETATM 1084 O  O   . HOH F 4 .   ? 11.772  0.715   0.551   1.00 22.87  ? 321 HOH A O   1 
HETATM 1085 O  O   . HOH F 4 .   ? 11.099  -4.843  2.485   1.00 33.49  ? 322 HOH A O   1 
HETATM 1086 O  O   . HOH F 4 .   ? 10.223  -1.696  -22.795 1.00 32.00  ? 323 HOH A O   1 
HETATM 1087 O  O   . HOH F 4 .   ? 1.389   13.168  10.362  1.00 42.16  ? 324 HOH A O   1 
HETATM 1088 O  O   . HOH F 4 .   ? 9.995   -6.638  0.691   1.00 30.17  ? 325 HOH A O   1 
HETATM 1089 O  O   . HOH F 4 .   ? 5.720   -11.523 -0.934  1.00 38.94  ? 326 HOH A O   1 
HETATM 1090 O  O   . HOH F 4 .   ? 6.546   -8.790  -18.162 1.00 32.98  ? 327 HOH A O   1 
HETATM 1091 O  O   . HOH F 4 .   ? -10.758 0.224   -17.839 1.00 35.82  ? 328 HOH A O   1 
HETATM 1092 O  O   . HOH F 4 .   ? 7.421   -2.792  10.430  1.00 34.43  ? 329 HOH A O   1 
HETATM 1093 O  O   . HOH F 4 .   ? 15.582  -1.689  -2.299  1.00 35.25  ? 330 HOH A O   1 
HETATM 1094 O  O   . HOH F 4 .   ? -8.828  18.969  10.563  1.00 34.99  ? 331 HOH A O   1 
HETATM 1095 O  O   . HOH F 4 .   ? 3.415   -12.377 -2.625  1.00 25.32  ? 332 HOH A O   1 
HETATM 1096 O  O   . HOH F 4 .   ? -2.799  -24.721 -6.011  1.00 30.79  ? 333 HOH A O   1 
HETATM 1097 O  O   . HOH F 4 .   ? 7.700   -0.975  -19.454 1.00 42.87  ? 334 HOH A O   1 
HETATM 1098 O  O   . HOH F 4 .   ? -6.573  11.964  11.854  1.00 33.08  ? 335 HOH A O   1 
HETATM 1099 O  O   . HOH F 4 .   ? 4.747   10.479  3.419   1.00 42.68  ? 336 HOH A O   1 
HETATM 1100 O  O   . HOH F 4 .   ? 3.586   6.305   -11.586 1.00 33.89  ? 337 HOH A O   1 
HETATM 1101 O  O   . HOH F 4 .   ? -13.738 1.617   13.721  1.00 24.03  ? 338 HOH A O   1 
HETATM 1102 O  O   . HOH F 4 .   ? 9.110   -16.890 -4.071  1.00 38.43  ? 339 HOH A O   1 
HETATM 1103 O  O   . HOH F 4 .   ? 4.767   -9.896  -12.479 1.00 42.80  ? 340 HOH A O   1 
HETATM 1104 O  O   . HOH F 4 .   ? 5.318   8.317   10.842  1.00 34.75  ? 341 HOH A O   1 
HETATM 1105 O  O   . HOH F 4 .   ? -13.897 1.879   4.617   1.00 25.08  ? 342 HOH A O   1 
HETATM 1106 O  O   . HOH F 4 .   ? -5.530  1.637   -5.582  1.00 26.33  ? 343 HOH A O   1 
HETATM 1107 O  O   . HOH F 4 .   ? -7.802  12.503  18.945  1.00 30.05  ? 344 HOH A O   1 
HETATM 1108 O  O   . HOH F 4 .   ? 2.723   -10.366 3.725   1.00 36.06  ? 345 HOH A O   1 
HETATM 1109 O  O   . HOH F 4 .   ? 11.989  7.826   -11.211 1.00 36.25  ? 346 HOH A O   1 
HETATM 1110 O  O   . HOH F 4 .   ? 15.700  -14.711 -2.498  1.00 27.13  ? 347 HOH A O   1 
HETATM 1111 O  O   . HOH F 4 .   ? 12.982  -7.782  -12.058 1.00 29.27  ? 348 HOH A O   1 
HETATM 1112 O  O   . HOH F 4 .   ? 8.435   -9.973  5.628   1.00 50.78  ? 349 HOH A O   1 
HETATM 1113 O  O   . HOH F 4 .   ? -6.126  1.908   -8.345  1.00 34.14  ? 350 HOH A O   1 
HETATM 1114 O  O   . HOH F 4 .   ? -15.161 4.196   14.840  1.00 16.20  ? 351 HOH A O   1 
HETATM 1115 O  O   . HOH F 4 .   ? 2.606   -14.027 -0.455  1.00 40.65  ? 352 HOH A O   1 
HETATM 1116 O  O   . HOH F 4 .   ? -6.591  -7.953  -9.617  1.00 52.35  ? 353 HOH A O   1 
HETATM 1117 O  O   . HOH F 4 .   ? -16.713 7.352   14.223  1.00 23.33  ? 354 HOH A O   1 
HETATM 1118 O  O   . HOH G 4 .   ? -11.414 -2.137  -4.709  1.00 40.73  ? 501 HOH B O   1 
HETATM 1119 O  O   . HOH G 4 .   ? -9.190  -9.317  -0.494  1.00 33.37  ? 502 HOH B O   1 
HETATM 1120 O  O   . HOH G 4 .   ? -8.080  4.783   0.788   1.00 24.83  ? 503 HOH B O   1 
HETATM 1121 O  O   . HOH G 4 .   ? -8.688  0.712   -9.272  1.00 39.95  ? 504 HOH B O   1 
HETATM 1122 O  O   . HOH G 4 .   ? -12.202 -13.825 10.787  1.00 54.75  ? 505 HOH B O   1 
HETATM 1123 O  O   . HOH G 4 .   ? -4.499  10.168  -10.240 1.00 35.97  ? 506 HOH B O   1 
HETATM 1124 O  O   . HOH G 4 .   ? -9.322  13.164  -1.888  1.00 27.64  ? 507 HOH B O   1 
# 
